data_2K9K
#
_entry.id   2K9K
#
_entity_poly.entity_id   1
_entity_poly.type   'polypeptide(L)'
_entity_poly.pdbx_seq_one_letter_code
;DHPFTSAPTFGDFGSNQQAMPLYRVEPVYPSRALKRGVEGFVTLSFTIDTTGKAVDINVVDANPKRMFEREAMQALKKWK
YQPQIVDGKAIEQPGQTVTVEFKIAK
;
_entity_poly.pdbx_strand_id   A
#
# COMPACT_ATOMS: atom_id res chain seq x y z
N ASP A 1 6.79 -25.33 -2.76
CA ASP A 1 5.60 -25.26 -3.60
C ASP A 1 5.97 -25.29 -5.08
N HIS A 2 5.15 -25.94 -5.89
CA HIS A 2 5.38 -26.04 -7.32
C HIS A 2 4.23 -25.44 -8.11
N PRO A 3 4.10 -24.11 -8.05
CA PRO A 3 3.05 -23.38 -8.75
C PRO A 3 3.24 -23.38 -10.27
N PHE A 4 2.40 -22.64 -10.98
CA PHE A 4 2.49 -22.55 -12.42
C PHE A 4 3.80 -21.92 -12.85
N THR A 5 4.26 -22.28 -14.05
CA THR A 5 5.51 -21.74 -14.59
C THR A 5 5.45 -20.22 -14.73
N SER A 6 6.26 -19.53 -13.95
CA SER A 6 6.30 -18.07 -13.99
C SER A 6 7.48 -17.53 -13.19
N ALA A 7 7.78 -16.26 -13.37
CA ALA A 7 8.88 -15.62 -12.67
C ALA A 7 8.58 -14.15 -12.38
N PRO A 8 9.31 -13.57 -11.41
CA PRO A 8 9.13 -12.17 -11.01
C PRO A 8 9.61 -11.20 -12.09
N THR A 9 9.27 -9.93 -11.92
CA THR A 9 9.68 -8.90 -12.88
C THR A 9 10.81 -8.05 -12.33
N PHE A 10 10.49 -7.20 -11.36
CA PHE A 10 11.48 -6.33 -10.74
C PHE A 10 11.53 -6.54 -9.23
N GLY A 11 12.39 -5.78 -8.56
CA GLY A 11 12.52 -5.90 -7.12
C GLY A 11 11.76 -4.81 -6.38
N ASP A 12 11.15 -5.17 -5.26
CA ASP A 12 10.39 -4.22 -4.46
C ASP A 12 10.77 -4.32 -2.99
N PHE A 13 10.47 -3.27 -2.23
CA PHE A 13 10.77 -3.24 -0.80
C PHE A 13 9.98 -2.15 -0.09
N GLY A 14 9.74 -2.35 1.19
CA GLY A 14 8.99 -1.38 1.97
C GLY A 14 9.58 -1.15 3.35
N SER A 15 10.41 -0.11 3.47
CA SER A 15 11.05 0.20 4.74
C SER A 15 10.08 0.95 5.66
N ASN A 16 9.32 1.87 5.09
CA ASN A 16 8.37 2.66 5.86
C ASN A 16 7.41 1.74 6.63
N GLN A 17 6.99 2.20 7.81
CA GLN A 17 6.07 1.41 8.64
C GLN A 17 4.62 1.74 8.31
N GLN A 18 4.00 0.89 7.52
CA GLN A 18 2.60 1.10 7.13
C GLN A 18 1.76 -0.15 7.43
N ALA A 19 0.45 -0.02 7.28
CA ALA A 19 -0.46 -1.14 7.54
C ALA A 19 -0.73 -1.92 6.26
N MET A 20 -0.17 -3.12 6.18
CA MET A 20 -0.36 -3.98 5.02
C MET A 20 -1.24 -5.18 5.36
N PRO A 21 -2.20 -5.48 4.47
CA PRO A 21 -3.13 -6.59 4.65
C PRO A 21 -2.44 -7.95 4.50
N LEU A 22 -3.23 -9.01 4.36
CA LEU A 22 -2.70 -10.35 4.20
C LEU A 22 -2.91 -10.87 2.79
N TYR A 23 -3.54 -10.05 1.95
CA TYR A 23 -3.82 -10.42 0.57
C TYR A 23 -3.12 -9.48 -0.40
N ARG A 24 -2.81 -8.27 0.08
CA ARG A 24 -2.14 -7.26 -0.74
C ARG A 24 -0.95 -6.67 0.01
N VAL A 25 0.20 -7.32 -0.11
CA VAL A 25 1.41 -6.84 0.55
C VAL A 25 1.86 -5.50 -0.02
N GLU A 26 1.28 -5.12 -1.15
CA GLU A 26 1.61 -3.87 -1.81
C GLU A 26 0.43 -3.32 -2.60
N PRO A 27 0.48 -2.03 -2.94
CA PRO A 27 -0.58 -1.37 -3.70
C PRO A 27 -0.63 -1.84 -5.15
N VAL A 28 -1.84 -1.84 -5.72
CA VAL A 28 -2.02 -2.28 -7.10
C VAL A 28 -1.49 -1.23 -8.08
N TYR A 29 -0.43 -1.59 -8.80
CA TYR A 29 0.17 -0.68 -9.76
C TYR A 29 -0.72 -0.53 -11.00
N PRO A 30 -0.85 0.72 -11.47
CA PRO A 30 -1.67 1.04 -12.64
C PRO A 30 -1.06 0.50 -13.94
N SER A 31 -1.56 0.99 -15.07
CA SER A 31 -1.07 0.56 -16.37
C SER A 31 -0.47 1.73 -17.15
N ARG A 32 -1.21 2.83 -17.19
CA ARG A 32 -0.75 4.03 -17.90
C ARG A 32 0.34 4.74 -17.11
N ALA A 33 0.03 5.09 -15.86
CA ALA A 33 0.99 5.77 -15.00
C ALA A 33 2.32 5.02 -14.94
N LEU A 34 2.25 3.70 -15.13
CA LEU A 34 3.45 2.87 -15.10
C LEU A 34 4.34 3.14 -16.31
N LYS A 35 3.72 3.39 -17.45
CA LYS A 35 4.45 3.67 -18.68
C LYS A 35 4.74 5.16 -18.81
N ARG A 36 4.04 5.97 -18.01
CA ARG A 36 4.24 7.41 -18.03
C ARG A 36 5.71 7.77 -17.91
N GLY A 37 6.22 7.72 -16.68
CA GLY A 37 7.62 8.04 -16.45
C GLY A 37 7.84 8.78 -15.15
N VAL A 38 6.74 9.25 -14.55
CA VAL A 38 6.82 9.98 -13.29
C VAL A 38 6.76 9.03 -12.11
N GLU A 39 7.41 9.42 -11.01
CA GLU A 39 7.43 8.59 -9.81
C GLU A 39 6.87 9.37 -8.61
N GLY A 40 5.54 9.46 -8.54
CA GLY A 40 4.90 10.17 -7.46
C GLY A 40 4.91 9.37 -6.16
N PHE A 41 3.75 9.30 -5.51
CA PHE A 41 3.63 8.57 -4.26
C PHE A 41 2.16 8.43 -3.86
N VAL A 42 1.89 7.53 -2.91
CA VAL A 42 0.53 7.30 -2.43
C VAL A 42 0.48 7.33 -0.92
N THR A 43 -0.25 8.30 -0.37
CA THR A 43 -0.39 8.44 1.07
C THR A 43 -1.86 8.45 1.48
N LEU A 44 -2.30 7.34 2.07
CA LEU A 44 -3.69 7.22 2.51
C LEU A 44 -3.76 7.06 4.02
N SER A 45 -4.62 7.84 4.67
CA SER A 45 -4.79 7.79 6.11
C SER A 45 -6.10 7.10 6.48
N PHE A 46 -6.01 5.85 6.91
CA PHE A 46 -7.19 5.08 7.29
C PHE A 46 -7.03 4.51 8.69
N THR A 47 -8.14 4.09 9.29
CA THR A 47 -8.13 3.51 10.62
C THR A 47 -8.47 2.03 10.60
N ILE A 48 -7.65 1.22 11.26
CA ILE A 48 -7.87 -0.23 11.30
C ILE A 48 -8.65 -0.61 12.56
N ASP A 49 -9.94 -0.87 12.37
CA ASP A 49 -10.81 -1.27 13.48
C ASP A 49 -10.25 -2.50 14.19
N THR A 50 -10.46 -2.56 15.50
CA THR A 50 -9.98 -3.69 16.30
C THR A 50 -10.44 -5.02 15.70
N THR A 51 -11.52 -4.98 14.94
CA THR A 51 -12.06 -6.18 14.30
C THR A 51 -11.43 -6.41 12.94
N GLY A 52 -10.24 -5.84 12.74
CA GLY A 52 -9.55 -6.00 11.47
C GLY A 52 -10.35 -5.44 10.31
N LYS A 53 -10.82 -4.22 10.46
CA LYS A 53 -11.60 -3.56 9.41
C LYS A 53 -11.00 -2.22 9.04
N ALA A 54 -10.59 -2.09 7.79
CA ALA A 54 -9.99 -0.84 7.31
C ALA A 54 -11.05 0.10 6.76
N VAL A 55 -11.33 1.16 7.51
CA VAL A 55 -12.33 2.15 7.10
C VAL A 55 -11.79 3.56 7.23
N ASP A 56 -12.66 4.54 7.01
CA ASP A 56 -12.28 5.95 7.10
C ASP A 56 -11.21 6.29 6.05
N ILE A 57 -11.24 5.58 4.93
CA ILE A 57 -10.29 5.80 3.85
C ILE A 57 -10.23 7.28 3.47
N ASN A 58 -9.18 7.96 3.93
CA ASN A 58 -9.00 9.37 3.64
C ASN A 58 -7.57 9.66 3.18
N VAL A 59 -7.43 10.08 1.92
CA VAL A 59 -6.13 10.38 1.36
C VAL A 59 -5.63 11.75 1.82
N VAL A 60 -4.35 11.81 2.17
CA VAL A 60 -3.75 13.06 2.63
C VAL A 60 -2.82 13.65 1.58
N ASP A 61 -2.19 12.78 0.80
CA ASP A 61 -1.27 13.22 -0.24
C ASP A 61 -0.92 12.06 -1.17
N ALA A 62 -0.61 12.39 -2.43
CA ALA A 62 -0.25 11.37 -3.41
C ALA A 62 0.44 11.99 -4.61
N ASN A 63 0.45 11.27 -5.73
CA ASN A 63 1.09 11.76 -6.95
C ASN A 63 0.73 13.22 -7.21
N PRO A 64 1.48 13.86 -8.12
CA PRO A 64 1.25 15.27 -8.48
C PRO A 64 -0.04 15.46 -9.27
N LYS A 65 -0.67 14.36 -9.65
CA LYS A 65 -1.91 14.40 -10.41
C LYS A 65 -2.48 13.01 -10.61
N ARG A 66 -3.78 12.93 -10.86
CA ARG A 66 -4.45 11.65 -11.08
C ARG A 66 -3.53 10.68 -11.81
N MET A 67 -2.92 9.76 -11.06
CA MET A 67 -2.02 8.77 -11.63
C MET A 67 -2.15 7.44 -10.90
N PHE A 68 -1.54 7.36 -9.72
CA PHE A 68 -1.58 6.13 -8.92
C PHE A 68 -2.47 6.32 -7.70
N GLU A 69 -3.10 7.48 -7.59
CA GLU A 69 -3.98 7.79 -6.46
C GLU A 69 -5.23 6.90 -6.50
N ARG A 70 -5.80 6.75 -7.69
CA ARG A 70 -7.00 5.95 -7.85
C ARG A 70 -6.77 4.53 -7.36
N GLU A 71 -5.81 3.84 -7.98
CA GLU A 71 -5.48 2.47 -7.59
C GLU A 71 -5.18 2.38 -6.11
N ALA A 72 -4.43 3.34 -5.60
CA ALA A 72 -4.07 3.37 -4.18
C ALA A 72 -5.30 3.50 -3.30
N MET A 73 -6.28 4.28 -3.76
CA MET A 73 -7.51 4.49 -3.01
C MET A 73 -8.38 3.23 -3.04
N GLN A 74 -8.67 2.74 -4.24
CA GLN A 74 -9.49 1.55 -4.40
C GLN A 74 -8.82 0.35 -3.75
N ALA A 75 -7.50 0.34 -3.73
CA ALA A 75 -6.74 -0.75 -3.13
C ALA A 75 -6.99 -0.84 -1.63
N LEU A 76 -6.77 0.27 -0.94
CA LEU A 76 -6.95 0.33 0.50
C LEU A 76 -8.33 -0.23 0.89
N LYS A 77 -9.30 -0.04 0.00
CA LYS A 77 -10.65 -0.53 0.25
C LYS A 77 -10.75 -2.02 -0.03
N LYS A 78 -10.53 -2.41 -1.28
CA LYS A 78 -10.59 -3.80 -1.68
C LYS A 78 -9.70 -4.67 -0.79
N TRP A 79 -8.65 -4.05 -0.25
CA TRP A 79 -7.73 -4.77 0.63
C TRP A 79 -8.47 -5.49 1.75
N LYS A 80 -7.85 -6.51 2.32
CA LYS A 80 -8.45 -7.27 3.41
C LYS A 80 -7.48 -7.45 4.57
N TYR A 81 -7.87 -6.95 5.73
CA TYR A 81 -7.03 -7.05 6.93
C TYR A 81 -7.68 -7.94 7.98
N GLN A 82 -6.89 -8.82 8.57
CA GLN A 82 -7.39 -9.72 9.60
C GLN A 82 -6.96 -9.27 10.99
N PRO A 83 -7.89 -9.30 11.95
CA PRO A 83 -7.63 -8.89 13.33
C PRO A 83 -6.71 -9.87 14.05
N GLN A 84 -5.41 -9.79 13.75
CA GLN A 84 -4.43 -10.66 14.37
C GLN A 84 -3.26 -9.86 14.95
N ILE A 85 -3.17 -9.80 16.26
CA ILE A 85 -2.11 -9.07 16.94
C ILE A 85 -0.82 -9.87 16.96
N VAL A 86 0.18 -9.40 16.22
CA VAL A 86 1.48 -10.08 16.16
C VAL A 86 2.62 -9.08 16.27
N ASP A 87 3.76 -9.54 16.75
CA ASP A 87 4.94 -8.69 16.90
C ASP A 87 5.23 -7.95 15.60
N GLY A 88 4.97 -6.64 15.60
CA GLY A 88 5.22 -5.84 14.42
C GLY A 88 3.96 -5.14 13.92
N LYS A 89 2.98 -5.93 13.52
CA LYS A 89 1.72 -5.38 13.02
C LYS A 89 0.55 -5.83 13.88
N ALA A 90 0.00 -4.90 14.66
CA ALA A 90 -1.14 -5.21 15.53
C ALA A 90 -2.41 -4.53 15.04
N ILE A 91 -3.45 -4.56 15.87
CA ILE A 91 -4.72 -3.95 15.51
C ILE A 91 -5.04 -2.77 16.42
N GLU A 92 -6.17 -2.12 16.19
CA GLU A 92 -6.60 -0.98 16.99
C GLU A 92 -5.64 0.19 16.79
N GLN A 93 -5.84 0.93 15.70
CA GLN A 93 -5.00 2.09 15.40
C GLN A 93 -5.76 3.11 14.58
N PRO A 94 -6.36 4.10 15.27
CA PRO A 94 -7.14 5.16 14.62
C PRO A 94 -6.25 6.12 13.83
N GLY A 95 -4.94 5.97 13.98
CA GLY A 95 -4.01 6.83 13.26
C GLY A 95 -3.02 6.03 12.42
N GLN A 96 -3.53 5.27 11.47
CA GLN A 96 -2.68 4.47 10.60
C GLN A 96 -2.58 5.09 9.21
N THR A 97 -1.35 5.31 8.75
CA THR A 97 -1.12 5.89 7.44
C THR A 97 -0.14 5.05 6.62
N VAL A 98 -0.39 4.96 5.32
CA VAL A 98 0.47 4.19 4.43
C VAL A 98 1.05 5.07 3.33
N THR A 99 2.37 5.31 3.40
CA THR A 99 3.04 6.13 2.42
C THR A 99 4.15 5.35 1.71
N VAL A 100 4.02 5.19 0.41
CA VAL A 100 5.01 4.46 -0.38
C VAL A 100 5.27 5.16 -1.71
N GLU A 101 6.55 5.28 -2.07
CA GLU A 101 6.94 5.92 -3.31
C GLU A 101 6.72 4.99 -4.50
N PHE A 102 6.14 5.54 -5.57
CA PHE A 102 5.87 4.75 -6.77
C PHE A 102 6.94 4.99 -7.83
N LYS A 103 7.81 4.00 -8.01
CA LYS A 103 8.88 4.10 -9.00
C LYS A 103 8.50 3.38 -10.29
N ILE A 104 8.62 4.09 -11.41
CA ILE A 104 8.29 3.52 -12.71
C ILE A 104 9.22 2.35 -13.05
N ALA A 105 8.66 1.33 -13.67
CA ALA A 105 9.43 0.15 -14.04
C ALA A 105 10.67 0.54 -14.84
N LYS A 106 11.71 -0.28 -14.74
CA LYS A 106 12.96 -0.03 -15.45
C LYS A 106 12.97 -0.70 -16.82
N ASP A 1 36.02 -22.68 -15.84
CA ASP A 1 35.36 -22.19 -17.04
C ASP A 1 35.03 -20.70 -16.92
N HIS A 2 34.92 -20.03 -18.05
CA HIS A 2 34.61 -18.60 -18.06
C HIS A 2 33.25 -18.35 -18.71
N PRO A 3 32.17 -18.69 -17.99
CA PRO A 3 30.80 -18.52 -18.47
C PRO A 3 30.41 -17.05 -18.54
N PHE A 4 29.30 -16.77 -19.23
CA PHE A 4 28.81 -15.40 -19.37
C PHE A 4 27.42 -15.26 -18.76
N THR A 5 27.07 -14.04 -18.36
CA THR A 5 25.78 -13.76 -17.77
C THR A 5 25.36 -12.32 -18.00
N SER A 6 24.30 -12.13 -18.79
CA SER A 6 23.80 -10.80 -19.09
C SER A 6 22.54 -10.50 -18.29
N ALA A 7 22.71 -10.19 -17.01
CA ALA A 7 21.60 -9.88 -16.14
C ALA A 7 21.99 -8.85 -15.08
N PRO A 8 22.14 -7.59 -15.52
CA PRO A 8 22.52 -6.49 -14.63
C PRO A 8 21.40 -6.12 -13.66
N THR A 9 21.77 -5.85 -12.41
CA THR A 9 20.79 -5.49 -11.38
C THR A 9 21.02 -4.06 -10.90
N PHE A 10 19.98 -3.48 -10.29
CA PHE A 10 20.07 -2.12 -9.79
C PHE A 10 18.85 -1.78 -8.93
N GLY A 11 19.09 -1.47 -7.66
CA GLY A 11 18.00 -1.14 -6.76
C GLY A 11 17.76 -2.22 -5.72
N ASP A 12 17.70 -1.82 -4.46
CA ASP A 12 17.47 -2.76 -3.37
C ASP A 12 17.20 -2.03 -2.06
N PHE A 13 16.01 -2.26 -1.51
CA PHE A 13 15.62 -1.61 -0.25
C PHE A 13 14.27 -2.12 0.23
N GLY A 14 13.93 -1.79 1.47
CA GLY A 14 12.66 -2.22 2.03
C GLY A 14 12.48 -1.79 3.47
N SER A 15 11.56 -0.85 3.70
CA SER A 15 11.31 -0.34 5.04
C SER A 15 10.32 -1.25 5.78
N ASN A 16 9.22 -1.58 5.12
CA ASN A 16 8.20 -2.44 5.72
C ASN A 16 7.77 -1.91 7.08
N GLN A 17 7.31 -0.66 7.10
CA GLN A 17 6.86 -0.03 8.34
C GLN A 17 5.56 0.72 8.13
N GLN A 18 4.47 -0.02 7.95
CA GLN A 18 3.16 0.58 7.74
C GLN A 18 2.06 -0.49 7.77
N ALA A 19 0.90 -0.11 8.28
CA ALA A 19 -0.23 -1.03 8.36
C ALA A 19 -0.56 -1.61 6.99
N MET A 20 -0.16 -2.87 6.78
CA MET A 20 -0.42 -3.55 5.52
C MET A 20 -1.25 -4.80 5.73
N PRO A 21 -2.10 -5.13 4.74
CA PRO A 21 -2.97 -6.31 4.79
C PRO A 21 -2.19 -7.61 4.70
N LEU A 22 -2.91 -8.70 4.44
CA LEU A 22 -2.28 -10.02 4.32
C LEU A 22 -2.50 -10.60 2.93
N TYR A 23 -3.26 -9.88 2.11
CA TYR A 23 -3.54 -10.33 0.75
C TYR A 23 -2.93 -9.38 -0.28
N ARG A 24 -2.57 -8.19 0.16
CA ARG A 24 -1.96 -7.19 -0.71
C ARG A 24 -0.70 -6.60 -0.09
N VAL A 25 0.41 -7.32 -0.21
CA VAL A 25 1.68 -6.88 0.34
C VAL A 25 2.06 -5.51 -0.21
N GLU A 26 1.69 -5.25 -1.46
CA GLU A 26 1.99 -3.98 -2.10
C GLU A 26 0.75 -3.39 -2.77
N PRO A 27 0.76 -2.07 -3.00
CA PRO A 27 -0.35 -1.36 -3.63
C PRO A 27 -0.49 -1.71 -5.11
N VAL A 28 -1.73 -1.75 -5.59
CA VAL A 28 -2.00 -2.06 -6.99
C VAL A 28 -1.48 -0.97 -7.91
N TYR A 29 -0.83 -1.39 -8.99
CA TYR A 29 -0.28 -0.44 -9.96
C TYR A 29 -1.21 -0.27 -11.15
N PRO A 30 -1.32 0.97 -11.66
CA PRO A 30 -2.16 1.28 -12.80
C PRO A 30 -1.62 0.71 -14.10
N SER A 31 -2.14 1.19 -15.23
CA SER A 31 -1.71 0.71 -16.53
C SER A 31 -1.12 1.86 -17.36
N ARG A 32 -1.69 3.05 -17.20
CA ARG A 32 -1.22 4.23 -17.92
C ARG A 32 -0.09 4.92 -17.16
N ALA A 33 -0.38 5.33 -15.93
CA ALA A 33 0.61 6.00 -15.10
C ALA A 33 1.89 5.19 -15.00
N LEU A 34 1.75 3.87 -15.13
CA LEU A 34 2.90 2.97 -15.04
C LEU A 34 3.85 3.18 -16.23
N LYS A 35 3.28 3.34 -17.41
CA LYS A 35 4.06 3.55 -18.62
C LYS A 35 4.29 5.05 -18.86
N ARG A 36 3.71 5.87 -18.01
CA ARG A 36 3.85 7.32 -18.12
C ARG A 36 5.32 7.72 -18.08
N GLY A 37 5.93 7.59 -16.90
CA GLY A 37 7.33 7.94 -16.75
C GLY A 37 7.60 8.71 -15.47
N VAL A 38 6.53 9.05 -14.75
CA VAL A 38 6.66 9.79 -13.50
C VAL A 38 6.68 8.85 -12.30
N GLU A 39 7.40 9.24 -11.26
CA GLU A 39 7.50 8.43 -10.05
C GLU A 39 7.01 9.21 -8.83
N GLY A 40 5.69 9.29 -8.69
CA GLY A 40 5.11 10.01 -7.57
C GLY A 40 5.16 9.21 -6.28
N PHE A 41 4.07 9.24 -5.52
CA PHE A 41 3.99 8.51 -4.26
C PHE A 41 2.54 8.20 -3.91
N VAL A 42 2.36 7.38 -2.87
CA VAL A 42 1.03 7.00 -2.42
C VAL A 42 0.92 7.06 -0.91
N THR A 43 0.12 8.01 -0.41
CA THR A 43 -0.07 8.17 1.02
C THR A 43 -1.55 8.21 1.38
N LEU A 44 -2.04 7.13 1.98
CA LEU A 44 -3.44 7.04 2.37
C LEU A 44 -3.57 6.86 3.88
N SER A 45 -4.49 7.61 4.48
CA SER A 45 -4.72 7.53 5.93
C SER A 45 -6.04 6.84 6.23
N PHE A 46 -5.96 5.62 6.77
CA PHE A 46 -7.15 4.85 7.11
C PHE A 46 -7.06 4.32 8.54
N THR A 47 -8.19 3.86 9.06
CA THR A 47 -8.25 3.33 10.42
C THR A 47 -8.51 1.83 10.41
N ILE A 48 -7.92 1.13 11.37
CA ILE A 48 -8.08 -0.32 11.47
C ILE A 48 -8.91 -0.69 12.69
N ASP A 49 -10.18 -1.02 12.46
CA ASP A 49 -11.08 -1.40 13.54
C ASP A 49 -10.56 -2.63 14.28
N THR A 50 -10.83 -2.69 15.57
CA THR A 50 -10.38 -3.81 16.40
C THR A 50 -10.81 -5.13 15.79
N THR A 51 -11.86 -5.11 14.98
CA THR A 51 -12.36 -6.31 14.33
C THR A 51 -11.65 -6.56 13.00
N GLY A 52 -10.44 -6.01 12.86
CA GLY A 52 -9.68 -6.19 11.64
C GLY A 52 -10.41 -5.64 10.43
N LYS A 53 -10.90 -4.42 10.52
CA LYS A 53 -11.63 -3.79 9.43
C LYS A 53 -10.96 -2.47 9.03
N ALA A 54 -10.96 -2.19 7.73
CA ALA A 54 -10.36 -0.96 7.23
C ALA A 54 -11.43 -0.02 6.67
N VAL A 55 -11.60 1.12 7.32
CA VAL A 55 -12.59 2.11 6.89
C VAL A 55 -12.05 3.53 7.02
N ASP A 56 -12.86 4.50 6.63
CA ASP A 56 -12.47 5.90 6.70
C ASP A 56 -11.28 6.17 5.77
N ILE A 57 -11.32 5.60 4.58
CA ILE A 57 -10.25 5.78 3.61
C ILE A 57 -10.09 7.25 3.24
N ASN A 58 -9.13 7.92 3.87
CA ASN A 58 -8.88 9.33 3.61
C ASN A 58 -7.45 9.54 3.10
N VAL A 59 -7.33 9.96 1.85
CA VAL A 59 -6.02 10.20 1.24
C VAL A 59 -5.47 11.56 1.67
N VAL A 60 -4.20 11.58 2.07
CA VAL A 60 -3.55 12.80 2.50
C VAL A 60 -2.72 13.41 1.36
N ASP A 61 -2.15 12.55 0.53
CA ASP A 61 -1.33 12.99 -0.59
C ASP A 61 -0.79 11.80 -1.38
N ALA A 62 -0.80 11.93 -2.70
CA ALA A 62 -0.31 10.87 -3.57
C ALA A 62 0.02 11.39 -4.96
N ASN A 63 1.25 11.15 -5.41
CA ASN A 63 1.68 11.62 -6.72
C ASN A 63 1.45 13.11 -6.88
N PRO A 64 2.09 13.71 -7.90
CA PRO A 64 1.97 15.13 -8.18
C PRO A 64 0.57 15.51 -8.70
N LYS A 65 -0.20 14.50 -9.07
CA LYS A 65 -1.55 14.72 -9.58
C LYS A 65 -2.26 13.40 -9.85
N ARG A 66 -3.44 13.47 -10.46
CA ARG A 66 -4.21 12.29 -10.77
C ARG A 66 -3.36 11.28 -11.56
N MET A 67 -2.81 10.30 -10.86
CA MET A 67 -1.98 9.28 -11.47
C MET A 67 -2.22 7.91 -10.84
N PHE A 68 -1.67 7.73 -9.63
CA PHE A 68 -1.83 6.47 -8.91
C PHE A 68 -2.77 6.63 -7.73
N GLU A 69 -3.38 7.81 -7.62
CA GLU A 69 -4.30 8.09 -6.52
C GLU A 69 -5.49 7.13 -6.55
N ARG A 70 -5.90 6.75 -7.75
CA ARG A 70 -7.02 5.82 -7.90
C ARG A 70 -6.63 4.41 -7.48
N GLU A 71 -5.50 3.93 -8.00
CA GLU A 71 -5.03 2.59 -7.67
C GLU A 71 -4.74 2.47 -6.17
N ALA A 72 -4.30 3.58 -5.56
CA ALA A 72 -3.99 3.60 -4.15
C ALA A 72 -5.26 3.57 -3.30
N MET A 73 -6.24 4.37 -3.70
CA MET A 73 -7.52 4.44 -2.99
C MET A 73 -8.29 3.13 -3.14
N GLN A 74 -8.45 2.67 -4.38
CA GLN A 74 -9.18 1.44 -4.66
C GLN A 74 -8.50 0.25 -3.99
N ALA A 75 -7.18 0.33 -3.85
CA ALA A 75 -6.41 -0.74 -3.21
C ALA A 75 -6.73 -0.84 -1.72
N LEU A 76 -6.51 0.25 -1.01
CA LEU A 76 -6.77 0.30 0.43
C LEU A 76 -8.18 -0.17 0.73
N LYS A 77 -9.11 0.14 -0.16
CA LYS A 77 -10.51 -0.25 0.01
C LYS A 77 -10.72 -1.72 -0.35
N LYS A 78 -10.01 -2.16 -1.39
CA LYS A 78 -10.12 -3.55 -1.84
C LYS A 78 -9.16 -4.45 -1.07
N TRP A 79 -8.52 -3.89 -0.05
CA TRP A 79 -7.58 -4.64 0.77
C TRP A 79 -8.30 -5.41 1.86
N LYS A 80 -7.60 -6.36 2.46
CA LYS A 80 -8.17 -7.19 3.53
C LYS A 80 -7.21 -7.30 4.71
N TYR A 81 -7.68 -6.91 5.88
CA TYR A 81 -6.86 -6.97 7.08
C TYR A 81 -7.47 -7.92 8.11
N GLN A 82 -6.64 -8.79 8.67
CA GLN A 82 -7.10 -9.75 9.67
C GLN A 82 -6.76 -9.28 11.08
N PRO A 83 -7.74 -9.42 11.99
CA PRO A 83 -7.57 -9.00 13.39
C PRO A 83 -6.59 -9.90 14.14
N GLN A 84 -5.30 -9.71 13.89
CA GLN A 84 -4.27 -10.50 14.54
C GLN A 84 -3.19 -9.60 15.14
N ILE A 85 -3.06 -9.63 16.45
CA ILE A 85 -2.07 -8.82 17.15
C ILE A 85 -0.71 -9.52 17.19
N VAL A 86 0.28 -8.93 16.55
CA VAL A 86 1.61 -9.50 16.51
C VAL A 86 2.69 -8.41 16.49
N ASP A 87 3.86 -8.72 17.02
CA ASP A 87 4.97 -7.76 17.05
C ASP A 87 5.22 -7.18 15.67
N GLY A 88 4.86 -5.90 15.50
CA GLY A 88 5.05 -5.25 14.22
C GLY A 88 3.75 -4.78 13.60
N LYS A 89 2.68 -5.55 13.80
CA LYS A 89 1.38 -5.21 13.27
C LYS A 89 0.27 -5.68 14.19
N ALA A 90 -0.41 -4.72 14.82
CA ALA A 90 -1.50 -5.03 15.74
C ALA A 90 -2.82 -4.42 15.26
N ILE A 91 -3.83 -4.47 16.11
CA ILE A 91 -5.14 -3.93 15.78
C ILE A 91 -5.54 -2.83 16.76
N GLU A 92 -6.72 -2.24 16.52
CA GLU A 92 -7.22 -1.18 17.38
C GLU A 92 -6.34 0.06 17.30
N GLN A 93 -6.21 0.61 16.10
CA GLN A 93 -5.39 1.79 15.88
C GLN A 93 -6.01 2.69 14.81
N PRO A 94 -6.74 3.72 15.25
CA PRO A 94 -7.40 4.67 14.34
C PRO A 94 -6.40 5.57 13.62
N GLY A 95 -5.13 5.46 14.00
CA GLY A 95 -4.09 6.27 13.39
C GLY A 95 -3.11 5.43 12.59
N GLN A 96 -3.49 5.08 11.37
CA GLN A 96 -2.64 4.28 10.50
C GLN A 96 -2.41 4.98 9.16
N THR A 97 -1.14 5.10 8.78
CA THR A 97 -0.78 5.75 7.52
C THR A 97 0.18 4.89 6.72
N VAL A 98 -0.08 4.78 5.42
CA VAL A 98 0.75 3.99 4.53
C VAL A 98 1.35 4.85 3.42
N THR A 99 2.65 5.06 3.48
CA THR A 99 3.34 5.87 2.48
C THR A 99 4.31 5.03 1.66
N VAL A 100 4.04 4.93 0.36
CA VAL A 100 4.89 4.15 -0.54
C VAL A 100 5.11 4.88 -1.86
N GLU A 101 6.38 5.09 -2.21
CA GLU A 101 6.73 5.78 -3.44
C GLU A 101 6.50 4.88 -4.65
N PHE A 102 5.86 5.43 -5.68
CA PHE A 102 5.59 4.67 -6.89
C PHE A 102 6.68 4.90 -7.94
N LYS A 103 7.52 3.89 -8.12
CA LYS A 103 8.61 3.97 -9.08
C LYS A 103 8.27 3.21 -10.36
N ILE A 104 8.39 3.88 -11.50
CA ILE A 104 8.09 3.27 -12.79
C ILE A 104 9.05 2.13 -13.09
N ALA A 105 8.55 1.08 -13.72
CA ALA A 105 9.36 -0.07 -14.07
C ALA A 105 10.58 0.34 -14.88
N LYS A 106 11.70 -0.35 -14.67
CA LYS A 106 12.94 -0.05 -15.37
C LYS A 106 13.25 -1.14 -16.39
N ASP A 1 17.92 -3.12 -38.69
CA ASP A 1 18.64 -3.24 -37.43
C ASP A 1 17.80 -2.76 -36.26
N HIS A 2 18.14 -3.22 -35.06
CA HIS A 2 17.41 -2.83 -33.86
C HIS A 2 18.30 -2.96 -32.63
N PRO A 3 17.93 -2.21 -31.57
CA PRO A 3 18.68 -2.22 -30.30
C PRO A 3 18.55 -3.54 -29.55
N PHE A 4 19.04 -3.56 -28.32
CA PHE A 4 18.98 -4.77 -27.50
C PHE A 4 17.57 -5.00 -26.98
N THR A 5 16.82 -3.91 -26.81
CA THR A 5 15.45 -3.99 -26.32
C THR A 5 15.41 -4.52 -24.89
N SER A 6 16.33 -4.04 -24.06
CA SER A 6 16.40 -4.47 -22.67
C SER A 6 15.07 -4.23 -21.96
N ALA A 7 14.73 -5.13 -21.04
CA ALA A 7 13.49 -5.00 -20.29
C ALA A 7 13.49 -5.93 -19.07
N PRO A 8 14.29 -5.57 -18.05
CA PRO A 8 14.40 -6.37 -16.82
C PRO A 8 13.13 -6.30 -15.98
N THR A 9 12.58 -5.10 -15.85
CA THR A 9 11.36 -4.91 -15.07
C THR A 9 11.48 -5.54 -13.69
N PHE A 10 12.64 -5.36 -13.06
CA PHE A 10 12.90 -5.91 -11.74
C PHE A 10 11.93 -5.33 -10.72
N GLY A 11 11.55 -6.15 -9.73
CA GLY A 11 10.63 -5.70 -8.70
C GLY A 11 11.34 -5.06 -7.53
N ASP A 12 10.73 -5.14 -6.35
CA ASP A 12 11.32 -4.57 -5.14
C ASP A 12 10.93 -5.38 -3.91
N PHE A 13 11.51 -5.03 -2.77
CA PHE A 13 11.22 -5.72 -1.53
C PHE A 13 10.13 -5.01 -0.74
N GLY A 14 10.48 -3.88 -0.14
CA GLY A 14 9.52 -3.12 0.64
C GLY A 14 10.16 -2.44 1.85
N SER A 15 9.51 -1.39 2.34
CA SER A 15 10.02 -0.66 3.50
C SER A 15 9.55 -1.32 4.80
N ASN A 16 8.40 -1.96 4.75
CA ASN A 16 7.84 -2.63 5.92
C ASN A 16 7.54 -1.63 7.02
N GLN A 17 7.12 -0.42 6.63
CA GLN A 17 6.80 0.63 7.58
C GLN A 17 5.40 1.19 7.32
N GLN A 18 4.39 0.32 7.40
CA GLN A 18 3.02 0.74 7.17
C GLN A 18 2.06 -0.44 7.39
N ALA A 19 0.78 -0.12 7.54
CA ALA A 19 -0.24 -1.14 7.76
C ALA A 19 -0.65 -1.80 6.44
N MET A 20 -0.17 -3.01 6.21
CA MET A 20 -0.48 -3.74 4.98
C MET A 20 -1.31 -4.99 5.29
N PRO A 21 -2.23 -5.32 4.38
CA PRO A 21 -3.10 -6.50 4.53
C PRO A 21 -2.35 -7.80 4.39
N LEU A 22 -3.08 -8.89 4.21
CA LEU A 22 -2.48 -10.22 4.07
C LEU A 22 -2.92 -10.88 2.77
N TYR A 23 -3.65 -10.13 1.95
CA TYR A 23 -4.14 -10.65 0.68
C TYR A 23 -3.62 -9.81 -0.49
N ARG A 24 -3.41 -8.52 -0.23
CA ARG A 24 -2.91 -7.61 -1.25
C ARG A 24 -1.73 -6.79 -0.73
N VAL A 25 -0.55 -7.38 -0.75
CA VAL A 25 0.65 -6.71 -0.29
C VAL A 25 1.01 -5.53 -1.18
N GLU A 26 1.27 -4.38 -0.57
CA GLU A 26 1.63 -3.18 -1.31
C GLU A 26 0.48 -2.73 -2.21
N PRO A 27 0.50 -1.46 -2.61
CA PRO A 27 -0.54 -0.89 -3.48
C PRO A 27 -0.47 -1.45 -4.90
N VAL A 28 -1.63 -1.58 -5.54
CA VAL A 28 -1.70 -2.10 -6.90
C VAL A 28 -1.21 -1.05 -7.90
N TYR A 29 -0.32 -1.47 -8.79
CA TYR A 29 0.22 -0.58 -9.81
C TYR A 29 -0.75 -0.41 -10.97
N PRO A 30 -0.91 0.83 -11.44
CA PRO A 30 -1.81 1.16 -12.55
C PRO A 30 -1.30 0.62 -13.89
N SER A 31 -1.91 1.06 -14.97
CA SER A 31 -1.52 0.62 -16.31
C SER A 31 -0.97 1.78 -17.13
N ARG A 32 -1.50 2.98 -16.90
CA ARG A 32 -1.06 4.16 -17.62
C ARG A 32 0.13 4.80 -16.90
N ALA A 33 -0.06 5.14 -15.63
CA ALA A 33 1.00 5.75 -14.84
C ALA A 33 2.28 4.93 -14.88
N LEU A 34 2.13 3.62 -15.10
CA LEU A 34 3.28 2.72 -15.16
C LEU A 34 4.15 3.04 -16.37
N LYS A 35 3.52 3.44 -17.46
CA LYS A 35 4.24 3.78 -18.69
C LYS A 35 4.45 5.28 -18.79
N ARG A 36 3.76 6.03 -17.93
CA ARG A 36 3.87 7.49 -17.93
C ARG A 36 5.34 7.93 -17.88
N GLY A 37 5.95 7.81 -16.71
CA GLY A 37 7.34 8.20 -16.56
C GLY A 37 7.58 8.94 -15.26
N VAL A 38 6.52 9.23 -14.53
CA VAL A 38 6.63 9.94 -13.26
C VAL A 38 6.66 8.97 -12.09
N GLU A 39 7.40 9.34 -11.04
CA GLU A 39 7.51 8.49 -9.85
C GLU A 39 6.93 9.21 -8.63
N GLY A 40 5.61 9.31 -8.59
CA GLY A 40 4.97 9.97 -7.47
C GLY A 40 4.97 9.12 -6.21
N PHE A 41 3.95 9.29 -5.37
CA PHE A 41 3.84 8.54 -4.14
C PHE A 41 2.38 8.28 -3.78
N VAL A 42 2.16 7.41 -2.79
CA VAL A 42 0.81 7.07 -2.36
C VAL A 42 0.70 7.14 -0.84
N THR A 43 -0.06 8.12 -0.35
CA THR A 43 -0.25 8.29 1.09
C THR A 43 -1.73 8.27 1.45
N LEU A 44 -2.17 7.16 2.05
CA LEU A 44 -3.56 7.01 2.45
C LEU A 44 -3.67 6.88 3.97
N SER A 45 -4.59 7.64 4.55
CA SER A 45 -4.80 7.61 5.99
C SER A 45 -6.09 6.89 6.34
N PHE A 46 -5.96 5.63 6.77
CA PHE A 46 -7.12 4.83 7.13
C PHE A 46 -6.99 4.29 8.55
N THR A 47 -8.11 3.84 9.12
CA THR A 47 -8.12 3.31 10.47
C THR A 47 -8.43 1.81 10.46
N ILE A 48 -7.73 1.06 11.31
CA ILE A 48 -7.94 -0.38 11.41
C ILE A 48 -8.75 -0.74 12.65
N ASP A 49 -10.03 -1.03 12.45
CA ASP A 49 -10.91 -1.39 13.55
C ASP A 49 -10.39 -2.62 14.29
N THR A 50 -10.61 -2.66 15.60
CA THR A 50 -10.15 -3.78 16.42
C THR A 50 -10.62 -5.11 15.84
N THR A 51 -11.69 -5.06 15.06
CA THR A 51 -12.24 -6.27 14.44
C THR A 51 -11.58 -6.54 13.10
N GLY A 52 -10.37 -6.02 12.91
CA GLY A 52 -9.65 -6.23 11.67
C GLY A 52 -10.41 -5.69 10.47
N LYS A 53 -10.86 -4.44 10.56
CA LYS A 53 -11.59 -3.81 9.48
C LYS A 53 -10.94 -2.50 9.07
N ALA A 54 -11.00 -2.19 7.78
CA ALA A 54 -10.40 -0.96 7.26
C ALA A 54 -11.48 -0.01 6.76
N VAL A 55 -11.61 1.14 7.41
CA VAL A 55 -12.61 2.13 7.03
C VAL A 55 -12.03 3.54 7.11
N ASP A 56 -12.84 4.53 6.75
CA ASP A 56 -12.42 5.93 6.79
C ASP A 56 -11.27 6.17 5.82
N ILE A 57 -11.34 5.53 4.65
CA ILE A 57 -10.31 5.68 3.64
C ILE A 57 -10.18 7.13 3.20
N ASN A 58 -9.19 7.83 3.74
CA ASN A 58 -8.96 9.23 3.40
C ASN A 58 -7.53 9.44 2.93
N VAL A 59 -7.38 9.83 1.67
CA VAL A 59 -6.06 10.07 1.09
C VAL A 59 -5.51 11.43 1.50
N VAL A 60 -4.32 11.44 2.06
CA VAL A 60 -3.69 12.68 2.49
C VAL A 60 -2.92 13.34 1.35
N ASP A 61 -2.30 12.53 0.52
CA ASP A 61 -1.54 13.04 -0.63
C ASP A 61 -0.90 11.89 -1.41
N ALA A 62 -0.98 11.98 -2.73
CA ALA A 62 -0.41 10.96 -3.60
C ALA A 62 -0.20 11.49 -5.02
N ASN A 63 0.98 11.25 -5.56
CA ASN A 63 1.31 11.71 -6.92
C ASN A 63 1.14 13.21 -7.03
N PRO A 64 1.73 13.80 -8.09
CA PRO A 64 1.66 15.25 -8.33
C PRO A 64 0.26 15.68 -8.76
N LYS A 65 -0.30 15.00 -9.75
CA LYS A 65 -1.63 15.32 -10.25
C LYS A 65 -2.28 14.10 -10.90
N ARG A 66 -3.00 13.31 -10.09
CA ARG A 66 -3.66 12.12 -10.58
C ARG A 66 -2.70 11.24 -11.36
N MET A 67 -2.30 10.12 -10.76
CA MET A 67 -1.38 9.18 -11.40
C MET A 67 -1.59 7.77 -10.88
N PHE A 68 -1.60 7.63 -9.56
CA PHE A 68 -1.79 6.33 -8.93
C PHE A 68 -2.74 6.43 -7.74
N GLU A 69 -3.36 7.59 -7.58
CA GLU A 69 -4.29 7.82 -6.48
C GLU A 69 -5.47 6.85 -6.55
N ARG A 70 -5.96 6.63 -7.77
CA ARG A 70 -7.09 5.72 -7.98
C ARG A 70 -6.74 4.30 -7.52
N GLU A 71 -5.74 3.72 -8.15
CA GLU A 71 -5.30 2.37 -7.81
C GLU A 71 -4.99 2.26 -6.33
N ALA A 72 -4.49 3.34 -5.74
CA ALA A 72 -4.15 3.37 -4.33
C ALA A 72 -5.40 3.35 -3.46
N MET A 73 -6.31 4.29 -3.72
CA MET A 73 -7.55 4.38 -2.95
C MET A 73 -8.36 3.10 -3.08
N GLN A 74 -8.60 2.68 -4.32
CA GLN A 74 -9.38 1.46 -4.57
C GLN A 74 -8.71 0.25 -3.92
N ALA A 75 -7.38 0.29 -3.83
CA ALA A 75 -6.62 -0.80 -3.22
C ALA A 75 -6.91 -0.91 -1.74
N LEU A 76 -6.65 0.17 -1.00
CA LEU A 76 -6.88 0.20 0.44
C LEU A 76 -8.29 -0.28 0.77
N LYS A 77 -9.22 -0.07 -0.16
CA LYS A 77 -10.60 -0.49 0.03
C LYS A 77 -10.75 -1.98 -0.18
N LYS A 78 -10.46 -2.44 -1.40
CA LYS A 78 -10.57 -3.85 -1.74
C LYS A 78 -9.67 -4.69 -0.83
N TRP A 79 -8.69 -4.05 -0.21
CA TRP A 79 -7.77 -4.74 0.68
C TRP A 79 -8.52 -5.43 1.82
N LYS A 80 -7.85 -6.36 2.48
CA LYS A 80 -8.45 -7.09 3.59
C LYS A 80 -7.45 -7.30 4.72
N TYR A 81 -7.84 -6.90 5.93
CA TYR A 81 -6.97 -7.03 7.10
C TYR A 81 -7.59 -7.99 8.12
N GLN A 82 -6.76 -8.84 8.70
CA GLN A 82 -7.22 -9.79 9.71
C GLN A 82 -6.77 -9.37 11.11
N PRO A 83 -7.69 -9.49 12.08
CA PRO A 83 -7.42 -9.13 13.48
C PRO A 83 -6.44 -10.10 14.14
N GLN A 84 -5.15 -9.78 14.05
CA GLN A 84 -4.11 -10.61 14.65
C GLN A 84 -3.00 -9.76 15.22
N ILE A 85 -2.99 -9.62 16.55
CA ILE A 85 -1.98 -8.83 17.23
C ILE A 85 -0.68 -9.61 17.37
N VAL A 86 0.38 -9.11 16.73
CA VAL A 86 1.68 -9.76 16.78
C VAL A 86 2.81 -8.73 16.68
N ASP A 87 3.96 -9.07 17.25
CA ASP A 87 5.11 -8.18 17.23
C ASP A 87 5.41 -7.72 15.81
N GLY A 88 5.13 -6.45 15.54
CA GLY A 88 5.37 -5.91 14.21
C GLY A 88 4.11 -5.35 13.58
N LYS A 89 2.98 -5.98 13.85
CA LYS A 89 1.71 -5.53 13.30
C LYS A 89 0.56 -5.89 14.23
N ALA A 90 -0.08 -4.88 14.81
CA ALA A 90 -1.20 -5.09 15.71
C ALA A 90 -2.47 -4.45 15.18
N ILE A 91 -3.50 -4.39 16.01
CA ILE A 91 -4.77 -3.80 15.62
C ILE A 91 -5.12 -2.61 16.50
N GLU A 92 -6.25 -1.96 16.21
CA GLU A 92 -6.69 -0.81 16.97
C GLU A 92 -5.75 0.38 16.75
N GLN A 93 -5.86 1.00 15.58
CA GLN A 93 -5.03 2.15 15.24
C GLN A 93 -5.79 3.14 14.37
N PRO A 94 -6.44 4.12 15.02
CA PRO A 94 -7.22 5.15 14.32
C PRO A 94 -6.34 6.12 13.55
N GLY A 95 -5.03 6.00 13.74
CA GLY A 95 -4.09 6.87 13.06
C GLY A 95 -3.11 6.11 12.19
N GLN A 96 -3.63 5.25 11.31
CA GLN A 96 -2.79 4.46 10.43
C GLN A 96 -2.54 5.20 9.11
N THR A 97 -1.27 5.25 8.71
CA THR A 97 -0.88 5.93 7.47
C THR A 97 0.13 5.10 6.69
N VAL A 98 -0.11 4.95 5.40
CA VAL A 98 0.79 4.19 4.53
C VAL A 98 1.33 5.06 3.40
N THR A 99 2.62 5.36 3.46
CA THR A 99 3.27 6.17 2.45
C THR A 99 4.31 5.37 1.67
N VAL A 100 4.09 5.26 0.37
CA VAL A 100 5.01 4.52 -0.50
C VAL A 100 5.46 5.37 -1.68
N GLU A 101 6.63 5.04 -2.22
CA GLU A 101 7.18 5.78 -3.36
C GLU A 101 7.03 4.98 -4.64
N PHE A 102 6.09 5.38 -5.49
CA PHE A 102 5.84 4.71 -6.76
C PHE A 102 6.98 4.97 -7.74
N LYS A 103 7.65 3.91 -8.15
CA LYS A 103 8.76 4.01 -9.09
C LYS A 103 8.43 3.32 -10.41
N ILE A 104 8.59 4.04 -11.51
CA ILE A 104 8.31 3.49 -12.83
C ILE A 104 9.27 2.37 -13.18
N ALA A 105 8.76 1.32 -13.82
CA ALA A 105 9.58 0.19 -14.21
C ALA A 105 10.74 0.62 -15.10
N LYS A 106 11.94 0.67 -14.52
CA LYS A 106 13.13 1.07 -15.26
C LYS A 106 13.49 0.03 -16.31
N ASP A 1 36.70 12.91 -29.32
CA ASP A 1 36.02 11.65 -29.63
C ASP A 1 36.01 10.72 -28.42
N HIS A 2 34.85 10.61 -27.78
CA HIS A 2 34.69 9.77 -26.60
C HIS A 2 33.23 9.36 -26.41
N PRO A 3 33.02 8.25 -25.70
CA PRO A 3 31.67 7.73 -25.42
C PRO A 3 30.90 8.63 -24.46
N PHE A 4 29.74 8.14 -24.02
CA PHE A 4 28.89 8.90 -23.09
C PHE A 4 27.89 7.98 -22.41
N THR A 5 27.71 8.16 -21.10
CA THR A 5 26.78 7.36 -20.34
C THR A 5 25.53 8.16 -19.96
N SER A 6 24.63 7.53 -19.23
CA SER A 6 23.39 8.19 -18.81
C SER A 6 23.31 8.25 -17.28
N ALA A 7 23.02 7.11 -16.65
CA ALA A 7 22.91 7.04 -15.21
C ALA A 7 22.63 5.62 -14.75
N PRO A 8 22.91 5.34 -13.47
CA PRO A 8 22.68 4.01 -12.88
C PRO A 8 21.20 3.68 -12.73
N THR A 9 20.89 2.40 -12.55
CA THR A 9 19.52 1.96 -12.40
C THR A 9 19.28 1.37 -11.01
N PHE A 10 20.20 0.53 -10.56
CA PHE A 10 20.10 -0.09 -9.25
C PHE A 10 19.88 0.96 -8.16
N GLY A 11 19.29 0.53 -7.05
CA GLY A 11 19.04 1.45 -5.95
C GLY A 11 17.61 1.37 -5.44
N ASP A 12 17.42 0.61 -4.36
CA ASP A 12 16.08 0.44 -3.78
C ASP A 12 16.16 -0.39 -2.51
N PHE A 13 15.67 0.18 -1.41
CA PHE A 13 15.69 -0.51 -0.12
C PHE A 13 14.97 0.31 0.94
N GLY A 14 14.60 -0.35 2.05
CA GLY A 14 13.91 0.33 3.12
C GLY A 14 13.17 -0.62 4.04
N SER A 15 12.88 -0.17 5.25
CA SER A 15 12.17 -1.00 6.23
C SER A 15 10.74 -1.26 5.78
N ASN A 16 10.20 -0.35 4.97
CA ASN A 16 8.84 -0.49 4.48
C ASN A 16 7.84 -0.56 5.63
N GLN A 17 8.11 0.20 6.69
CA GLN A 17 7.25 0.21 7.86
C GLN A 17 5.92 0.90 7.54
N GLN A 18 4.88 0.10 7.39
CA GLN A 18 3.55 0.63 7.08
C GLN A 18 2.48 -0.43 7.30
N ALA A 19 1.22 -0.04 7.08
CA ALA A 19 0.11 -0.96 7.24
C ALA A 19 -0.24 -1.65 5.93
N MET A 20 -0.01 -2.96 5.88
CA MET A 20 -0.30 -3.74 4.68
C MET A 20 -1.07 -5.01 5.02
N PRO A 21 -2.03 -5.36 4.16
CA PRO A 21 -2.86 -6.56 4.35
C PRO A 21 -2.08 -7.85 4.16
N LEU A 22 -2.80 -8.95 4.01
CA LEU A 22 -2.16 -10.26 3.82
C LEU A 22 -2.62 -10.89 2.51
N TYR A 23 -3.39 -10.15 1.74
CA TYR A 23 -3.89 -10.64 0.46
C TYR A 23 -3.41 -9.76 -0.69
N ARG A 24 -3.23 -8.47 -0.41
CA ARG A 24 -2.77 -7.52 -1.43
C ARG A 24 -1.60 -6.69 -0.89
N VAL A 25 -0.41 -7.25 -0.94
CA VAL A 25 0.79 -6.57 -0.47
C VAL A 25 1.07 -5.33 -1.32
N GLU A 26 1.25 -4.19 -0.65
CA GLU A 26 1.53 -2.94 -1.34
C GLU A 26 0.37 -2.55 -2.26
N PRO A 27 0.32 -1.26 -2.62
CA PRO A 27 -0.74 -0.73 -3.50
C PRO A 27 -0.61 -1.24 -4.93
N VAL A 28 -1.74 -1.60 -5.52
CA VAL A 28 -1.75 -2.10 -6.90
C VAL A 28 -1.23 -1.05 -7.88
N TYR A 29 -0.52 -1.49 -8.89
CA TYR A 29 0.04 -0.60 -9.89
C TYR A 29 -0.93 -0.39 -11.04
N PRO A 30 -1.16 0.88 -11.41
CA PRO A 30 -2.08 1.25 -12.50
C PRO A 30 -1.54 0.84 -13.87
N SER A 31 -2.15 1.37 -14.92
CA SER A 31 -1.72 1.06 -16.29
C SER A 31 -1.01 2.25 -16.91
N ARG A 32 -1.74 3.33 -17.15
CA ARG A 32 -1.18 4.53 -17.75
C ARG A 32 0.05 4.99 -16.98
N ALA A 33 -0.15 5.31 -15.71
CA ALA A 33 0.96 5.76 -14.86
C ALA A 33 2.12 4.78 -14.90
N LEU A 34 1.81 3.51 -15.15
CA LEU A 34 2.83 2.47 -15.21
C LEU A 34 3.80 2.72 -16.36
N LYS A 35 3.30 3.35 -17.42
CA LYS A 35 4.12 3.65 -18.59
C LYS A 35 4.50 5.13 -18.61
N ARG A 36 3.89 5.91 -17.73
CA ARG A 36 4.17 7.35 -17.66
C ARG A 36 5.67 7.60 -17.54
N GLY A 37 6.22 7.37 -16.35
CA GLY A 37 7.63 7.57 -16.13
C GLY A 37 7.91 8.31 -14.84
N VAL A 38 6.85 8.71 -14.15
CA VAL A 38 7.00 9.43 -12.88
C VAL A 38 6.95 8.47 -11.69
N GLU A 39 7.69 8.81 -10.64
CA GLU A 39 7.74 7.98 -9.45
C GLU A 39 7.20 8.74 -8.23
N GLY A 40 5.88 8.87 -8.15
CA GLY A 40 5.27 9.58 -7.05
C GLY A 40 5.23 8.75 -5.78
N PHE A 41 4.10 8.78 -5.08
CA PHE A 41 3.94 8.03 -3.84
C PHE A 41 2.47 7.88 -3.48
N VAL A 42 2.19 7.04 -2.49
CA VAL A 42 0.83 6.80 -2.05
C VAL A 42 0.71 6.95 -0.54
N THR A 43 -0.01 7.99 -0.10
CA THR A 43 -0.20 8.23 1.32
C THR A 43 -1.68 8.29 1.69
N LEU A 44 -2.17 7.23 2.30
CA LEU A 44 -3.58 7.16 2.70
C LEU A 44 -3.71 6.98 4.21
N SER A 45 -4.62 7.74 4.81
CA SER A 45 -4.84 7.67 6.25
C SER A 45 -6.18 7.01 6.56
N PHE A 46 -6.12 5.78 7.07
CA PHE A 46 -7.34 5.04 7.41
C PHE A 46 -7.22 4.41 8.80
N THR A 47 -8.35 4.03 9.37
CA THR A 47 -8.39 3.42 10.69
C THR A 47 -8.74 1.94 10.60
N ILE A 48 -7.94 1.11 11.27
CA ILE A 48 -8.18 -0.33 11.27
C ILE A 48 -8.96 -0.76 12.51
N ASP A 49 -10.25 -1.01 12.32
CA ASP A 49 -11.11 -1.43 13.43
C ASP A 49 -10.56 -2.70 14.09
N THR A 50 -10.82 -2.84 15.39
CA THR A 50 -10.35 -4.00 16.14
C THR A 50 -10.74 -5.30 15.45
N THR A 51 -11.81 -5.24 14.65
CA THR A 51 -12.29 -6.41 13.94
C THR A 51 -11.63 -6.53 12.57
N GLY A 52 -10.45 -5.93 12.44
CA GLY A 52 -9.73 -5.97 11.18
C GLY A 52 -10.52 -5.37 10.03
N LYS A 53 -11.08 -4.18 10.26
CA LYS A 53 -11.87 -3.50 9.24
C LYS A 53 -11.28 -2.13 8.92
N ALA A 54 -10.86 -1.94 7.68
CA ALA A 54 -10.28 -0.68 7.25
C ALA A 54 -11.37 0.35 6.95
N VAL A 55 -11.50 1.35 7.83
CA VAL A 55 -12.50 2.39 7.66
C VAL A 55 -11.86 3.77 7.71
N ASP A 56 -12.70 4.80 7.63
CA ASP A 56 -12.22 6.17 7.65
C ASP A 56 -11.14 6.40 6.59
N ILE A 57 -11.35 5.81 5.42
CA ILE A 57 -10.40 5.95 4.32
C ILE A 57 -10.31 7.39 3.85
N ASN A 58 -9.12 7.98 3.97
CA ASN A 58 -8.91 9.36 3.55
C ASN A 58 -7.45 9.58 3.16
N VAL A 59 -7.24 9.88 1.88
CA VAL A 59 -5.88 10.12 1.36
C VAL A 59 -5.47 11.56 1.60
N VAL A 60 -4.28 11.74 2.17
CA VAL A 60 -3.75 13.07 2.45
C VAL A 60 -2.85 13.55 1.32
N ASP A 61 -2.20 12.60 0.64
CA ASP A 61 -1.31 12.93 -0.46
C ASP A 61 -0.92 11.67 -1.24
N ALA A 62 -0.87 11.79 -2.56
CA ALA A 62 -0.50 10.66 -3.41
C ALA A 62 -0.07 11.14 -4.79
N ASN A 63 1.20 10.91 -5.12
CA ASN A 63 1.75 11.32 -6.41
C ASN A 63 1.53 12.81 -6.64
N PRO A 64 2.22 13.36 -7.66
CA PRO A 64 2.12 14.77 -8.01
C PRO A 64 0.77 15.13 -8.62
N LYS A 65 -0.04 14.11 -8.90
CA LYS A 65 -1.35 14.31 -9.49
C LYS A 65 -2.06 12.97 -9.70
N ARG A 66 -3.16 12.99 -10.45
CA ARG A 66 -3.92 11.79 -10.73
C ARG A 66 -3.07 10.76 -11.45
N MET A 67 -2.45 9.86 -10.70
CA MET A 67 -1.60 8.83 -11.27
C MET A 67 -1.88 7.48 -10.63
N PHE A 68 -1.40 7.31 -9.39
CA PHE A 68 -1.59 6.07 -8.66
C PHE A 68 -2.53 6.27 -7.47
N GLU A 69 -3.20 7.41 -7.45
CA GLU A 69 -4.13 7.74 -6.37
C GLU A 69 -5.35 6.81 -6.41
N ARG A 70 -5.85 6.57 -7.62
CA ARG A 70 -7.02 5.70 -7.79
C ARG A 70 -6.71 4.28 -7.35
N GLU A 71 -5.71 3.68 -7.98
CA GLU A 71 -5.30 2.31 -7.65
C GLU A 71 -5.01 2.17 -6.16
N ALA A 72 -4.52 3.25 -5.56
CA ALA A 72 -4.20 3.25 -4.13
C ALA A 72 -5.46 3.29 -3.29
N MET A 73 -6.34 4.25 -3.57
CA MET A 73 -7.58 4.39 -2.84
C MET A 73 -8.45 3.14 -2.97
N GLN A 74 -8.63 2.69 -4.20
CA GLN A 74 -9.44 1.50 -4.47
C GLN A 74 -8.82 0.26 -3.82
N ALA A 75 -7.50 0.25 -3.73
CA ALA A 75 -6.78 -0.87 -3.13
C ALA A 75 -7.17 -1.04 -1.66
N LEU A 76 -7.04 0.05 -0.89
CA LEU A 76 -7.38 0.01 0.53
C LEU A 76 -8.78 -0.55 0.75
N LYS A 77 -9.68 -0.27 -0.20
CA LYS A 77 -11.05 -0.76 -0.11
C LYS A 77 -11.13 -2.23 -0.51
N LYS A 78 -10.37 -2.61 -1.52
CA LYS A 78 -10.35 -3.98 -1.99
C LYS A 78 -9.31 -4.81 -1.24
N TRP A 79 -8.80 -4.25 -0.14
CA TRP A 79 -7.80 -4.93 0.66
C TRP A 79 -8.45 -5.72 1.79
N LYS A 80 -7.67 -6.55 2.46
CA LYS A 80 -8.18 -7.37 3.56
C LYS A 80 -7.13 -7.51 4.65
N TYR A 81 -7.45 -7.03 5.85
CA TYR A 81 -6.54 -7.10 6.98
C TYR A 81 -7.08 -8.05 8.06
N GLN A 82 -6.19 -8.86 8.62
CA GLN A 82 -6.58 -9.82 9.65
C GLN A 82 -6.29 -9.25 11.03
N PRO A 83 -7.23 -9.45 11.96
CA PRO A 83 -7.10 -8.98 13.35
C PRO A 83 -6.04 -9.73 14.13
N GLN A 84 -4.77 -9.41 13.87
CA GLN A 84 -3.66 -10.05 14.55
C GLN A 84 -2.51 -9.07 14.77
N ILE A 85 -2.23 -8.80 16.05
CA ILE A 85 -1.16 -7.87 16.41
C ILE A 85 0.20 -8.54 16.29
N VAL A 86 0.99 -8.10 15.30
CA VAL A 86 2.33 -8.66 15.08
C VAL A 86 3.35 -7.54 14.89
N ASP A 87 4.62 -7.87 15.15
CA ASP A 87 5.70 -6.90 15.00
C ASP A 87 5.63 -6.22 13.64
N GLY A 88 5.23 -4.96 13.64
CA GLY A 88 5.14 -4.20 12.40
C GLY A 88 3.80 -3.51 12.24
N LYS A 89 2.73 -4.23 12.53
CA LYS A 89 1.38 -3.67 12.41
C LYS A 89 0.48 -4.18 13.54
N ALA A 90 -0.57 -3.43 13.84
CA ALA A 90 -1.49 -3.80 14.90
C ALA A 90 -2.94 -3.56 14.46
N ILE A 91 -3.86 -3.67 15.41
CA ILE A 91 -5.28 -3.46 15.13
C ILE A 91 -5.87 -2.36 16.02
N GLU A 92 -7.17 -2.15 15.91
CA GLU A 92 -7.85 -1.13 16.69
C GLU A 92 -6.99 0.13 16.80
N GLN A 93 -6.41 0.54 15.67
CA GLN A 93 -5.57 1.73 15.64
C GLN A 93 -6.18 2.79 14.72
N PRO A 94 -6.74 3.85 15.33
CA PRO A 94 -7.37 4.95 14.58
C PRO A 94 -6.34 5.81 13.86
N GLY A 95 -5.06 5.55 14.13
CA GLY A 95 -4.01 6.31 13.50
C GLY A 95 -3.08 5.44 12.67
N GLN A 96 -3.62 4.78 11.67
CA GLN A 96 -2.84 3.90 10.81
C GLN A 96 -2.68 4.49 9.42
N THR A 97 -1.48 5.00 9.13
CA THR A 97 -1.21 5.60 7.83
C THR A 97 -0.23 4.75 7.02
N VAL A 98 -0.42 4.70 5.71
CA VAL A 98 0.44 3.93 4.83
C VAL A 98 1.09 4.82 3.78
N THR A 99 2.43 4.89 3.83
CA THR A 99 3.17 5.71 2.87
C THR A 99 4.19 4.88 2.11
N VAL A 100 4.01 4.78 0.80
CA VAL A 100 4.92 4.01 -0.04
C VAL A 100 5.20 4.73 -1.36
N GLU A 101 6.39 4.51 -1.90
CA GLU A 101 6.78 5.14 -3.16
C GLU A 101 6.50 4.22 -4.35
N PHE A 102 6.37 4.81 -5.53
CA PHE A 102 6.10 4.06 -6.74
C PHE A 102 7.27 4.13 -7.71
N LYS A 103 7.75 2.97 -8.14
CA LYS A 103 8.87 2.90 -9.07
C LYS A 103 8.44 2.31 -10.41
N ILE A 104 8.41 3.15 -11.44
CA ILE A 104 8.02 2.71 -12.77
C ILE A 104 8.82 1.48 -13.20
N ALA A 105 8.15 0.57 -13.90
CA ALA A 105 8.79 -0.64 -14.38
C ALA A 105 10.08 -0.32 -15.13
N LYS A 106 11.13 -1.10 -14.86
CA LYS A 106 12.41 -0.90 -15.52
C LYS A 106 12.75 -2.09 -16.42
N ASP A 1 1.19 -16.22 28.12
CA ASP A 1 1.17 -14.78 28.39
C ASP A 1 2.38 -14.10 27.76
N HIS A 2 3.54 -14.74 27.86
CA HIS A 2 4.77 -14.18 27.32
C HIS A 2 5.58 -15.27 26.62
N PRO A 3 5.08 -15.74 25.46
CA PRO A 3 5.75 -16.77 24.67
C PRO A 3 7.05 -16.29 24.03
N PHE A 4 8.06 -17.15 24.02
CA PHE A 4 9.35 -16.79 23.45
C PHE A 4 9.19 -16.28 22.02
N THR A 5 10.24 -15.65 21.50
CA THR A 5 10.21 -15.11 20.15
C THR A 5 11.60 -15.14 19.51
N SER A 6 11.65 -15.42 18.22
CA SER A 6 12.92 -15.48 17.49
C SER A 6 13.40 -14.08 17.12
N ALA A 7 12.45 -13.18 16.88
CA ALA A 7 12.77 -11.81 16.51
C ALA A 7 13.51 -11.75 15.18
N PRO A 8 13.50 -10.57 14.55
CA PRO A 8 14.17 -10.36 13.26
C PRO A 8 15.69 -10.40 13.38
N THR A 9 16.28 -11.53 13.01
CA THR A 9 17.73 -11.69 13.07
C THR A 9 18.43 -10.72 12.14
N PHE A 10 17.78 -10.38 11.03
CA PHE A 10 18.34 -9.47 10.05
C PHE A 10 18.58 -8.09 10.66
N GLY A 11 17.58 -7.58 11.38
CA GLY A 11 17.69 -6.29 12.01
C GLY A 11 17.32 -5.15 11.09
N ASP A 12 16.05 -5.09 10.71
CA ASP A 12 15.56 -4.06 9.81
C ASP A 12 14.55 -3.16 10.53
N PHE A 13 14.86 -1.87 10.61
CA PHE A 13 14.00 -0.91 11.27
C PHE A 13 13.12 -0.18 10.25
N GLY A 14 12.00 0.37 10.72
CA GLY A 14 11.10 1.08 9.84
C GLY A 14 10.48 2.30 10.51
N SER A 15 10.88 3.48 10.04
CA SER A 15 10.36 4.73 10.61
C SER A 15 9.01 5.08 10.00
N ASN A 16 8.76 4.59 8.79
CA ASN A 16 7.49 4.85 8.10
C ASN A 16 6.35 4.13 8.80
N GLN A 17 6.54 2.83 9.07
CA GLN A 17 5.52 2.03 9.73
C GLN A 17 4.21 2.08 8.95
N GLN A 18 4.27 1.70 7.68
CA GLN A 18 3.08 1.70 6.83
C GLN A 18 2.22 0.47 7.09
N ALA A 19 0.92 0.59 6.83
CA ALA A 19 -0.01 -0.50 7.05
C ALA A 19 -0.18 -1.33 5.78
N MET A 20 0.20 -2.61 5.86
CA MET A 20 0.09 -3.50 4.70
C MET A 20 -0.70 -4.76 5.08
N PRO A 21 -1.69 -5.10 4.24
CA PRO A 21 -2.53 -6.28 4.45
C PRO A 21 -1.77 -7.59 4.25
N LEU A 22 -2.50 -8.69 4.11
CA LEU A 22 -1.89 -10.00 3.91
C LEU A 22 -2.41 -10.64 2.62
N TYR A 23 -3.21 -9.89 1.87
CA TYR A 23 -3.76 -10.39 0.62
C TYR A 23 -3.30 -9.54 -0.56
N ARG A 24 -3.07 -8.25 -0.30
CA ARG A 24 -2.62 -7.33 -1.34
C ARG A 24 -1.42 -6.52 -0.86
N VAL A 25 -0.23 -7.09 -0.98
CA VAL A 25 0.99 -6.42 -0.57
C VAL A 25 1.28 -5.21 -1.44
N GLU A 26 1.51 -4.07 -0.80
CA GLU A 26 1.79 -2.83 -1.52
C GLU A 26 0.60 -2.42 -2.38
N PRO A 27 0.54 -1.12 -2.72
CA PRO A 27 -0.54 -0.56 -3.55
C PRO A 27 -0.47 -1.04 -4.99
N VAL A 28 -1.62 -1.44 -5.53
CA VAL A 28 -1.69 -1.93 -6.90
C VAL A 28 -1.18 -0.87 -7.88
N TYR A 29 -0.39 -1.31 -8.85
CA TYR A 29 0.18 -0.40 -9.85
C TYR A 29 -0.80 -0.21 -11.02
N PRO A 30 -0.92 1.04 -11.48
CA PRO A 30 -1.81 1.38 -12.59
C PRO A 30 -1.30 0.83 -13.92
N SER A 31 -1.88 1.33 -15.01
CA SER A 31 -1.49 0.89 -16.35
C SER A 31 -0.89 2.03 -17.16
N ARG A 32 -1.34 3.25 -16.86
CA ARG A 32 -0.85 4.43 -17.57
C ARG A 32 0.40 4.99 -16.89
N ALA A 33 0.23 5.46 -15.65
CA ALA A 33 1.34 6.01 -14.89
C ALA A 33 2.51 5.03 -14.83
N LEU A 34 2.20 3.75 -14.92
CA LEU A 34 3.22 2.71 -14.86
C LEU A 34 4.14 2.78 -16.09
N LYS A 35 3.53 2.69 -17.27
CA LYS A 35 4.29 2.74 -18.52
C LYS A 35 4.79 4.15 -18.79
N ARG A 36 4.05 5.14 -18.28
CA ARG A 36 4.43 6.54 -18.47
C ARG A 36 5.88 6.78 -18.06
N GLY A 37 6.14 6.69 -16.76
CA GLY A 37 7.48 6.90 -16.26
C GLY A 37 7.53 7.88 -15.10
N VAL A 38 6.35 8.35 -14.68
CA VAL A 38 6.27 9.30 -13.57
C VAL A 38 6.34 8.57 -12.23
N GLU A 39 7.17 9.10 -11.33
CA GLU A 39 7.35 8.51 -10.01
C GLU A 39 6.95 9.50 -8.91
N GLY A 40 5.82 9.23 -8.26
CA GLY A 40 5.35 10.10 -7.20
C GLY A 40 5.32 9.41 -5.85
N PHE A 41 4.27 9.65 -5.09
CA PHE A 41 4.12 9.05 -3.77
C PHE A 41 2.66 9.04 -3.33
N VAL A 42 2.20 7.91 -2.80
CA VAL A 42 0.83 7.77 -2.35
C VAL A 42 0.75 7.78 -0.82
N THR A 43 -0.13 8.59 -0.28
CA THR A 43 -0.31 8.70 1.17
C THR A 43 -1.79 8.69 1.55
N LEU A 44 -2.25 7.58 2.09
CA LEU A 44 -3.64 7.45 2.51
C LEU A 44 -3.75 7.33 4.03
N SER A 45 -4.75 8.01 4.59
CA SER A 45 -4.97 7.98 6.04
C SER A 45 -6.29 7.30 6.37
N PHE A 46 -6.21 6.12 6.97
CA PHE A 46 -7.40 5.37 7.35
C PHE A 46 -7.26 4.79 8.75
N THR A 47 -8.37 4.32 9.32
CA THR A 47 -8.37 3.75 10.65
C THR A 47 -8.67 2.25 10.60
N ILE A 48 -7.82 1.47 11.25
CA ILE A 48 -7.99 0.02 11.30
C ILE A 48 -8.76 -0.41 12.54
N ASP A 49 -10.03 -0.72 12.37
CA ASP A 49 -10.88 -1.14 13.48
C ASP A 49 -10.26 -2.34 14.20
N THR A 50 -10.45 -2.39 15.52
CA THR A 50 -9.91 -3.47 16.32
C THR A 50 -10.29 -4.84 15.75
N THR A 51 -11.38 -4.87 14.99
CA THR A 51 -11.85 -6.11 14.37
C THR A 51 -11.19 -6.33 13.02
N GLY A 52 -10.03 -5.72 12.81
CA GLY A 52 -9.33 -5.86 11.56
C GLY A 52 -10.14 -5.37 10.37
N LYS A 53 -10.71 -4.18 10.50
CA LYS A 53 -11.52 -3.60 9.44
C LYS A 53 -11.05 -2.19 9.10
N ALA A 54 -10.60 -2.00 7.86
CA ALA A 54 -10.13 -0.70 7.42
C ALA A 54 -11.28 0.18 6.96
N VAL A 55 -11.51 1.28 7.67
CA VAL A 55 -12.59 2.20 7.34
C VAL A 55 -12.10 3.64 7.38
N ASP A 56 -12.97 4.57 6.98
CA ASP A 56 -12.64 5.99 6.96
C ASP A 56 -11.45 6.25 6.03
N ILE A 57 -11.49 5.63 4.85
CA ILE A 57 -10.42 5.81 3.87
C ILE A 57 -10.37 7.24 3.36
N ASN A 58 -9.34 7.98 3.77
CA ASN A 58 -9.18 9.37 3.35
C ASN A 58 -7.73 9.65 2.97
N VAL A 59 -7.50 9.95 1.69
CA VAL A 59 -6.17 10.25 1.20
C VAL A 59 -5.83 11.73 1.39
N VAL A 60 -4.66 12.00 1.95
CA VAL A 60 -4.23 13.37 2.17
C VAL A 60 -3.37 13.87 1.01
N ASP A 61 -2.65 12.96 0.37
CA ASP A 61 -1.79 13.30 -0.75
C ASP A 61 -1.38 12.05 -1.53
N ALA A 62 -1.69 12.03 -2.82
CA ALA A 62 -1.36 10.90 -3.67
C ALA A 62 -0.90 11.37 -5.05
N ASN A 63 0.39 11.25 -5.32
CA ASN A 63 0.94 11.65 -6.61
C ASN A 63 0.54 13.08 -6.94
N PRO A 64 1.22 13.68 -7.93
CA PRO A 64 0.95 15.05 -8.37
C PRO A 64 -0.39 15.18 -9.09
N LYS A 65 -1.01 14.04 -9.36
CA LYS A 65 -2.30 14.02 -10.04
C LYS A 65 -2.79 12.59 -10.24
N ARG A 66 -3.74 12.42 -11.16
CA ARG A 66 -4.30 11.10 -11.44
C ARG A 66 -3.24 10.17 -12.00
N MET A 67 -2.48 9.53 -11.11
CA MET A 67 -1.43 8.61 -11.51
C MET A 67 -1.57 7.27 -10.80
N PHE A 68 -1.35 7.28 -9.49
CA PHE A 68 -1.46 6.06 -8.69
C PHE A 68 -2.48 6.22 -7.58
N GLU A 69 -3.03 7.43 -7.47
CA GLU A 69 -4.03 7.71 -6.44
C GLU A 69 -5.22 6.77 -6.55
N ARG A 70 -5.81 6.71 -7.75
CA ARG A 70 -6.96 5.85 -7.99
C ARG A 70 -6.64 4.40 -7.63
N GLU A 71 -5.38 4.01 -7.86
CA GLU A 71 -4.95 2.65 -7.56
C GLU A 71 -4.78 2.45 -6.05
N ALA A 72 -4.19 3.44 -5.40
CA ALA A 72 -3.97 3.38 -3.96
C ALA A 72 -5.28 3.38 -3.20
N MET A 73 -6.20 4.27 -3.59
CA MET A 73 -7.49 4.38 -2.95
C MET A 73 -8.31 3.10 -3.15
N GLN A 74 -8.48 2.71 -4.41
CA GLN A 74 -9.24 1.51 -4.75
C GLN A 74 -8.63 0.28 -4.09
N ALA A 75 -7.31 0.28 -3.92
CA ALA A 75 -6.61 -0.83 -3.30
C ALA A 75 -6.85 -0.84 -1.79
N LEU A 76 -6.55 0.28 -1.14
CA LEU A 76 -6.72 0.39 0.31
C LEU A 76 -8.12 -0.06 0.72
N LYS A 77 -9.10 0.25 -0.12
CA LYS A 77 -10.49 -0.12 0.16
C LYS A 77 -10.73 -1.60 -0.16
N LYS A 78 -10.06 -2.10 -1.20
CA LYS A 78 -10.20 -3.49 -1.60
C LYS A 78 -9.21 -4.38 -0.86
N TRP A 79 -8.53 -3.79 0.13
CA TRP A 79 -7.56 -4.53 0.92
C TRP A 79 -8.23 -5.26 2.08
N LYS A 80 -7.52 -6.24 2.64
CA LYS A 80 -8.06 -7.01 3.76
C LYS A 80 -7.01 -7.15 4.87
N TYR A 81 -7.40 -6.79 6.09
CA TYR A 81 -6.49 -6.88 7.23
C TYR A 81 -7.05 -7.79 8.30
N GLN A 82 -6.22 -8.72 8.78
CA GLN A 82 -6.64 -9.67 9.81
C GLN A 82 -6.39 -9.10 11.20
N PRO A 83 -7.38 -9.27 12.09
CA PRO A 83 -7.30 -8.78 13.47
C PRO A 83 -6.28 -9.55 14.29
N GLN A 84 -5.78 -10.65 13.73
CA GLN A 84 -4.79 -11.48 14.42
C GLN A 84 -3.57 -10.66 14.82
N ILE A 85 -3.40 -10.43 16.11
CA ILE A 85 -2.27 -9.67 16.62
C ILE A 85 -1.01 -10.52 16.67
N VAL A 86 -0.01 -10.15 15.87
CA VAL A 86 1.26 -10.87 15.83
C VAL A 86 2.44 -9.92 15.96
N ASP A 87 3.54 -10.44 16.48
CA ASP A 87 4.76 -9.64 16.66
C ASP A 87 5.12 -8.91 15.37
N GLY A 88 4.92 -7.60 15.36
CA GLY A 88 5.25 -6.82 14.17
C GLY A 88 4.07 -5.97 13.71
N LYS A 89 2.88 -6.55 13.73
CA LYS A 89 1.68 -5.84 13.31
C LYS A 89 0.51 -6.15 14.24
N ALA A 90 -0.11 -5.10 14.78
CA ALA A 90 -1.24 -5.26 15.68
C ALA A 90 -2.46 -4.53 15.15
N ILE A 91 -3.51 -4.48 15.97
CA ILE A 91 -4.75 -3.82 15.58
C ILE A 91 -5.05 -2.64 16.51
N GLU A 92 -6.21 -2.01 16.30
CA GLU A 92 -6.63 -0.88 17.11
C GLU A 92 -5.70 0.31 16.90
N GLN A 93 -5.87 1.00 15.79
CA GLN A 93 -5.04 2.16 15.46
C GLN A 93 -5.81 3.15 14.59
N PRO A 94 -6.46 4.13 15.23
CA PRO A 94 -7.25 5.15 14.52
C PRO A 94 -6.36 6.11 13.75
N GLY A 95 -5.05 5.99 13.93
CA GLY A 95 -4.12 6.86 13.24
C GLY A 95 -3.16 6.09 12.34
N GLN A 96 -3.70 5.21 11.52
CA GLN A 96 -2.88 4.40 10.62
C GLN A 96 -2.70 5.11 9.28
N THR A 97 -1.44 5.34 8.91
CA THR A 97 -1.14 6.00 7.65
C THR A 97 -0.19 5.16 6.80
N VAL A 98 -0.43 5.13 5.49
CA VAL A 98 0.40 4.36 4.57
C VAL A 98 1.03 5.27 3.51
N THR A 99 2.34 5.45 3.60
CA THR A 99 3.07 6.28 2.65
C THR A 99 4.14 5.48 1.91
N VAL A 100 3.97 5.36 0.60
CA VAL A 100 4.92 4.62 -0.22
C VAL A 100 5.18 5.34 -1.54
N GLU A 101 6.42 5.29 -2.00
CA GLU A 101 6.80 5.94 -3.26
C GLU A 101 6.57 5.00 -4.44
N PHE A 102 6.16 5.57 -5.56
CA PHE A 102 5.91 4.79 -6.76
C PHE A 102 7.03 4.97 -7.78
N LYS A 103 7.85 3.94 -7.93
CA LYS A 103 8.97 3.98 -8.88
C LYS A 103 8.69 3.11 -10.09
N ILE A 104 8.83 3.69 -11.28
CA ILE A 104 8.60 2.96 -12.52
C ILE A 104 9.79 2.07 -12.86
N ALA A 105 9.50 0.90 -13.41
CA ALA A 105 10.55 -0.05 -13.80
C ALA A 105 10.80 -0.01 -15.30
N LYS A 106 11.69 -0.87 -15.78
CA LYS A 106 12.02 -0.94 -17.19
C LYS A 106 11.15 -1.98 -17.91
N ASP A 1 -17.38 -17.54 -0.64
CA ASP A 1 -17.23 -16.80 -1.90
C ASP A 1 -16.30 -17.55 -2.85
N HIS A 2 -16.31 -17.13 -4.11
CA HIS A 2 -15.48 -17.77 -5.13
C HIS A 2 -15.48 -16.94 -6.41
N PRO A 3 -14.88 -15.75 -6.36
CA PRO A 3 -14.80 -14.84 -7.51
C PRO A 3 -13.86 -15.37 -8.59
N PHE A 4 -14.12 -14.98 -9.84
CA PHE A 4 -13.30 -15.41 -10.97
C PHE A 4 -12.29 -14.34 -11.35
N THR A 5 -11.04 -14.55 -10.95
CA THR A 5 -9.97 -13.60 -11.25
C THR A 5 -8.75 -14.31 -11.82
N SER A 6 -8.71 -14.44 -13.14
CA SER A 6 -7.59 -15.10 -13.80
C SER A 6 -6.56 -14.08 -14.29
N ALA A 7 -5.30 -14.27 -13.89
CA ALA A 7 -4.23 -13.37 -14.29
C ALA A 7 -2.88 -13.84 -13.75
N PRO A 8 -1.80 -13.35 -14.36
CA PRO A 8 -0.44 -13.70 -13.95
C PRO A 8 -0.07 -13.12 -12.59
N THR A 9 1.21 -13.23 -12.23
CA THR A 9 1.69 -12.70 -10.96
C THR A 9 3.20 -12.47 -11.00
N PHE A 10 3.62 -11.32 -10.48
CA PHE A 10 5.04 -10.97 -10.45
C PHE A 10 5.69 -11.40 -9.15
N GLY A 11 5.23 -10.83 -8.04
CA GLY A 11 5.78 -11.17 -6.74
C GLY A 11 6.73 -10.12 -6.23
N ASP A 12 6.57 -9.74 -4.96
CA ASP A 12 7.43 -8.74 -4.35
C ASP A 12 8.05 -9.27 -3.07
N PHE A 13 8.84 -8.43 -2.40
CA PHE A 13 9.51 -8.82 -1.16
C PHE A 13 8.60 -8.57 0.05
N GLY A 14 8.44 -7.29 0.39
CA GLY A 14 7.59 -6.94 1.52
C GLY A 14 8.38 -6.78 2.80
N SER A 15 9.55 -6.15 2.71
CA SER A 15 10.40 -5.94 3.86
C SER A 15 9.92 -4.75 4.69
N ASN A 16 9.23 -3.82 4.04
CA ASN A 16 8.71 -2.64 4.71
C ASN A 16 7.89 -3.04 5.94
N GLN A 17 7.83 -2.14 6.92
CA GLN A 17 7.08 -2.40 8.14
C GLN A 17 6.01 -1.34 8.36
N GLN A 18 4.89 -1.49 7.66
CA GLN A 18 3.79 -0.55 7.76
C GLN A 18 2.45 -1.25 7.56
N ALA A 19 1.36 -0.47 7.58
CA ALA A 19 0.03 -1.02 7.40
C ALA A 19 -0.07 -1.83 6.10
N MET A 20 -0.06 -3.15 6.22
CA MET A 20 -0.15 -4.03 5.07
C MET A 20 -1.03 -5.23 5.37
N PRO A 21 -2.00 -5.49 4.48
CA PRO A 21 -2.92 -6.62 4.62
C PRO A 21 -2.25 -7.96 4.42
N LEU A 22 -3.04 -9.01 4.22
CA LEU A 22 -2.51 -10.35 4.01
C LEU A 22 -3.04 -10.95 2.71
N TYR A 23 -3.76 -10.14 1.94
CA TYR A 23 -4.31 -10.59 0.67
C TYR A 23 -3.80 -9.73 -0.49
N ARG A 24 -3.50 -8.48 -0.19
CA ARG A 24 -2.99 -7.55 -1.20
C ARG A 24 -1.77 -6.80 -0.70
N VAL A 25 -0.61 -7.46 -0.80
CA VAL A 25 0.63 -6.86 -0.35
C VAL A 25 1.00 -5.64 -1.19
N GLU A 26 1.27 -4.53 -0.51
CA GLU A 26 1.62 -3.29 -1.20
C GLU A 26 0.47 -2.80 -2.08
N PRO A 27 0.50 -1.50 -2.42
CA PRO A 27 -0.53 -0.89 -3.26
C PRO A 27 -0.48 -1.38 -4.71
N VAL A 28 -1.64 -1.65 -5.28
CA VAL A 28 -1.73 -2.13 -6.66
C VAL A 28 -1.18 -1.09 -7.62
N TYR A 29 -0.54 -1.56 -8.69
CA TYR A 29 0.04 -0.68 -9.70
C TYR A 29 -0.90 -0.53 -10.89
N PRO A 30 -1.05 0.72 -11.37
CA PRO A 30 -1.91 1.02 -12.52
C PRO A 30 -1.35 0.47 -13.83
N SER A 31 -1.92 0.93 -14.94
CA SER A 31 -1.48 0.48 -16.25
C SER A 31 -0.96 1.66 -17.08
N ARG A 32 -1.55 2.83 -16.87
CA ARG A 32 -1.15 4.02 -17.60
C ARG A 32 -0.01 4.74 -16.89
N ALA A 33 -0.24 5.10 -15.63
CA ALA A 33 0.77 5.79 -14.84
C ALA A 33 2.08 5.01 -14.82
N LEU A 34 1.98 3.69 -14.98
CA LEU A 34 3.16 2.84 -14.98
C LEU A 34 4.07 3.16 -16.16
N LYS A 35 3.51 3.13 -17.37
CA LYS A 35 4.27 3.43 -18.57
C LYS A 35 4.54 4.93 -18.69
N ARG A 36 3.88 5.71 -17.84
CA ARG A 36 4.05 7.16 -17.85
C ARG A 36 5.53 7.54 -17.78
N GLY A 37 6.13 7.29 -16.63
CA GLY A 37 7.54 7.62 -16.45
C GLY A 37 7.79 8.45 -15.21
N VAL A 38 6.74 8.69 -14.43
CA VAL A 38 6.85 9.48 -13.21
C VAL A 38 6.81 8.58 -11.98
N GLU A 39 7.53 8.99 -10.93
CA GLU A 39 7.59 8.23 -9.69
C GLU A 39 7.08 9.06 -8.52
N GLY A 40 5.77 9.14 -8.38
CA GLY A 40 5.17 9.91 -7.30
C GLY A 40 5.19 9.16 -5.97
N PHE A 41 4.08 9.22 -5.24
CA PHE A 41 3.97 8.55 -3.96
C PHE A 41 2.50 8.26 -3.62
N VAL A 42 2.30 7.46 -2.58
CA VAL A 42 0.95 7.10 -2.16
C VAL A 42 0.80 7.23 -0.65
N THR A 43 -0.01 8.20 -0.21
CA THR A 43 -0.24 8.42 1.21
C THR A 43 -1.73 8.42 1.53
N LEU A 44 -2.19 7.35 2.18
CA LEU A 44 -3.59 7.22 2.55
C LEU A 44 -3.75 7.13 4.06
N SER A 45 -4.71 7.87 4.60
CA SER A 45 -4.96 7.88 6.03
C SER A 45 -6.24 7.12 6.36
N PHE A 46 -6.08 5.91 6.90
CA PHE A 46 -7.23 5.09 7.26
C PHE A 46 -7.08 4.53 8.67
N THR A 47 -8.17 4.00 9.21
CA THR A 47 -8.16 3.43 10.56
C THR A 47 -8.51 1.94 10.52
N ILE A 48 -7.64 1.12 11.11
CA ILE A 48 -7.86 -0.32 11.16
C ILE A 48 -8.74 -0.70 12.35
N ASP A 49 -9.98 -1.07 12.05
CA ASP A 49 -10.93 -1.47 13.10
C ASP A 49 -10.47 -2.75 13.78
N THR A 50 -10.77 -2.86 15.08
CA THR A 50 -10.38 -4.03 15.85
C THR A 50 -10.83 -5.32 15.17
N THR A 51 -11.85 -5.21 14.33
CA THR A 51 -12.39 -6.37 13.62
C THR A 51 -11.63 -6.59 12.31
N GLY A 52 -10.40 -6.09 12.24
CA GLY A 52 -9.60 -6.25 11.04
C GLY A 52 -10.26 -5.66 9.82
N LYS A 53 -10.78 -4.44 9.96
CA LYS A 53 -11.45 -3.76 8.85
C LYS A 53 -10.99 -2.31 8.73
N ALA A 54 -10.38 -1.98 7.60
CA ALA A 54 -9.89 -0.64 7.36
C ALA A 54 -11.03 0.30 6.95
N VAL A 55 -11.29 1.30 7.77
CA VAL A 55 -12.35 2.27 7.49
C VAL A 55 -11.83 3.70 7.51
N ASP A 56 -12.69 4.65 7.19
CA ASP A 56 -12.30 6.05 7.16
C ASP A 56 -11.21 6.30 6.14
N ILE A 57 -11.28 5.59 5.02
CA ILE A 57 -10.29 5.75 3.95
C ILE A 57 -10.24 7.18 3.44
N ASN A 58 -9.27 7.94 3.96
CA ASN A 58 -9.10 9.33 3.55
C ASN A 58 -7.68 9.58 3.04
N VAL A 59 -7.57 9.89 1.76
CA VAL A 59 -6.26 10.17 1.15
C VAL A 59 -5.78 11.57 1.51
N VAL A 60 -4.54 11.64 2.00
CA VAL A 60 -3.95 12.91 2.38
C VAL A 60 -3.17 13.52 1.23
N ASP A 61 -2.50 12.67 0.46
CA ASP A 61 -1.71 13.12 -0.68
C ASP A 61 -1.03 11.94 -1.38
N ALA A 62 -0.98 11.99 -2.70
CA ALA A 62 -0.36 10.93 -3.48
C ALA A 62 -0.01 11.41 -4.89
N ASN A 63 1.23 11.18 -5.30
CA ASN A 63 1.69 11.59 -6.62
C ASN A 63 1.43 13.08 -6.85
N PRO A 64 2.06 13.64 -7.89
CA PRO A 64 1.92 15.05 -8.24
C PRO A 64 0.53 15.38 -8.79
N LYS A 65 -0.24 14.34 -9.07
CA LYS A 65 -1.60 14.51 -9.59
C LYS A 65 -2.26 13.16 -9.83
N ARG A 66 -3.40 13.17 -10.52
CA ARG A 66 -4.14 11.96 -10.81
C ARG A 66 -3.25 10.94 -11.53
N MET A 67 -2.68 10.02 -10.77
CA MET A 67 -1.81 8.99 -11.34
C MET A 67 -2.04 7.65 -10.67
N PHE A 68 -1.53 7.50 -9.45
CA PHE A 68 -1.69 6.26 -8.70
C PHE A 68 -2.64 6.45 -7.53
N GLU A 69 -3.29 7.61 -7.47
CA GLU A 69 -4.22 7.92 -6.40
C GLU A 69 -5.41 6.96 -6.43
N ARG A 70 -5.80 6.56 -7.63
CA ARG A 70 -6.93 5.65 -7.79
C ARG A 70 -6.57 4.25 -7.32
N GLU A 71 -5.53 3.67 -7.93
CA GLU A 71 -5.09 2.33 -7.57
C GLU A 71 -4.80 2.23 -6.07
N ALA A 72 -4.33 3.33 -5.49
CA ALA A 72 -4.02 3.38 -4.07
C ALA A 72 -5.29 3.35 -3.22
N MET A 73 -6.24 4.22 -3.57
CA MET A 73 -7.50 4.29 -2.84
C MET A 73 -8.30 3.00 -3.01
N GLN A 74 -8.53 2.62 -4.27
CA GLN A 74 -9.30 1.42 -4.57
C GLN A 74 -8.68 0.20 -3.88
N ALA A 75 -7.36 0.22 -3.72
CA ALA A 75 -6.65 -0.88 -3.09
C ALA A 75 -6.92 -0.89 -1.58
N LEU A 76 -6.58 0.20 -0.91
CA LEU A 76 -6.78 0.31 0.53
C LEU A 76 -8.22 -0.06 0.91
N LYS A 77 -9.16 0.30 0.04
CA LYS A 77 -10.57 0.00 0.29
C LYS A 77 -10.89 -1.45 -0.04
N LYS A 78 -10.18 -2.00 -1.03
CA LYS A 78 -10.38 -3.39 -1.43
C LYS A 78 -9.41 -4.31 -0.70
N TRP A 79 -8.76 -3.78 0.32
CA TRP A 79 -7.80 -4.56 1.10
C TRP A 79 -8.50 -5.28 2.25
N LYS A 80 -7.83 -6.29 2.80
CA LYS A 80 -8.39 -7.07 3.90
C LYS A 80 -7.35 -7.25 5.02
N TYR A 81 -7.75 -6.95 6.25
CA TYR A 81 -6.86 -7.08 7.39
C TYR A 81 -7.41 -8.10 8.39
N GLN A 82 -6.49 -8.81 9.04
CA GLN A 82 -6.88 -9.83 10.02
C GLN A 82 -6.59 -9.34 11.44
N PRO A 83 -7.55 -9.59 12.35
CA PRO A 83 -7.42 -9.20 13.75
C PRO A 83 -6.36 -10.00 14.49
N GLN A 84 -5.10 -9.68 14.24
CA GLN A 84 -3.99 -10.38 14.89
C GLN A 84 -2.81 -9.44 15.11
N ILE A 85 -2.53 -9.14 16.36
CA ILE A 85 -1.42 -8.25 16.70
C ILE A 85 -0.09 -8.98 16.63
N VAL A 86 0.79 -8.52 15.74
CA VAL A 86 2.10 -9.14 15.58
C VAL A 86 3.19 -8.08 15.42
N ASP A 87 4.41 -8.42 15.79
CA ASP A 87 5.54 -7.51 15.68
C ASP A 87 5.62 -6.90 14.28
N GLY A 88 5.27 -5.62 14.18
CA GLY A 88 5.31 -4.95 12.90
C GLY A 88 4.01 -4.24 12.58
N LYS A 89 2.89 -4.94 12.77
CA LYS A 89 1.58 -4.38 12.49
C LYS A 89 0.57 -4.80 13.56
N ALA A 90 -0.44 -3.97 13.78
CA ALA A 90 -1.47 -4.27 14.77
C ALA A 90 -2.86 -3.90 14.24
N ILE A 91 -3.86 -3.98 15.11
CA ILE A 91 -5.23 -3.66 14.74
C ILE A 91 -5.83 -2.62 15.66
N GLU A 92 -7.12 -2.35 15.51
CA GLU A 92 -7.81 -1.38 16.34
C GLU A 92 -6.98 -0.11 16.50
N GLN A 93 -6.28 0.27 15.43
CA GLN A 93 -5.45 1.47 15.45
C GLN A 93 -6.08 2.59 14.64
N PRO A 94 -6.65 3.58 15.35
CA PRO A 94 -7.29 4.73 14.72
C PRO A 94 -6.30 5.66 14.04
N GLY A 95 -5.01 5.39 14.24
CA GLY A 95 -3.97 6.21 13.64
C GLY A 95 -3.02 5.39 12.79
N GLN A 96 -3.50 4.92 11.64
CA GLN A 96 -2.67 4.13 10.73
C GLN A 96 -2.53 4.82 9.38
N THR A 97 -1.30 5.03 8.96
CA THR A 97 -1.03 5.69 7.68
C THR A 97 -0.06 4.85 6.84
N VAL A 98 -0.28 4.86 5.52
CA VAL A 98 0.57 4.12 4.60
C VAL A 98 1.22 5.05 3.59
N THR A 99 2.55 5.20 3.70
CA THR A 99 3.28 6.06 2.79
C THR A 99 4.34 5.27 2.02
N VAL A 100 4.16 5.16 0.71
CA VAL A 100 5.09 4.43 -0.14
C VAL A 100 5.34 5.18 -1.45
N GLU A 101 6.53 4.99 -2.01
CA GLU A 101 6.89 5.64 -3.27
C GLU A 101 6.66 4.71 -4.44
N PHE A 102 6.13 5.26 -5.54
CA PHE A 102 5.86 4.47 -6.73
C PHE A 102 6.99 4.61 -7.74
N LYS A 103 7.66 3.49 -8.02
CA LYS A 103 8.77 3.48 -8.96
C LYS A 103 8.39 2.73 -10.24
N ILE A 104 8.66 3.35 -11.39
CA ILE A 104 8.34 2.75 -12.67
C ILE A 104 9.29 1.60 -12.98
N ALA A 105 8.76 0.55 -13.61
CA ALA A 105 9.56 -0.61 -13.97
C ALA A 105 10.79 -0.20 -14.77
N LYS A 106 11.97 -0.50 -14.24
CA LYS A 106 13.22 -0.16 -14.91
C LYS A 106 13.57 -1.21 -15.95
N ASP A 1 -5.36 -33.17 0.30
CA ASP A 1 -5.49 -34.01 -0.89
C ASP A 1 -5.64 -33.15 -2.14
N HIS A 2 -5.62 -33.79 -3.30
CA HIS A 2 -5.76 -33.08 -4.58
C HIS A 2 -4.58 -32.15 -4.80
N PRO A 3 -4.28 -31.86 -6.07
CA PRO A 3 -3.17 -30.98 -6.46
C PRO A 3 -3.45 -29.53 -6.10
N PHE A 4 -2.42 -28.84 -5.61
CA PHE A 4 -2.56 -27.44 -5.22
C PHE A 4 -1.93 -26.52 -6.28
N THR A 5 -2.76 -26.06 -7.21
CA THR A 5 -2.29 -25.18 -8.27
C THR A 5 -2.07 -23.77 -7.76
N SER A 6 -0.81 -23.34 -7.72
CA SER A 6 -0.47 -22.00 -7.25
C SER A 6 0.54 -21.34 -8.17
N ALA A 7 0.18 -20.19 -8.72
CA ALA A 7 1.04 -19.45 -9.62
C ALA A 7 2.08 -18.65 -8.85
N PRO A 8 3.17 -18.27 -9.54
CA PRO A 8 4.26 -17.50 -8.93
C PRO A 8 3.85 -16.06 -8.61
N THR A 9 4.76 -15.30 -8.01
CA THR A 9 4.49 -13.93 -7.65
C THR A 9 5.75 -13.08 -7.73
N PHE A 10 5.57 -11.76 -7.77
CA PHE A 10 6.70 -10.84 -7.86
C PHE A 10 6.23 -9.39 -7.71
N GLY A 11 6.99 -8.60 -6.94
CA GLY A 11 6.64 -7.22 -6.74
C GLY A 11 6.64 -6.83 -5.27
N ASP A 12 7.43 -5.82 -4.93
CA ASP A 12 7.52 -5.36 -3.55
C ASP A 12 8.42 -4.12 -3.46
N PHE A 13 7.82 -2.99 -3.11
CA PHE A 13 8.56 -1.74 -2.99
C PHE A 13 8.06 -0.93 -1.80
N GLY A 14 8.95 -0.13 -1.21
CA GLY A 14 8.59 0.68 -0.06
C GLY A 14 9.54 0.51 1.10
N SER A 15 10.17 1.61 1.51
CA SER A 15 11.11 1.58 2.61
C SER A 15 10.40 1.74 3.94
N ASN A 16 9.48 2.69 4.01
CA ASN A 16 8.71 2.95 5.22
C ASN A 16 7.34 2.31 5.14
N GLN A 17 7.30 1.03 4.79
CA GLN A 17 6.05 0.29 4.68
C GLN A 17 5.66 -0.33 6.02
N GLN A 18 4.55 0.13 6.58
CA GLN A 18 4.07 -0.38 7.86
C GLN A 18 2.73 -1.07 7.70
N ALA A 19 1.67 -0.29 7.57
CA ALA A 19 0.33 -0.83 7.41
C ALA A 19 0.21 -1.64 6.12
N MET A 20 0.22 -2.96 6.25
CA MET A 20 0.11 -3.85 5.10
C MET A 20 -0.73 -5.07 5.42
N PRO A 21 -1.68 -5.39 4.52
CA PRO A 21 -2.57 -6.54 4.70
C PRO A 21 -1.84 -7.87 4.55
N LEU A 22 -2.62 -8.94 4.40
CA LEU A 22 -2.04 -10.28 4.26
C LEU A 22 -2.26 -10.81 2.84
N TYR A 23 -2.95 -10.03 2.02
CA TYR A 23 -3.23 -10.42 0.64
C TYR A 23 -2.60 -9.45 -0.35
N ARG A 24 -2.25 -8.26 0.15
CA ARG A 24 -1.64 -7.24 -0.69
C ARG A 24 -0.40 -6.65 -0.01
N VAL A 25 0.73 -7.31 -0.18
CA VAL A 25 1.98 -6.86 0.42
C VAL A 25 2.41 -5.52 -0.17
N GLU A 26 1.80 -5.14 -1.28
CA GLU A 26 2.12 -3.88 -1.95
C GLU A 26 0.88 -3.29 -2.63
N PRO A 27 0.90 -1.97 -2.83
CA PRO A 27 -0.21 -1.26 -3.47
C PRO A 27 -0.32 -1.58 -4.96
N VAL A 28 -1.56 -1.69 -5.44
CA VAL A 28 -1.80 -2.00 -6.85
C VAL A 28 -1.28 -0.89 -7.75
N TYR A 29 -0.71 -1.28 -8.89
CA TYR A 29 -0.17 -0.32 -9.84
C TYR A 29 -1.11 -0.10 -11.01
N PRO A 30 -1.19 1.15 -11.49
CA PRO A 30 -2.06 1.52 -12.61
C PRO A 30 -1.58 0.93 -13.93
N SER A 31 -2.13 1.44 -15.04
CA SER A 31 -1.77 0.95 -16.36
C SER A 31 -1.18 2.08 -17.20
N ARG A 32 -1.63 3.30 -16.94
CA ARG A 32 -1.14 4.47 -17.67
C ARG A 32 0.11 5.05 -17.02
N ALA A 33 -0.01 5.41 -15.75
CA ALA A 33 1.11 5.97 -15.01
C ALA A 33 2.33 5.06 -15.07
N LEU A 34 2.08 3.76 -15.24
CA LEU A 34 3.16 2.79 -15.32
C LEU A 34 3.94 2.94 -16.63
N LYS A 35 3.23 2.85 -17.74
CA LYS A 35 3.85 2.98 -19.06
C LYS A 35 4.38 4.40 -19.27
N ARG A 36 3.66 5.38 -18.72
CA ARG A 36 4.06 6.78 -18.85
C ARG A 36 5.52 6.97 -18.42
N GLY A 37 5.77 6.82 -17.12
CA GLY A 37 7.11 6.99 -16.61
C GLY A 37 7.16 7.93 -15.42
N VAL A 38 6.00 8.41 -15.00
CA VAL A 38 5.91 9.33 -13.87
C VAL A 38 6.15 8.60 -12.55
N GLU A 39 7.01 9.16 -11.72
CA GLU A 39 7.32 8.56 -10.42
C GLU A 39 6.97 9.51 -9.28
N GLY A 40 5.77 9.34 -8.73
CA GLY A 40 5.33 10.20 -7.63
C GLY A 40 5.32 9.47 -6.30
N PHE A 41 4.23 9.61 -5.56
CA PHE A 41 4.10 8.98 -4.26
C PHE A 41 2.63 8.68 -3.94
N VAL A 42 2.41 7.92 -2.88
CA VAL A 42 1.06 7.57 -2.46
C VAL A 42 0.92 7.60 -0.94
N THR A 43 0.08 8.51 -0.45
CA THR A 43 -0.14 8.66 0.98
C THR A 43 -1.63 8.63 1.31
N LEU A 44 -2.08 7.53 1.91
CA LEU A 44 -3.48 7.38 2.28
C LEU A 44 -3.65 7.29 3.79
N SER A 45 -4.63 8.01 4.33
CA SER A 45 -4.88 8.01 5.76
C SER A 45 -6.14 7.20 6.08
N PHE A 46 -5.94 6.00 6.61
CA PHE A 46 -7.06 5.13 6.97
C PHE A 46 -6.91 4.61 8.40
N THR A 47 -7.98 4.05 8.93
CA THR A 47 -7.97 3.51 10.29
C THR A 47 -8.34 2.04 10.30
N ILE A 48 -7.63 1.27 11.12
CA ILE A 48 -7.88 -0.17 11.22
C ILE A 48 -8.71 -0.49 12.47
N ASP A 49 -10.00 -0.74 12.26
CA ASP A 49 -10.89 -1.07 13.36
C ASP A 49 -10.42 -2.31 14.10
N THR A 50 -10.68 -2.36 15.41
CA THR A 50 -10.28 -3.49 16.23
C THR A 50 -10.74 -4.81 15.62
N THR A 51 -11.77 -4.73 14.78
CA THR A 51 -12.32 -5.91 14.13
C THR A 51 -11.52 -6.28 12.88
N GLY A 52 -10.28 -5.81 12.83
CA GLY A 52 -9.44 -6.09 11.68
C GLY A 52 -10.06 -5.64 10.37
N LYS A 53 -10.62 -4.44 10.36
CA LYS A 53 -11.26 -3.90 9.17
C LYS A 53 -10.90 -2.43 8.97
N ALA A 54 -10.52 -2.08 7.75
CA ALA A 54 -10.15 -0.70 7.43
C ALA A 54 -11.39 0.14 7.10
N VAL A 55 -11.44 1.34 7.63
CA VAL A 55 -12.57 2.24 7.38
C VAL A 55 -12.13 3.70 7.45
N ASP A 56 -13.01 4.60 7.01
CA ASP A 56 -12.72 6.02 7.02
C ASP A 56 -11.56 6.35 6.10
N ILE A 57 -11.58 5.75 4.90
CA ILE A 57 -10.52 5.99 3.93
C ILE A 57 -10.46 7.45 3.51
N ASN A 58 -9.33 8.10 3.77
CA ASN A 58 -9.15 9.50 3.42
C ASN A 58 -7.72 9.77 2.95
N VAL A 59 -7.59 10.15 1.69
CA VAL A 59 -6.28 10.43 1.10
C VAL A 59 -5.76 11.78 1.57
N VAL A 60 -4.49 11.82 2.00
CA VAL A 60 -3.88 13.05 2.47
C VAL A 60 -3.06 13.71 1.36
N ASP A 61 -2.45 12.89 0.52
CA ASP A 61 -1.64 13.39 -0.58
C ASP A 61 -1.05 12.23 -1.39
N ALA A 62 -1.34 12.22 -2.69
CA ALA A 62 -0.83 11.17 -3.56
C ALA A 62 -0.68 11.68 -5.00
N ASN A 63 0.39 11.26 -5.66
CA ASN A 63 0.67 11.67 -7.04
C ASN A 63 0.71 13.20 -7.14
N PRO A 64 1.26 13.69 -8.25
CA PRO A 64 1.39 15.13 -8.50
C PRO A 64 0.03 15.78 -8.78
N LYS A 65 -0.98 14.96 -8.95
CA LYS A 65 -2.33 15.45 -9.22
C LYS A 65 -3.32 14.29 -9.42
N ARG A 66 -2.85 13.26 -10.12
CA ARG A 66 -3.68 12.09 -10.39
C ARG A 66 -2.93 11.07 -11.24
N MET A 67 -2.38 10.05 -10.58
CA MET A 67 -1.64 9.00 -11.28
C MET A 67 -1.84 7.65 -10.61
N PHE A 68 -1.46 7.57 -9.34
CA PHE A 68 -1.60 6.32 -8.58
C PHE A 68 -2.63 6.48 -7.47
N GLU A 69 -3.40 7.55 -7.53
CA GLU A 69 -4.43 7.82 -6.53
C GLU A 69 -5.53 6.78 -6.60
N ARG A 70 -6.10 6.60 -7.80
CA ARG A 70 -7.18 5.64 -8.00
C ARG A 70 -6.75 4.24 -7.58
N GLU A 71 -5.49 3.91 -7.87
CA GLU A 71 -4.94 2.60 -7.53
C GLU A 71 -4.67 2.50 -6.03
N ALA A 72 -4.26 3.62 -5.44
CA ALA A 72 -3.95 3.66 -4.01
C ALA A 72 -5.22 3.57 -3.18
N MET A 73 -6.25 4.31 -3.60
CA MET A 73 -7.53 4.31 -2.89
C MET A 73 -8.24 2.98 -3.04
N GLN A 74 -8.43 2.56 -4.29
CA GLN A 74 -9.11 1.30 -4.57
C GLN A 74 -8.39 0.13 -3.89
N ALA A 75 -7.08 0.25 -3.74
CA ALA A 75 -6.29 -0.79 -3.11
C ALA A 75 -6.60 -0.88 -1.62
N LEU A 76 -6.50 0.24 -0.93
CA LEU A 76 -6.77 0.28 0.51
C LEU A 76 -8.11 -0.38 0.83
N LYS A 77 -9.06 -0.26 -0.10
CA LYS A 77 -10.38 -0.84 0.08
C LYS A 77 -10.35 -2.34 -0.20
N LYS A 78 -10.02 -2.71 -1.43
CA LYS A 78 -9.97 -4.11 -1.83
C LYS A 78 -9.08 -4.90 -0.88
N TRP A 79 -8.10 -4.23 -0.29
CA TRP A 79 -7.18 -4.87 0.65
C TRP A 79 -7.94 -5.62 1.73
N LYS A 80 -7.23 -6.48 2.46
CA LYS A 80 -7.85 -7.28 3.52
C LYS A 80 -6.90 -7.42 4.71
N TYR A 81 -7.31 -6.89 5.85
CA TYR A 81 -6.49 -6.97 7.06
C TYR A 81 -7.13 -7.90 8.09
N GLN A 82 -6.29 -8.63 8.81
CA GLN A 82 -6.77 -9.55 9.84
C GLN A 82 -6.58 -8.97 11.23
N PRO A 83 -7.59 -9.12 12.08
CA PRO A 83 -7.56 -8.62 13.46
C PRO A 83 -6.58 -9.39 14.34
N GLN A 84 -6.11 -10.54 13.83
CA GLN A 84 -5.17 -11.38 14.57
C GLN A 84 -3.96 -10.56 15.02
N ILE A 85 -3.85 -10.36 16.33
CA ILE A 85 -2.74 -9.60 16.89
C ILE A 85 -1.50 -10.47 17.03
N VAL A 86 -0.47 -10.14 16.27
CA VAL A 86 0.78 -10.90 16.31
C VAL A 86 1.98 -9.97 16.49
N ASP A 87 3.05 -10.50 17.07
CA ASP A 87 4.26 -9.72 17.31
C ASP A 87 4.71 -9.01 16.03
N GLY A 88 4.55 -7.70 15.99
CA GLY A 88 4.95 -6.94 14.82
C GLY A 88 3.86 -5.99 14.35
N LYS A 89 2.62 -6.48 14.30
CA LYS A 89 1.50 -5.68 13.86
C LYS A 89 0.25 -6.00 14.68
N ALA A 90 -0.37 -4.95 15.24
CA ALA A 90 -1.57 -5.12 16.05
C ALA A 90 -2.75 -4.39 15.44
N ILE A 91 -3.85 -4.33 16.17
CA ILE A 91 -5.05 -3.65 15.70
C ILE A 91 -5.41 -2.47 16.60
N GLU A 92 -6.53 -1.81 16.30
CA GLU A 92 -6.97 -0.67 17.09
C GLU A 92 -6.01 0.51 16.92
N GLN A 93 -5.96 1.05 15.71
CA GLN A 93 -5.08 2.17 15.42
C GLN A 93 -5.77 3.16 14.49
N PRO A 94 -6.36 4.22 15.07
CA PRO A 94 -7.06 5.26 14.30
C PRO A 94 -6.10 6.12 13.49
N GLY A 95 -4.80 5.93 13.72
CA GLY A 95 -3.80 6.71 13.00
C GLY A 95 -2.89 5.83 12.15
N GLN A 96 -3.48 5.09 11.23
CA GLN A 96 -2.72 4.21 10.36
C GLN A 96 -2.52 4.84 8.99
N THR A 97 -1.34 5.42 8.77
CA THR A 97 -1.02 6.07 7.51
C THR A 97 0.01 5.26 6.73
N VAL A 98 -0.20 5.16 5.42
CA VAL A 98 0.71 4.41 4.55
C VAL A 98 1.30 5.30 3.47
N THR A 99 2.62 5.44 3.48
CA THR A 99 3.30 6.27 2.50
C THR A 99 4.33 5.46 1.71
N VAL A 100 4.09 5.34 0.41
CA VAL A 100 5.00 4.59 -0.46
C VAL A 100 5.23 5.32 -1.78
N GLU A 101 6.49 5.52 -2.12
CA GLU A 101 6.86 6.21 -3.36
C GLU A 101 6.65 5.30 -4.57
N PHE A 102 5.99 5.82 -5.59
CA PHE A 102 5.73 5.06 -6.80
C PHE A 102 6.78 5.36 -7.86
N LYS A 103 7.56 4.35 -8.21
CA LYS A 103 8.60 4.49 -9.22
C LYS A 103 8.37 3.53 -10.39
N ILE A 104 8.64 4.02 -11.60
CA ILE A 104 8.46 3.20 -12.80
C ILE A 104 9.74 2.46 -13.15
N ALA A 105 9.61 1.21 -13.57
CA ALA A 105 10.75 0.39 -13.94
C ALA A 105 11.57 1.07 -15.05
N LYS A 106 12.89 1.08 -14.87
CA LYS A 106 13.78 1.69 -15.84
C LYS A 106 14.66 0.64 -16.51
N ASP A 1 -12.21 -28.79 -0.34
CA ASP A 1 -11.21 -29.60 0.33
C ASP A 1 -9.89 -28.85 0.47
N HIS A 2 -9.98 -27.51 0.49
CA HIS A 2 -8.80 -26.67 0.60
C HIS A 2 -7.81 -26.96 -0.52
N PRO A 3 -8.17 -26.53 -1.74
CA PRO A 3 -7.33 -26.73 -2.92
C PRO A 3 -6.07 -25.87 -2.89
N PHE A 4 -5.23 -26.03 -3.91
CA PHE A 4 -3.98 -25.27 -4.00
C PHE A 4 -4.13 -24.09 -4.94
N THR A 5 -3.34 -23.04 -4.71
CA THR A 5 -3.38 -21.85 -5.54
C THR A 5 -2.07 -21.65 -6.29
N SER A 6 -2.04 -20.65 -7.16
CA SER A 6 -0.83 -20.36 -7.94
C SER A 6 -0.93 -18.97 -8.58
N ALA A 7 0.05 -18.13 -8.29
CA ALA A 7 0.08 -16.78 -8.83
C ALA A 7 1.32 -16.03 -8.36
N PRO A 8 1.43 -15.84 -7.03
CA PRO A 8 2.55 -15.13 -6.42
C PRO A 8 3.85 -15.93 -6.51
N THR A 9 4.95 -15.23 -6.84
CA THR A 9 6.25 -15.87 -6.96
C THR A 9 6.98 -15.88 -5.63
N PHE A 10 7.36 -14.69 -5.16
CA PHE A 10 8.08 -14.56 -3.89
C PHE A 10 7.46 -13.48 -3.02
N GLY A 11 8.08 -13.20 -1.89
CA GLY A 11 7.57 -12.18 -0.99
C GLY A 11 8.68 -11.54 -0.17
N ASP A 12 8.34 -10.46 0.54
CA ASP A 12 9.31 -9.75 1.37
C ASP A 12 8.62 -9.11 2.57
N PHE A 13 9.23 -9.26 3.74
CA PHE A 13 8.68 -8.69 4.97
C PHE A 13 9.79 -8.29 5.93
N GLY A 14 9.75 -7.03 6.37
CA GLY A 14 10.76 -6.54 7.30
C GLY A 14 11.18 -5.12 6.98
N SER A 15 11.27 -4.80 5.69
CA SER A 15 11.67 -3.47 5.26
C SER A 15 10.62 -2.43 5.65
N ASN A 16 9.35 -2.78 5.47
CA ASN A 16 8.26 -1.88 5.81
C ASN A 16 7.42 -2.45 6.94
N GLN A 17 6.93 -1.57 7.81
CA GLN A 17 6.11 -1.99 8.95
C GLN A 17 4.89 -1.08 9.10
N GLN A 18 4.36 -0.61 7.97
CA GLN A 18 3.20 0.28 7.98
C GLN A 18 1.91 -0.53 7.84
N ALA A 19 0.78 0.17 7.82
CA ALA A 19 -0.52 -0.47 7.69
C ALA A 19 -0.63 -1.22 6.37
N MET A 20 -0.52 -2.55 6.43
CA MET A 20 -0.60 -3.39 5.25
C MET A 20 -1.36 -4.68 5.54
N PRO A 21 -2.23 -5.08 4.61
CA PRO A 21 -3.03 -6.30 4.75
C PRO A 21 -2.19 -7.56 4.64
N LEU A 22 -2.85 -8.70 4.45
CA LEU A 22 -2.16 -9.98 4.34
C LEU A 22 -2.34 -10.57 2.94
N TYR A 23 -3.08 -9.86 2.09
CA TYR A 23 -3.32 -10.31 0.73
C TYR A 23 -2.73 -9.34 -0.29
N ARG A 24 -2.46 -8.11 0.17
CA ARG A 24 -1.89 -7.09 -0.70
C ARG A 24 -0.70 -6.41 -0.03
N VAL A 25 0.47 -7.05 -0.12
CA VAL A 25 1.68 -6.53 0.48
C VAL A 25 1.98 -5.12 -0.05
N GLU A 26 1.61 -4.87 -1.30
CA GLU A 26 1.83 -3.57 -1.92
C GLU A 26 0.58 -3.08 -2.64
N PRO A 27 0.49 -1.76 -2.86
CA PRO A 27 -0.64 -1.14 -3.54
C PRO A 27 -0.70 -1.49 -5.02
N VAL A 28 -1.91 -1.65 -5.54
CA VAL A 28 -2.09 -1.99 -6.95
C VAL A 28 -1.52 -0.90 -7.85
N TYR A 29 -0.95 -1.31 -8.98
CA TYR A 29 -0.36 -0.39 -9.93
C TYR A 29 -1.28 -0.17 -11.13
N PRO A 30 -1.38 1.09 -11.58
CA PRO A 30 -2.22 1.45 -12.73
C PRO A 30 -1.66 0.92 -14.05
N SER A 31 -2.19 1.43 -15.15
CA SER A 31 -1.75 1.01 -16.48
C SER A 31 -1.16 2.18 -17.25
N ARG A 32 -1.66 3.37 -16.98
CA ARG A 32 -1.19 4.58 -17.65
C ARG A 32 0.02 5.18 -16.92
N ALA A 33 -0.17 5.48 -15.63
CA ALA A 33 0.91 6.05 -14.82
C ALA A 33 2.16 5.19 -14.89
N LEU A 34 1.98 3.89 -15.12
CA LEU A 34 3.10 2.96 -15.21
C LEU A 34 3.95 3.25 -16.45
N LYS A 35 3.29 3.56 -17.56
CA LYS A 35 3.98 3.85 -18.81
C LYS A 35 4.41 5.32 -18.85
N ARG A 36 3.81 6.13 -17.98
CA ARG A 36 4.13 7.55 -17.93
C ARG A 36 5.64 7.76 -17.82
N GLY A 37 6.21 7.39 -16.68
CA GLY A 37 7.64 7.55 -16.47
C GLY A 37 7.95 8.30 -15.18
N VAL A 38 6.91 8.62 -14.41
CA VAL A 38 7.08 9.34 -13.15
C VAL A 38 6.99 8.39 -11.97
N GLU A 39 7.74 8.70 -10.91
CA GLU A 39 7.75 7.87 -9.71
C GLU A 39 7.19 8.65 -8.52
N GLY A 40 5.90 8.97 -8.57
CA GLY A 40 5.27 9.70 -7.50
C GLY A 40 5.15 8.88 -6.22
N PHE A 41 4.61 9.49 -5.18
CA PHE A 41 4.44 8.82 -3.90
C PHE A 41 2.99 8.86 -3.44
N VAL A 42 2.51 7.73 -2.92
CA VAL A 42 1.14 7.64 -2.44
C VAL A 42 1.08 7.62 -0.92
N THR A 43 0.10 8.32 -0.35
CA THR A 43 -0.06 8.39 1.09
C THR A 43 -1.53 8.42 1.48
N LEU A 44 -2.04 7.29 1.98
CA LEU A 44 -3.43 7.19 2.39
C LEU A 44 -3.54 6.98 3.90
N SER A 45 -4.50 7.65 4.53
CA SER A 45 -4.71 7.54 5.96
C SER A 45 -6.06 6.90 6.27
N PHE A 46 -6.03 5.75 6.93
CA PHE A 46 -7.25 5.04 7.29
C PHE A 46 -7.16 4.46 8.70
N THR A 47 -8.29 4.03 9.23
CA THR A 47 -8.34 3.45 10.57
C THR A 47 -8.62 1.95 10.51
N ILE A 48 -7.88 1.18 11.32
CA ILE A 48 -8.05 -0.25 11.35
C ILE A 48 -8.88 -0.68 12.56
N ASP A 49 -10.14 -1.00 12.33
CA ASP A 49 -11.05 -1.43 13.40
C ASP A 49 -10.52 -2.69 14.08
N THR A 50 -10.77 -2.79 15.38
CA THR A 50 -10.32 -3.95 16.15
C THR A 50 -10.77 -5.25 15.50
N THR A 51 -11.83 -5.18 14.69
CA THR A 51 -12.36 -6.34 14.02
C THR A 51 -11.68 -6.54 12.66
N GLY A 52 -10.48 -6.00 12.52
CA GLY A 52 -9.74 -6.14 11.28
C GLY A 52 -10.48 -5.53 10.09
N LYS A 53 -10.98 -4.31 10.28
CA LYS A 53 -11.71 -3.62 9.23
C LYS A 53 -11.01 -2.31 8.85
N ALA A 54 -11.08 -1.95 7.58
CA ALA A 54 -10.47 -0.73 7.09
C ALA A 54 -11.52 0.30 6.70
N VAL A 55 -11.66 1.34 7.53
CA VAL A 55 -12.64 2.39 7.26
C VAL A 55 -12.00 3.77 7.36
N ASP A 56 -12.81 4.81 7.25
CA ASP A 56 -12.33 6.18 7.32
C ASP A 56 -11.18 6.41 6.33
N ILE A 57 -11.35 5.91 5.13
CA ILE A 57 -10.34 6.06 4.09
C ILE A 57 -10.21 7.52 3.65
N ASN A 58 -9.04 8.10 3.92
CA ASN A 58 -8.78 9.49 3.55
C ASN A 58 -7.33 9.68 3.12
N VAL A 59 -7.14 10.02 1.84
CA VAL A 59 -5.81 10.24 1.30
C VAL A 59 -5.36 11.67 1.51
N VAL A 60 -4.20 11.84 2.13
CA VAL A 60 -3.64 13.16 2.39
C VAL A 60 -2.81 13.65 1.21
N ASP A 61 -2.15 12.72 0.53
CA ASP A 61 -1.32 13.06 -0.62
C ASP A 61 -1.09 11.84 -1.50
N ALA A 62 -1.49 11.94 -2.77
CA ALA A 62 -1.32 10.84 -3.72
C ALA A 62 -0.71 11.33 -5.02
N ASN A 63 0.60 11.15 -5.16
CA ASN A 63 1.31 11.57 -6.36
C ASN A 63 1.06 13.06 -6.65
N PRO A 64 1.83 13.61 -7.60
CA PRO A 64 1.72 15.02 -7.98
C PRO A 64 0.41 15.32 -8.70
N LYS A 65 -0.35 14.27 -9.01
CA LYS A 65 -1.62 14.43 -9.70
C LYS A 65 -2.30 13.08 -9.91
N ARG A 66 -3.37 13.06 -10.69
CA ARG A 66 -4.11 11.83 -10.96
C ARG A 66 -3.22 10.81 -11.67
N MET A 67 -2.60 9.93 -10.88
CA MET A 67 -1.73 8.90 -11.43
C MET A 67 -2.02 7.55 -10.80
N PHE A 68 -1.64 7.39 -9.53
CA PHE A 68 -1.85 6.15 -8.81
C PHE A 68 -2.77 6.36 -7.61
N GLU A 69 -3.51 7.47 -7.63
CA GLU A 69 -4.43 7.80 -6.55
C GLU A 69 -5.60 6.82 -6.53
N ARG A 70 -6.21 6.61 -7.68
CA ARG A 70 -7.34 5.70 -7.80
C ARG A 70 -6.94 4.28 -7.43
N GLU A 71 -5.81 3.83 -7.95
CA GLU A 71 -5.31 2.49 -7.68
C GLU A 71 -5.07 2.30 -6.18
N ALA A 72 -4.47 3.31 -5.56
CA ALA A 72 -4.17 3.24 -4.13
C ALA A 72 -5.45 3.33 -3.30
N MET A 73 -6.32 4.26 -3.66
CA MET A 73 -7.59 4.44 -2.95
C MET A 73 -8.45 3.19 -3.06
N GLN A 74 -8.66 2.72 -4.29
CA GLN A 74 -9.47 1.53 -4.52
C GLN A 74 -8.82 0.30 -3.90
N ALA A 75 -7.50 0.30 -3.83
CA ALA A 75 -6.76 -0.82 -3.26
C ALA A 75 -7.09 -0.99 -1.77
N LEU A 76 -7.00 0.10 -1.03
CA LEU A 76 -7.30 0.07 0.40
C LEU A 76 -8.64 -0.57 0.67
N LYS A 77 -9.55 -0.46 -0.28
CA LYS A 77 -10.89 -1.03 -0.16
C LYS A 77 -10.85 -2.54 -0.42
N LYS A 78 -10.48 -2.92 -1.63
CA LYS A 78 -10.40 -4.33 -2.00
C LYS A 78 -9.49 -5.09 -1.05
N TRP A 79 -8.57 -4.38 -0.42
CA TRP A 79 -7.63 -4.98 0.52
C TRP A 79 -8.37 -5.77 1.60
N LYS A 80 -7.64 -6.57 2.35
CA LYS A 80 -8.23 -7.38 3.42
C LYS A 80 -7.30 -7.42 4.64
N TYR A 81 -7.80 -6.93 5.77
CA TYR A 81 -7.03 -6.92 7.00
C TYR A 81 -7.64 -7.86 8.04
N GLN A 82 -6.79 -8.63 8.70
CA GLN A 82 -7.23 -9.57 9.73
C GLN A 82 -6.82 -9.11 11.12
N PRO A 83 -7.72 -9.28 12.09
CA PRO A 83 -7.46 -8.90 13.48
C PRO A 83 -6.41 -9.77 14.15
N GLN A 84 -5.16 -9.59 13.77
CA GLN A 84 -4.06 -10.39 14.33
C GLN A 84 -2.98 -9.47 14.91
N ILE A 85 -2.80 -9.54 16.23
CA ILE A 85 -1.80 -8.72 16.90
C ILE A 85 -0.46 -9.44 16.97
N VAL A 86 0.55 -8.88 16.30
CA VAL A 86 1.88 -9.46 16.27
C VAL A 86 2.95 -8.39 16.22
N ASP A 87 4.13 -8.71 16.73
CA ASP A 87 5.24 -7.77 16.74
C ASP A 87 5.48 -7.20 15.34
N GLY A 88 5.13 -5.92 15.17
CA GLY A 88 5.32 -5.28 13.88
C GLY A 88 4.01 -4.79 13.29
N LYS A 89 2.95 -5.55 13.50
CA LYS A 89 1.63 -5.20 12.99
C LYS A 89 0.53 -5.66 13.95
N ALA A 90 -0.25 -4.70 14.44
CA ALA A 90 -1.34 -5.00 15.36
C ALA A 90 -2.64 -4.34 14.90
N ILE A 91 -3.68 -4.48 15.72
CA ILE A 91 -4.98 -3.89 15.40
C ILE A 91 -5.37 -2.82 16.41
N GLU A 92 -6.52 -2.20 16.20
CA GLU A 92 -7.00 -1.16 17.09
C GLU A 92 -6.10 0.08 17.02
N GLN A 93 -6.15 0.76 15.88
CA GLN A 93 -5.34 1.96 15.68
C GLN A 93 -6.02 2.92 14.70
N PRO A 94 -6.72 3.92 15.26
CA PRO A 94 -7.43 4.93 14.45
C PRO A 94 -6.47 5.86 13.72
N GLY A 95 -5.18 5.72 14.02
CA GLY A 95 -4.19 6.57 13.36
C GLY A 95 -3.18 5.76 12.57
N GLN A 96 -3.59 5.28 11.40
CA GLN A 96 -2.71 4.49 10.55
C GLN A 96 -2.45 5.20 9.22
N THR A 97 -1.21 5.18 8.77
CA THR A 97 -0.84 5.82 7.52
C THR A 97 0.09 4.92 6.70
N VAL A 98 -0.19 4.85 5.40
CA VAL A 98 0.62 4.03 4.49
C VAL A 98 1.26 4.88 3.40
N THR A 99 2.57 4.99 3.43
CA THR A 99 3.30 5.76 2.44
C THR A 99 4.33 4.91 1.71
N VAL A 100 4.19 4.81 0.40
CA VAL A 100 5.10 4.02 -0.43
C VAL A 100 5.45 4.75 -1.71
N GLU A 101 6.71 4.63 -2.12
CA GLU A 101 7.18 5.27 -3.35
C GLU A 101 6.89 4.41 -4.58
N PHE A 102 6.08 4.94 -5.48
CA PHE A 102 5.72 4.21 -6.70
C PHE A 102 6.84 4.32 -7.74
N LYS A 103 7.48 3.19 -8.03
CA LYS A 103 8.56 3.16 -9.01
C LYS A 103 8.09 2.56 -10.32
N ILE A 104 8.48 3.18 -11.43
CA ILE A 104 8.10 2.70 -12.76
C ILE A 104 8.90 1.47 -13.15
N ALA A 105 8.25 0.53 -13.81
CA ALA A 105 8.91 -0.69 -14.26
C ALA A 105 9.43 -1.50 -13.07
N LYS A 106 8.53 -1.85 -12.16
CA LYS A 106 8.89 -2.63 -10.98
C LYS A 106 9.46 -3.99 -11.37
N ASP A 1 23.66 -26.91 23.82
CA ASP A 1 22.97 -28.02 24.45
C ASP A 1 22.51 -29.04 23.41
N HIS A 2 21.59 -28.61 22.55
CA HIS A 2 21.07 -29.48 21.50
C HIS A 2 21.19 -28.83 20.13
N PRO A 3 21.20 -29.64 19.07
CA PRO A 3 21.31 -29.16 17.69
C PRO A 3 20.06 -28.42 17.23
N PHE A 4 20.21 -27.14 16.95
CA PHE A 4 19.08 -26.32 16.50
C PHE A 4 19.55 -24.92 16.11
N THR A 5 19.14 -24.47 14.93
CA THR A 5 19.51 -23.15 14.44
C THR A 5 18.45 -22.58 13.51
N SER A 6 17.86 -21.46 13.91
CA SER A 6 16.82 -20.81 13.13
C SER A 6 17.35 -20.39 11.76
N ALA A 7 18.66 -20.16 11.69
CA ALA A 7 19.30 -19.75 10.45
C ALA A 7 18.77 -18.40 9.98
N PRO A 8 19.20 -17.32 10.66
CA PRO A 8 18.79 -15.96 10.33
C PRO A 8 19.38 -15.47 9.02
N THR A 9 18.78 -15.90 7.91
CA THR A 9 19.25 -15.50 6.59
C THR A 9 18.16 -14.77 5.82
N PHE A 10 17.89 -13.54 6.22
CA PHE A 10 16.86 -12.72 5.57
C PHE A 10 17.44 -11.39 5.12
N GLY A 11 16.80 -10.78 4.12
CA GLY A 11 17.27 -9.51 3.61
C GLY A 11 16.16 -8.46 3.56
N ASP A 12 15.35 -8.42 4.60
CA ASP A 12 14.25 -7.47 4.67
C ASP A 12 14.64 -6.25 5.51
N PHE A 13 15.60 -5.48 5.00
CA PHE A 13 16.07 -4.29 5.71
C PHE A 13 15.09 -3.13 5.52
N GLY A 14 13.86 -3.34 5.96
CA GLY A 14 12.84 -2.31 5.84
C GLY A 14 12.68 -1.49 7.11
N SER A 15 13.31 -0.33 7.15
CA SER A 15 13.24 0.54 8.32
C SER A 15 11.86 1.19 8.44
N ASN A 16 11.18 1.33 7.31
CA ASN A 16 9.85 1.92 7.27
C ASN A 16 8.77 0.84 7.32
N GLN A 17 8.05 0.79 8.44
CA GLN A 17 6.98 -0.19 8.61
C GLN A 17 5.62 0.49 8.68
N GLN A 18 4.83 0.35 7.61
CA GLN A 18 3.51 0.95 7.56
C GLN A 18 2.42 -0.11 7.72
N ALA A 19 1.17 0.31 7.54
CA ALA A 19 0.04 -0.61 7.66
C ALA A 19 -0.26 -1.29 6.32
N MET A 20 0.13 -2.55 6.21
CA MET A 20 -0.09 -3.32 4.99
C MET A 20 -0.88 -4.59 5.28
N PRO A 21 -1.78 -4.97 4.36
CA PRO A 21 -2.60 -6.17 4.50
C PRO A 21 -1.79 -7.45 4.37
N LEU A 22 -2.49 -8.57 4.15
CA LEU A 22 -1.83 -9.86 4.01
C LEU A 22 -2.27 -10.55 2.72
N TYR A 23 -3.05 -9.85 1.91
CA TYR A 23 -3.53 -10.40 0.66
C TYR A 23 -3.10 -9.53 -0.52
N ARG A 24 -2.94 -8.23 -0.26
CA ARG A 24 -2.52 -7.29 -1.29
C ARG A 24 -1.36 -6.42 -0.81
N VAL A 25 -0.15 -6.96 -0.87
CA VAL A 25 1.04 -6.23 -0.43
C VAL A 25 1.33 -5.06 -1.36
N GLU A 26 1.60 -3.90 -0.78
CA GLU A 26 1.89 -2.70 -1.55
C GLU A 26 0.70 -2.30 -2.41
N PRO A 27 0.65 -1.01 -2.77
CA PRO A 27 -0.44 -0.46 -3.59
C PRO A 27 -0.38 -0.95 -5.03
N VAL A 28 -1.54 -1.33 -5.57
CA VAL A 28 -1.61 -1.82 -6.95
C VAL A 28 -1.13 -0.77 -7.93
N TYR A 29 -0.32 -1.20 -8.90
CA TYR A 29 0.21 -0.29 -9.90
C TYR A 29 -0.79 -0.09 -11.04
N PRO A 30 -0.92 1.17 -11.50
CA PRO A 30 -1.83 1.52 -12.59
C PRO A 30 -1.39 0.96 -13.93
N SER A 31 -1.97 1.48 -15.01
CA SER A 31 -1.64 1.02 -16.35
C SER A 31 -1.03 2.16 -17.17
N ARG A 32 -1.44 3.39 -16.87
CA ARG A 32 -0.95 4.56 -17.59
C ARG A 32 0.33 5.08 -16.93
N ALA A 33 0.20 5.58 -15.71
CA ALA A 33 1.34 6.11 -14.97
C ALA A 33 2.48 5.09 -14.91
N LEU A 34 2.12 3.82 -14.97
CA LEU A 34 3.12 2.75 -14.92
C LEU A 34 4.02 2.78 -16.14
N LYS A 35 3.42 2.71 -17.33
CA LYS A 35 4.17 2.73 -18.57
C LYS A 35 4.68 4.14 -18.86
N ARG A 36 3.99 5.14 -18.34
CA ARG A 36 4.38 6.53 -18.55
C ARG A 36 5.85 6.74 -18.19
N GLY A 37 6.14 6.71 -16.90
CA GLY A 37 7.51 6.91 -16.45
C GLY A 37 7.60 7.89 -15.29
N VAL A 38 6.46 8.39 -14.85
CA VAL A 38 6.42 9.35 -13.75
C VAL A 38 6.46 8.63 -12.41
N GLU A 39 7.22 9.18 -11.47
CA GLU A 39 7.35 8.60 -10.14
C GLU A 39 6.94 9.61 -9.07
N GLY A 40 5.71 9.48 -8.58
CA GLY A 40 5.23 10.38 -7.55
C GLY A 40 5.24 9.74 -6.17
N PHE A 41 4.27 10.13 -5.34
CA PHE A 41 4.17 9.60 -3.99
C PHE A 41 2.71 9.49 -3.55
N VAL A 42 2.35 8.35 -3.00
CA VAL A 42 0.98 8.11 -2.53
C VAL A 42 0.90 8.12 -1.01
N THR A 43 -0.06 8.84 -0.47
CA THR A 43 -0.25 8.92 0.97
C THR A 43 -1.72 8.85 1.34
N LEU A 44 -2.14 7.72 1.90
CA LEU A 44 -3.52 7.53 2.29
C LEU A 44 -3.63 7.34 3.81
N SER A 45 -4.63 7.97 4.41
CA SER A 45 -4.84 7.88 5.85
C SER A 45 -6.14 7.15 6.16
N PHE A 46 -6.05 6.06 6.91
CA PHE A 46 -7.22 5.28 7.29
C PHE A 46 -7.08 4.70 8.69
N THR A 47 -8.18 4.20 9.24
CA THR A 47 -8.16 3.61 10.57
C THR A 47 -8.48 2.12 10.52
N ILE A 48 -7.77 1.35 11.33
CA ILE A 48 -7.97 -0.10 11.38
C ILE A 48 -8.78 -0.49 12.62
N ASP A 49 -10.06 -0.77 12.41
CA ASP A 49 -10.95 -1.17 13.50
C ASP A 49 -10.39 -2.38 14.23
N THR A 50 -10.63 -2.44 15.54
CA THR A 50 -10.15 -3.55 16.36
C THR A 50 -10.56 -4.89 15.75
N THR A 51 -11.63 -4.88 14.96
CA THR A 51 -12.12 -6.09 14.33
C THR A 51 -11.44 -6.32 12.98
N GLY A 52 -10.26 -5.74 12.82
CA GLY A 52 -9.52 -5.90 11.57
C GLY A 52 -10.29 -5.38 10.38
N LYS A 53 -10.82 -4.17 10.50
CA LYS A 53 -11.59 -3.55 9.42
C LYS A 53 -11.05 -2.16 9.09
N ALA A 54 -10.59 -1.99 7.86
CA ALA A 54 -10.05 -0.71 7.42
C ALA A 54 -11.15 0.18 6.84
N VAL A 55 -11.44 1.28 7.53
CA VAL A 55 -12.47 2.21 7.08
C VAL A 55 -11.98 3.65 7.16
N ASP A 56 -12.87 4.60 6.88
CA ASP A 56 -12.52 6.01 6.93
C ASP A 56 -11.37 6.32 5.98
N ILE A 57 -11.36 5.64 4.84
CA ILE A 57 -10.30 5.85 3.84
C ILE A 57 -10.28 7.30 3.36
N ASN A 58 -9.22 8.01 3.73
CA ASN A 58 -9.07 9.40 3.34
C ASN A 58 -7.63 9.70 2.92
N VAL A 59 -7.44 10.04 1.65
CA VAL A 59 -6.11 10.34 1.13
C VAL A 59 -5.77 11.81 1.33
N VAL A 60 -4.61 12.06 1.93
CA VAL A 60 -4.16 13.42 2.20
C VAL A 60 -3.37 13.97 1.01
N ASP A 61 -2.71 13.09 0.27
CA ASP A 61 -1.92 13.48 -0.89
C ASP A 61 -1.42 12.27 -1.65
N ALA A 62 -1.76 12.19 -2.93
CA ALA A 62 -1.34 11.07 -3.77
C ALA A 62 -1.03 11.54 -5.19
N ASN A 63 0.25 11.48 -5.56
CA ASN A 63 0.68 11.90 -6.89
C ASN A 63 0.12 13.28 -7.24
N PRO A 64 0.68 13.91 -8.28
CA PRO A 64 0.26 15.23 -8.73
C PRO A 64 -1.13 15.20 -9.37
N LYS A 65 -1.45 14.11 -10.05
CA LYS A 65 -2.74 13.96 -10.71
C LYS A 65 -3.15 12.50 -10.77
N ARG A 66 -4.16 12.20 -11.59
CA ARG A 66 -4.64 10.84 -11.75
C ARG A 66 -3.55 9.92 -12.27
N MET A 67 -2.79 9.33 -11.36
CA MET A 67 -1.70 8.44 -11.72
C MET A 67 -1.76 7.14 -10.92
N PHE A 68 -1.47 7.23 -9.62
CA PHE A 68 -1.49 6.07 -8.75
C PHE A 68 -2.55 6.23 -7.66
N GLU A 69 -2.98 7.47 -7.44
CA GLU A 69 -3.98 7.77 -6.43
C GLU A 69 -5.18 6.84 -6.57
N ARG A 70 -5.76 6.80 -7.77
CA ARG A 70 -6.92 5.96 -8.04
C ARG A 70 -6.63 4.50 -7.68
N GLU A 71 -5.37 4.09 -7.87
CA GLU A 71 -4.97 2.73 -7.57
C GLU A 71 -4.84 2.52 -6.06
N ALA A 72 -4.16 3.45 -5.39
CA ALA A 72 -3.96 3.37 -3.95
C ALA A 72 -5.30 3.45 -3.22
N MET A 73 -6.17 4.34 -3.67
CA MET A 73 -7.48 4.51 -3.05
C MET A 73 -8.31 3.23 -3.18
N GLN A 74 -8.45 2.74 -4.40
CA GLN A 74 -9.21 1.52 -4.65
C GLN A 74 -8.56 0.32 -3.99
N ALA A 75 -7.23 0.33 -3.91
CA ALA A 75 -6.49 -0.76 -3.30
C ALA A 75 -6.69 -0.78 -1.79
N LEU A 76 -6.39 0.36 -1.15
CA LEU A 76 -6.53 0.47 0.30
C LEU A 76 -7.92 0.02 0.75
N LYS A 77 -8.92 0.36 -0.04
CA LYS A 77 -10.31 -0.01 0.27
C LYS A 77 -10.57 -1.47 -0.07
N LYS A 78 -9.94 -1.95 -1.14
CA LYS A 78 -10.10 -3.33 -1.58
C LYS A 78 -9.11 -4.24 -0.86
N TRP A 79 -8.41 -3.69 0.13
CA TRP A 79 -7.44 -4.47 0.89
C TRP A 79 -8.12 -5.21 2.03
N LYS A 80 -7.43 -6.22 2.56
CA LYS A 80 -7.95 -7.02 3.66
C LYS A 80 -6.94 -7.11 4.80
N TYR A 81 -7.40 -6.79 6.01
CA TYR A 81 -6.53 -6.84 7.18
C TYR A 81 -7.12 -7.77 8.25
N GLN A 82 -6.32 -8.74 8.68
CA GLN A 82 -6.75 -9.69 9.69
C GLN A 82 -6.50 -9.14 11.10
N PRO A 83 -7.50 -9.29 11.97
CA PRO A 83 -7.41 -8.81 13.36
C PRO A 83 -6.43 -9.63 14.19
N GLN A 84 -5.97 -10.74 13.62
CA GLN A 84 -5.03 -11.62 14.32
C GLN A 84 -3.82 -10.82 14.83
N ILE A 85 -3.64 -10.84 16.15
CA ILE A 85 -2.53 -10.12 16.77
C ILE A 85 -1.30 -11.02 16.90
N VAL A 86 -0.25 -10.68 16.15
CA VAL A 86 0.99 -11.44 16.18
C VAL A 86 2.16 -10.58 16.64
N ASP A 87 3.16 -11.22 17.23
CA ASP A 87 4.35 -10.51 17.71
C ASP A 87 4.92 -9.62 16.62
N GLY A 88 4.76 -8.32 16.78
CA GLY A 88 5.26 -7.38 15.80
C GLY A 88 4.20 -6.39 15.32
N LYS A 89 2.95 -6.85 15.31
CA LYS A 89 1.84 -6.00 14.88
C LYS A 89 0.57 -6.34 15.65
N ALA A 90 -0.27 -5.33 15.86
CA ALA A 90 -1.52 -5.52 16.58
C ALA A 90 -2.66 -4.76 15.91
N ILE A 91 -3.80 -4.67 16.60
CA ILE A 91 -4.96 -3.98 16.07
C ILE A 91 -5.34 -2.79 16.95
N GLU A 92 -6.45 -2.14 16.62
CA GLU A 92 -6.92 -0.99 17.38
C GLU A 92 -5.99 0.20 17.20
N GLN A 93 -5.76 0.58 15.95
CA GLN A 93 -4.88 1.70 15.64
C GLN A 93 -5.56 2.68 14.68
N PRO A 94 -6.27 3.67 15.25
CA PRO A 94 -6.99 4.68 14.47
C PRO A 94 -6.03 5.64 13.77
N GLY A 95 -4.74 5.50 14.04
CA GLY A 95 -3.76 6.36 13.43
C GLY A 95 -2.83 5.61 12.49
N GLN A 96 -3.37 5.14 11.37
CA GLN A 96 -2.59 4.41 10.39
C GLN A 96 -2.37 5.23 9.13
N THR A 97 -1.12 5.25 8.65
CA THR A 97 -0.78 6.00 7.45
C THR A 97 0.13 5.20 6.54
N VAL A 98 -0.14 5.25 5.24
CA VAL A 98 0.65 4.52 4.26
C VAL A 98 1.27 5.47 3.24
N THR A 99 2.59 5.61 3.31
CA THR A 99 3.31 6.50 2.39
C THR A 99 4.42 5.75 1.66
N VAL A 100 4.23 5.54 0.36
CA VAL A 100 5.21 4.84 -0.45
C VAL A 100 5.37 5.51 -1.81
N GLU A 101 6.60 5.52 -2.32
CA GLU A 101 6.90 6.12 -3.61
C GLU A 101 6.66 5.12 -4.75
N PHE A 102 6.27 5.64 -5.91
CA PHE A 102 6.02 4.80 -7.07
C PHE A 102 7.15 4.93 -8.08
N LYS A 103 7.97 3.89 -8.16
CA LYS A 103 9.10 3.88 -9.09
C LYS A 103 8.76 3.08 -10.33
N ILE A 104 8.91 3.71 -11.50
CA ILE A 104 8.61 3.06 -12.77
C ILE A 104 9.78 2.18 -13.22
N ALA A 105 9.45 1.02 -13.77
CA ALA A 105 10.47 0.09 -14.25
C ALA A 105 10.74 0.28 -15.73
N LYS A 106 11.67 -0.49 -16.26
CA LYS A 106 12.03 -0.41 -17.68
C LYS A 106 11.02 -1.17 -18.53
N ASP A 1 17.10 -25.55 2.65
CA ASP A 1 17.17 -26.99 2.41
C ASP A 1 18.25 -27.32 1.40
N HIS A 2 18.31 -26.55 0.32
CA HIS A 2 19.29 -26.76 -0.73
C HIS A 2 20.11 -25.49 -0.98
N PRO A 3 21.32 -25.67 -1.54
CA PRO A 3 22.22 -24.54 -1.84
C PRO A 3 21.69 -23.67 -2.97
N PHE A 4 22.37 -22.56 -3.22
CA PHE A 4 21.98 -21.63 -4.28
C PHE A 4 22.79 -21.90 -5.55
N THR A 5 22.26 -22.74 -6.42
CA THR A 5 22.92 -23.07 -7.67
C THR A 5 22.16 -22.52 -8.87
N SER A 6 22.86 -21.76 -9.71
CA SER A 6 22.25 -21.17 -10.90
C SER A 6 21.11 -20.23 -10.50
N ALA A 7 21.22 -19.62 -9.33
CA ALA A 7 20.20 -18.70 -8.83
C ALA A 7 20.80 -17.31 -8.61
N PRO A 8 19.91 -16.30 -8.56
CA PRO A 8 20.32 -14.91 -8.34
C PRO A 8 20.84 -14.66 -6.94
N THR A 9 21.39 -13.47 -6.71
CA THR A 9 21.92 -13.11 -5.41
C THR A 9 21.26 -11.85 -4.87
N PHE A 10 20.24 -12.04 -4.03
CA PHE A 10 19.52 -10.92 -3.43
C PHE A 10 20.32 -10.28 -2.30
N GLY A 11 19.87 -9.12 -1.85
CA GLY A 11 20.56 -8.43 -0.77
C GLY A 11 20.18 -6.96 -0.68
N ASP A 12 19.10 -6.69 0.04
CA ASP A 12 18.62 -5.31 0.21
C ASP A 12 18.08 -5.09 1.61
N PHE A 13 17.57 -3.89 1.87
CA PHE A 13 17.02 -3.55 3.17
C PHE A 13 15.59 -3.05 3.04
N GLY A 14 14.98 -2.72 4.18
CA GLY A 14 13.61 -2.24 4.18
C GLY A 14 12.98 -2.24 5.56
N SER A 15 12.19 -1.22 5.85
CA SER A 15 11.54 -1.11 7.15
C SER A 15 10.31 -2.01 7.22
N ASN A 16 9.43 -1.88 6.24
CA ASN A 16 8.22 -2.69 6.19
C ASN A 16 7.42 -2.56 7.48
N GLN A 17 7.22 -1.32 7.93
CA GLN A 17 6.47 -1.06 9.15
C GLN A 17 5.31 -0.10 8.89
N GLN A 18 4.37 -0.53 8.06
CA GLN A 18 3.21 0.29 7.73
C GLN A 18 1.98 -0.57 7.48
N ALA A 19 0.83 0.07 7.34
CA ALA A 19 -0.42 -0.64 7.10
C ALA A 19 -0.31 -1.55 5.87
N MET A 20 -0.18 -2.85 6.12
CA MET A 20 -0.06 -3.82 5.04
C MET A 20 -0.90 -5.05 5.33
N PRO A 21 -1.84 -5.36 4.41
CA PRO A 21 -2.72 -6.52 4.55
C PRO A 21 -1.97 -7.84 4.38
N LEU A 22 -2.73 -8.93 4.19
CA LEU A 22 -2.15 -10.25 4.02
C LEU A 22 -2.40 -10.77 2.61
N TYR A 23 -3.01 -9.94 1.77
CA TYR A 23 -3.31 -10.33 0.40
C TYR A 23 -2.64 -9.38 -0.59
N ARG A 24 -2.46 -8.13 -0.17
CA ARG A 24 -1.84 -7.12 -1.02
C ARG A 24 -0.75 -6.37 -0.26
N VAL A 25 0.43 -6.98 -0.17
CA VAL A 25 1.56 -6.37 0.52
C VAL A 25 1.83 -4.97 -0.01
N GLU A 26 1.61 -4.78 -1.30
CA GLU A 26 1.84 -3.48 -1.94
C GLU A 26 0.58 -2.99 -2.65
N PRO A 27 0.51 -1.68 -2.89
CA PRO A 27 -0.63 -1.05 -3.57
C PRO A 27 -0.70 -1.43 -5.04
N VAL A 28 -1.93 -1.67 -5.52
CA VAL A 28 -2.13 -2.04 -6.92
C VAL A 28 -1.59 -0.97 -7.85
N TYR A 29 -0.89 -1.40 -8.90
CA TYR A 29 -0.32 -0.48 -9.87
C TYR A 29 -1.27 -0.24 -11.03
N PRO A 30 -1.32 1.02 -11.50
CA PRO A 30 -2.20 1.42 -12.61
C PRO A 30 -1.75 0.82 -13.94
N SER A 31 -2.29 1.35 -15.03
CA SER A 31 -1.95 0.87 -16.37
C SER A 31 -1.29 1.97 -17.19
N ARG A 32 -1.74 3.21 -16.98
CA ARG A 32 -1.19 4.35 -17.69
C ARG A 32 0.02 4.91 -16.97
N ALA A 33 -0.17 5.36 -15.74
CA ALA A 33 0.90 5.92 -14.94
C ALA A 33 2.09 4.96 -14.86
N LEU A 34 1.81 3.67 -14.99
CA LEU A 34 2.85 2.65 -14.94
C LEU A 34 3.79 2.77 -16.13
N LYS A 35 3.25 3.20 -17.27
CA LYS A 35 4.04 3.37 -18.47
C LYS A 35 4.44 4.83 -18.67
N ARG A 36 3.84 5.71 -17.89
CA ARG A 36 4.13 7.14 -17.97
C ARG A 36 5.63 7.39 -17.89
N GLY A 37 6.18 7.28 -16.69
CA GLY A 37 7.59 7.50 -16.50
C GLY A 37 7.90 8.25 -15.22
N VAL A 38 6.86 8.75 -14.57
CA VAL A 38 7.01 9.50 -13.32
C VAL A 38 6.96 8.57 -12.11
N GLU A 39 7.71 8.92 -11.07
CA GLU A 39 7.74 8.11 -9.85
C GLU A 39 7.33 8.95 -8.65
N GLY A 40 6.03 9.03 -8.41
CA GLY A 40 5.51 9.80 -7.29
C GLY A 40 5.49 8.99 -6.01
N PHE A 41 4.42 9.15 -5.23
CA PHE A 41 4.27 8.44 -3.96
C PHE A 41 2.80 8.28 -3.60
N VAL A 42 2.54 7.47 -2.58
CA VAL A 42 1.17 7.24 -2.13
C VAL A 42 1.06 7.38 -0.61
N THR A 43 0.19 8.27 -0.17
CA THR A 43 -0.02 8.51 1.25
C THR A 43 -1.49 8.51 1.61
N LEU A 44 -1.94 7.45 2.28
CA LEU A 44 -3.33 7.32 2.68
C LEU A 44 -3.46 7.19 4.19
N SER A 45 -4.34 7.99 4.78
CA SER A 45 -4.54 7.96 6.22
C SER A 45 -5.92 7.38 6.56
N PHE A 46 -5.94 6.16 7.06
CA PHE A 46 -7.19 5.49 7.42
C PHE A 46 -7.08 4.85 8.80
N THR A 47 -8.23 4.46 9.36
CA THR A 47 -8.27 3.84 10.67
C THR A 47 -8.83 2.42 10.59
N ILE A 48 -8.12 1.47 11.19
CA ILE A 48 -8.54 0.08 11.19
C ILE A 48 -9.26 -0.27 12.48
N ASP A 49 -10.47 -0.79 12.36
CA ASP A 49 -11.27 -1.18 13.52
C ASP A 49 -10.71 -2.44 14.16
N THR A 50 -11.02 -2.66 15.43
CA THR A 50 -10.54 -3.82 16.17
C THR A 50 -10.84 -5.10 15.40
N THR A 51 -11.83 -5.04 14.50
CA THR A 51 -12.21 -6.20 13.71
C THR A 51 -11.27 -6.38 12.53
N GLY A 52 -10.06 -5.84 12.64
CA GLY A 52 -9.09 -5.96 11.57
C GLY A 52 -9.65 -5.53 10.23
N LYS A 53 -10.32 -4.38 10.20
CA LYS A 53 -10.89 -3.86 8.98
C LYS A 53 -10.64 -2.35 8.85
N ALA A 54 -10.18 -1.94 7.68
CA ALA A 54 -9.90 -0.53 7.42
C ALA A 54 -11.17 0.25 7.19
N VAL A 55 -11.22 1.47 7.71
CA VAL A 55 -12.39 2.33 7.56
C VAL A 55 -12.01 3.80 7.58
N ASP A 56 -12.95 4.66 7.24
CA ASP A 56 -12.71 6.11 7.22
C ASP A 56 -11.54 6.45 6.30
N ILE A 57 -11.47 5.76 5.16
CA ILE A 57 -10.40 5.99 4.20
C ILE A 57 -10.28 7.47 3.86
N ASN A 58 -9.16 8.07 4.25
CA ASN A 58 -8.92 9.49 3.98
C ASN A 58 -7.51 9.71 3.45
N VAL A 59 -7.42 10.15 2.20
CA VAL A 59 -6.12 10.40 1.57
C VAL A 59 -5.59 11.78 1.94
N VAL A 60 -4.29 11.86 2.19
CA VAL A 60 -3.67 13.13 2.56
C VAL A 60 -2.77 13.64 1.44
N ASP A 61 -2.27 12.71 0.61
CA ASP A 61 -1.41 13.07 -0.50
C ASP A 61 -1.02 11.83 -1.31
N ALA A 62 -1.33 11.85 -2.60
CA ALA A 62 -1.03 10.73 -3.48
C ALA A 62 -0.61 11.22 -4.86
N ASN A 63 0.67 11.07 -5.18
CA ASN A 63 1.20 11.49 -6.47
C ASN A 63 0.85 12.96 -6.74
N PRO A 64 1.52 13.54 -7.74
CA PRO A 64 1.30 14.94 -8.14
C PRO A 64 -0.07 15.16 -8.78
N LYS A 65 -0.77 14.06 -9.05
CA LYS A 65 -2.09 14.12 -9.67
C LYS A 65 -2.70 12.73 -9.80
N ARG A 66 -3.71 12.61 -10.66
CA ARG A 66 -4.37 11.33 -10.87
C ARG A 66 -3.45 10.35 -11.59
N MET A 67 -2.53 9.74 -10.85
CA MET A 67 -1.60 8.78 -11.41
C MET A 67 -1.73 7.42 -10.74
N PHE A 68 -1.41 7.37 -9.44
CA PHE A 68 -1.49 6.13 -8.69
C PHE A 68 -2.48 6.27 -7.52
N GLU A 69 -2.97 7.49 -7.32
CA GLU A 69 -3.92 7.75 -6.24
C GLU A 69 -5.12 6.83 -6.33
N ARG A 70 -5.76 6.79 -7.50
CA ARG A 70 -6.93 5.94 -7.71
C ARG A 70 -6.62 4.50 -7.34
N GLU A 71 -5.49 3.99 -7.82
CA GLU A 71 -5.09 2.62 -7.53
C GLU A 71 -4.79 2.44 -6.04
N ALA A 72 -4.27 3.49 -5.42
CA ALA A 72 -3.93 3.45 -4.00
C ALA A 72 -5.19 3.41 -3.14
N MET A 73 -6.16 4.27 -3.48
CA MET A 73 -7.41 4.33 -2.74
C MET A 73 -8.24 3.07 -2.95
N GLN A 74 -8.51 2.75 -4.22
CA GLN A 74 -9.29 1.56 -4.55
C GLN A 74 -8.68 0.31 -3.93
N ALA A 75 -7.36 0.30 -3.81
CA ALA A 75 -6.65 -0.84 -3.23
C ALA A 75 -6.92 -0.94 -1.73
N LEU A 76 -6.82 0.18 -1.03
CA LEU A 76 -7.05 0.22 0.41
C LEU A 76 -8.37 -0.45 0.76
N LYS A 77 -9.35 -0.33 -0.14
CA LYS A 77 -10.66 -0.92 0.08
C LYS A 77 -10.64 -2.42 -0.21
N LYS A 78 -10.32 -2.78 -1.45
CA LYS A 78 -10.26 -4.17 -1.85
C LYS A 78 -9.34 -4.97 -0.93
N TRP A 79 -8.37 -4.27 -0.33
CA TRP A 79 -7.43 -4.91 0.58
C TRP A 79 -8.16 -5.70 1.67
N LYS A 80 -7.52 -6.74 2.16
CA LYS A 80 -8.11 -7.57 3.20
C LYS A 80 -7.18 -7.68 4.41
N TYR A 81 -7.64 -7.18 5.55
CA TYR A 81 -6.85 -7.21 6.77
C TYR A 81 -7.46 -8.17 7.79
N GLN A 82 -6.59 -8.86 8.53
CA GLN A 82 -7.05 -9.81 9.54
C GLN A 82 -6.73 -9.31 10.94
N PRO A 83 -7.69 -9.48 11.87
CA PRO A 83 -7.55 -9.04 13.26
C PRO A 83 -6.54 -9.90 14.02
N GLN A 84 -5.26 -9.68 13.75
CA GLN A 84 -4.19 -10.42 14.41
C GLN A 84 -3.02 -9.51 14.75
N ILE A 85 -2.81 -9.31 16.05
CA ILE A 85 -1.71 -8.45 16.51
C ILE A 85 -0.38 -9.19 16.46
N VAL A 86 0.43 -8.86 15.46
CA VAL A 86 1.74 -9.48 15.29
C VAL A 86 2.85 -8.44 15.30
N ASP A 87 4.06 -8.87 15.63
CA ASP A 87 5.21 -7.98 15.68
C ASP A 87 5.32 -7.17 14.40
N GLY A 88 5.01 -5.87 14.49
CA GLY A 88 5.08 -5.01 13.33
C GLY A 88 3.83 -4.17 13.16
N LYS A 89 2.67 -4.80 13.27
CA LYS A 89 1.40 -4.10 13.14
C LYS A 89 0.36 -4.64 14.13
N ALA A 90 -0.67 -3.85 14.38
CA ALA A 90 -1.73 -4.26 15.30
C ALA A 90 -3.11 -3.89 14.76
N ILE A 91 -4.13 -4.01 15.60
CA ILE A 91 -5.49 -3.69 15.19
C ILE A 91 -6.01 -2.46 15.94
N GLU A 92 -7.29 -2.15 15.72
CA GLU A 92 -7.91 -1.00 16.38
C GLU A 92 -6.94 0.17 16.46
N GLN A 93 -6.42 0.59 15.31
CA GLN A 93 -5.47 1.69 15.26
C GLN A 93 -6.09 2.90 14.55
N PRO A 94 -6.50 3.90 15.34
CA PRO A 94 -7.11 5.13 14.80
C PRO A 94 -6.11 5.99 14.04
N GLY A 95 -4.84 5.62 14.12
CA GLY A 95 -3.80 6.37 13.45
C GLY A 95 -2.92 5.50 12.57
N GLN A 96 -3.54 4.82 11.60
CA GLN A 96 -2.81 3.95 10.69
C GLN A 96 -2.56 4.64 9.35
N THR A 97 -1.30 4.98 9.11
CA THR A 97 -0.93 5.65 7.86
C THR A 97 -0.04 4.76 6.99
N VAL A 98 -0.26 4.80 5.68
CA VAL A 98 0.51 3.99 4.76
C VAL A 98 1.24 4.87 3.74
N THR A 99 2.56 4.69 3.64
CA THR A 99 3.37 5.46 2.72
C THR A 99 4.17 4.55 1.79
N VAL A 100 3.78 4.54 0.51
CA VAL A 100 4.46 3.72 -0.49
C VAL A 100 4.83 4.53 -1.72
N GLU A 101 6.13 4.56 -2.03
CA GLU A 101 6.61 5.31 -3.18
C GLU A 101 6.47 4.49 -4.46
N PHE A 102 5.93 5.12 -5.50
CA PHE A 102 5.74 4.45 -6.79
C PHE A 102 6.88 4.77 -7.75
N LYS A 103 7.58 3.74 -8.18
CA LYS A 103 8.70 3.90 -9.11
C LYS A 103 8.51 3.04 -10.35
N ILE A 104 8.46 3.69 -11.52
CA ILE A 104 8.28 2.98 -12.78
C ILE A 104 9.37 1.93 -12.98
N ALA A 105 8.99 0.78 -13.52
CA ALA A 105 9.94 -0.30 -13.77
C ALA A 105 10.62 -0.13 -15.12
N LYS A 106 11.55 -1.04 -15.43
CA LYS A 106 12.26 -0.99 -16.69
C LYS A 106 12.50 -2.40 -17.23
N ASP A 1 -6.45 -23.89 1.79
CA ASP A 1 -5.73 -24.46 0.65
C ASP A 1 -5.39 -23.37 -0.36
N HIS A 2 -4.52 -23.71 -1.31
CA HIS A 2 -4.10 -22.77 -2.34
C HIS A 2 -3.68 -23.50 -3.61
N PRO A 3 -4.07 -22.94 -4.77
CA PRO A 3 -3.75 -23.52 -6.07
C PRO A 3 -2.26 -23.42 -6.40
N PHE A 4 -1.47 -24.32 -5.84
CA PHE A 4 -0.03 -24.34 -6.08
C PHE A 4 0.27 -24.41 -7.57
N THR A 5 1.00 -23.42 -8.07
CA THR A 5 1.36 -23.38 -9.49
C THR A 5 2.86 -23.57 -9.68
N SER A 6 3.24 -24.26 -10.75
CA SER A 6 4.64 -24.52 -11.04
C SER A 6 5.31 -23.27 -11.62
N ALA A 7 5.75 -22.38 -10.74
CA ALA A 7 6.41 -21.15 -11.16
C ALA A 7 7.61 -20.84 -10.26
N PRO A 8 8.52 -19.99 -10.77
CA PRO A 8 9.71 -19.59 -10.02
C PRO A 8 9.39 -18.68 -8.84
N THR A 9 10.43 -18.15 -8.20
CA THR A 9 10.26 -17.27 -7.06
C THR A 9 10.06 -15.83 -7.49
N PHE A 10 9.27 -15.08 -6.73
CA PHE A 10 9.01 -13.69 -7.04
C PHE A 10 8.19 -13.02 -5.92
N GLY A 11 8.71 -11.91 -5.40
CA GLY A 11 8.02 -11.20 -4.34
C GLY A 11 8.97 -10.45 -3.44
N ASP A 12 8.43 -9.66 -2.52
CA ASP A 12 9.23 -8.88 -1.59
C ASP A 12 9.29 -9.56 -0.22
N PHE A 13 10.03 -8.95 0.70
CA PHE A 13 10.18 -9.50 2.05
C PHE A 13 9.51 -8.59 3.07
N GLY A 14 9.48 -7.29 2.77
CA GLY A 14 8.88 -6.34 3.69
C GLY A 14 9.89 -5.67 4.59
N SER A 15 10.45 -4.56 4.14
CA SER A 15 11.44 -3.82 4.91
C SER A 15 10.77 -2.86 5.89
N ASN A 16 9.64 -2.29 5.46
CA ASN A 16 8.91 -1.35 6.30
C ASN A 16 7.89 -2.07 7.18
N GLN A 17 7.26 -1.33 8.08
CA GLN A 17 6.28 -1.91 8.99
C GLN A 17 4.93 -1.19 8.86
N GLN A 18 4.68 -0.63 7.68
CA GLN A 18 3.44 0.09 7.42
C GLN A 18 2.24 -0.84 7.53
N ALA A 19 1.04 -0.27 7.51
CA ALA A 19 -0.18 -1.05 7.61
C ALA A 19 -0.54 -1.70 6.27
N MET A 20 -0.28 -2.99 6.16
CA MET A 20 -0.57 -3.73 4.92
C MET A 20 -1.41 -4.96 5.22
N PRO A 21 -2.33 -5.28 4.30
CA PRO A 21 -3.22 -6.44 4.43
C PRO A 21 -2.46 -7.76 4.28
N LEU A 22 -3.21 -8.84 4.08
CA LEU A 22 -2.62 -10.16 3.93
C LEU A 22 -3.10 -10.82 2.63
N TYR A 23 -3.83 -10.06 1.83
CA TYR A 23 -4.35 -10.57 0.55
C TYR A 23 -3.86 -9.71 -0.60
N ARG A 24 -3.64 -8.43 -0.33
CA ARG A 24 -3.17 -7.50 -1.35
C ARG A 24 -1.99 -6.69 -0.85
N VAL A 25 -0.80 -7.28 -0.90
CA VAL A 25 0.42 -6.61 -0.45
C VAL A 25 0.76 -5.43 -1.34
N GLU A 26 1.01 -4.28 -0.73
CA GLU A 26 1.35 -3.07 -1.48
C GLU A 26 0.20 -2.66 -2.39
N PRO A 27 0.22 -1.39 -2.82
CA PRO A 27 -0.82 -0.83 -3.70
C PRO A 27 -0.74 -1.40 -5.11
N VAL A 28 -1.90 -1.71 -5.68
CA VAL A 28 -1.96 -2.26 -7.03
C VAL A 28 -1.45 -1.26 -8.06
N TYR A 29 -0.33 -1.61 -8.69
CA TYR A 29 0.27 -0.73 -9.69
C TYR A 29 -0.73 -0.43 -10.82
N PRO A 30 -0.76 0.85 -11.23
CA PRO A 30 -1.66 1.31 -12.30
C PRO A 30 -1.27 0.76 -13.66
N SER A 31 -1.83 1.34 -14.72
CA SER A 31 -1.55 0.90 -16.08
C SER A 31 -0.92 2.04 -16.89
N ARG A 32 -1.37 3.27 -16.62
CA ARG A 32 -0.85 4.43 -17.32
C ARG A 32 0.40 4.97 -16.64
N ALA A 33 0.27 5.33 -15.38
CA ALA A 33 1.39 5.86 -14.60
C ALA A 33 2.59 4.91 -14.66
N LEU A 34 2.31 3.63 -14.84
CA LEU A 34 3.36 2.62 -14.91
C LEU A 34 4.22 2.82 -16.15
N LYS A 35 3.63 3.36 -17.21
CA LYS A 35 4.34 3.60 -18.45
C LYS A 35 4.66 5.09 -18.61
N ARG A 36 4.17 5.89 -17.67
CA ARG A 36 4.40 7.34 -17.71
C ARG A 36 5.89 7.65 -17.63
N GLY A 37 6.47 7.42 -16.47
CA GLY A 37 7.89 7.69 -16.28
C GLY A 37 8.17 8.43 -14.99
N VAL A 38 7.12 8.78 -14.26
CA VAL A 38 7.27 9.49 -13.00
C VAL A 38 7.10 8.54 -11.81
N GLU A 39 7.81 8.84 -10.73
CA GLU A 39 7.74 8.02 -9.52
C GLU A 39 7.13 8.79 -8.37
N GLY A 40 5.81 8.96 -8.41
CA GLY A 40 5.11 9.69 -7.36
C GLY A 40 4.89 8.84 -6.12
N PHE A 41 4.51 9.48 -5.02
CA PHE A 41 4.26 8.78 -3.77
C PHE A 41 2.80 8.90 -3.35
N VAL A 42 2.25 7.81 -2.84
CA VAL A 42 0.86 7.79 -2.40
C VAL A 42 0.76 7.72 -0.89
N THR A 43 -0.12 8.55 -0.32
CA THR A 43 -0.30 8.59 1.13
C THR A 43 -1.79 8.56 1.48
N LEU A 44 -2.24 7.43 2.00
CA LEU A 44 -3.64 7.28 2.39
C LEU A 44 -3.77 7.10 3.90
N SER A 45 -4.66 7.88 4.51
CA SER A 45 -4.88 7.81 5.95
C SER A 45 -6.19 7.11 6.27
N PHE A 46 -6.10 5.90 6.80
CA PHE A 46 -7.28 5.11 7.15
C PHE A 46 -7.16 4.55 8.56
N THR A 47 -8.27 4.07 9.10
CA THR A 47 -8.30 3.51 10.44
C THR A 47 -8.56 2.01 10.40
N ILE A 48 -7.69 1.24 11.05
CA ILE A 48 -7.83 -0.21 11.10
C ILE A 48 -8.53 -0.66 12.37
N ASP A 49 -9.81 -1.00 12.25
CA ASP A 49 -10.59 -1.45 13.40
C ASP A 49 -9.98 -2.70 14.01
N THR A 50 -10.14 -2.85 15.32
CA THR A 50 -9.60 -4.00 16.04
C THR A 50 -10.03 -5.31 15.38
N THR A 51 -11.15 -5.26 14.66
CA THR A 51 -11.68 -6.43 13.97
C THR A 51 -11.09 -6.56 12.57
N GLY A 52 -9.92 -5.96 12.37
CA GLY A 52 -9.27 -6.02 11.07
C GLY A 52 -10.11 -5.42 9.97
N LYS A 53 -10.66 -4.24 10.22
CA LYS A 53 -11.50 -3.56 9.24
C LYS A 53 -10.88 -2.23 8.81
N ALA A 54 -10.86 -1.98 7.52
CA ALA A 54 -10.30 -0.73 6.99
C ALA A 54 -11.40 0.21 6.52
N VAL A 55 -11.63 1.27 7.29
CA VAL A 55 -12.66 2.25 6.94
C VAL A 55 -12.12 3.67 7.07
N ASP A 56 -12.96 4.64 6.73
CA ASP A 56 -12.57 6.05 6.80
C ASP A 56 -11.42 6.35 5.84
N ILE A 57 -11.47 5.74 4.66
CA ILE A 57 -10.43 5.94 3.65
C ILE A 57 -10.32 7.41 3.28
N ASN A 58 -9.33 8.09 3.87
CA ASN A 58 -9.11 9.50 3.59
C ASN A 58 -7.68 9.73 3.09
N VAL A 59 -7.57 10.19 1.85
CA VAL A 59 -6.27 10.45 1.25
C VAL A 59 -5.76 11.84 1.63
N VAL A 60 -4.55 11.89 2.16
CA VAL A 60 -3.95 13.15 2.57
C VAL A 60 -3.10 13.75 1.45
N ASP A 61 -2.49 12.88 0.65
CA ASP A 61 -1.66 13.31 -0.46
C ASP A 61 -1.07 12.12 -1.22
N ALA A 62 -1.36 12.06 -2.51
CA ALA A 62 -0.86 10.97 -3.34
C ALA A 62 -0.60 11.44 -4.77
N ASN A 63 0.68 11.51 -5.15
CA ASN A 63 1.06 11.94 -6.48
C ASN A 63 0.54 13.34 -6.77
N PRO A 64 1.15 14.02 -7.75
CA PRO A 64 0.77 15.38 -8.14
C PRO A 64 -0.59 15.42 -8.83
N LYS A 65 -0.77 14.55 -9.83
CA LYS A 65 -2.03 14.48 -10.57
C LYS A 65 -2.49 13.04 -10.73
N ARG A 66 -3.74 12.87 -11.15
CA ARG A 66 -4.29 11.53 -11.35
C ARG A 66 -3.27 10.60 -11.99
N MET A 67 -2.69 9.72 -11.18
CA MET A 67 -1.70 8.77 -11.67
C MET A 67 -1.86 7.41 -10.99
N PHE A 68 -1.54 7.36 -9.71
CA PHE A 68 -1.64 6.12 -8.94
C PHE A 68 -2.57 6.30 -7.75
N GLU A 69 -3.22 7.46 -7.67
CA GLU A 69 -4.14 7.76 -6.58
C GLU A 69 -5.37 6.85 -6.64
N ARG A 70 -5.90 6.68 -7.85
CA ARG A 70 -7.09 5.84 -8.05
C ARG A 70 -6.84 4.43 -7.53
N GLU A 71 -5.85 3.76 -8.11
CA GLU A 71 -5.51 2.39 -7.71
C GLU A 71 -5.20 2.33 -6.21
N ALA A 72 -4.46 3.33 -5.72
CA ALA A 72 -4.09 3.38 -4.32
C ALA A 72 -5.33 3.50 -3.43
N MET A 73 -6.30 4.28 -3.88
CA MET A 73 -7.53 4.48 -3.12
C MET A 73 -8.40 3.22 -3.17
N GLN A 74 -8.75 2.79 -4.38
CA GLN A 74 -9.58 1.61 -4.56
C GLN A 74 -8.95 0.39 -3.88
N ALA A 75 -7.62 0.35 -3.86
CA ALA A 75 -6.90 -0.74 -3.23
C ALA A 75 -7.17 -0.80 -1.73
N LEU A 76 -6.89 0.29 -1.04
CA LEU A 76 -7.10 0.37 0.40
C LEU A 76 -8.51 -0.06 0.76
N LYS A 77 -9.47 0.26 -0.11
CA LYS A 77 -10.86 -0.10 0.12
C LYS A 77 -11.12 -1.55 -0.24
N LYS A 78 -10.44 -2.03 -1.27
CA LYS A 78 -10.59 -3.42 -1.71
C LYS A 78 -9.62 -4.33 -0.97
N TRP A 79 -8.97 -3.80 0.06
CA TRP A 79 -8.01 -4.56 0.84
C TRP A 79 -8.70 -5.27 2.00
N LYS A 80 -8.07 -6.32 2.52
CA LYS A 80 -8.62 -7.08 3.63
C LYS A 80 -7.58 -7.27 4.72
N TYR A 81 -7.96 -6.96 5.96
CA TYR A 81 -7.05 -7.10 7.09
C TYR A 81 -7.62 -8.07 8.13
N GLN A 82 -6.75 -8.87 8.74
CA GLN A 82 -7.17 -9.82 9.74
C GLN A 82 -6.68 -9.42 11.13
N PRO A 83 -7.56 -9.52 12.13
CA PRO A 83 -7.24 -9.16 13.51
C PRO A 83 -6.26 -10.14 14.15
N GLN A 84 -4.97 -9.82 14.06
CA GLN A 84 -3.94 -10.68 14.62
C GLN A 84 -2.78 -9.85 15.16
N ILE A 85 -2.64 -9.82 16.48
CA ILE A 85 -1.57 -9.05 17.13
C ILE A 85 -0.29 -9.86 17.19
N VAL A 86 0.73 -9.42 16.46
CA VAL A 86 2.02 -10.10 16.45
C VAL A 86 3.17 -9.12 16.68
N ASP A 87 4.24 -9.61 17.29
CA ASP A 87 5.41 -8.78 17.57
C ASP A 87 5.87 -8.05 16.31
N GLY A 88 5.64 -6.74 16.27
CA GLY A 88 6.03 -5.95 15.12
C GLY A 88 4.85 -5.32 14.41
N LYS A 89 3.73 -6.03 14.39
CA LYS A 89 2.52 -5.54 13.75
C LYS A 89 1.27 -5.96 14.51
N ALA A 90 0.40 -5.01 14.80
CA ALA A 90 -0.84 -5.28 15.53
C ALA A 90 -2.01 -4.53 14.93
N ILE A 91 -3.14 -4.52 15.63
CA ILE A 91 -4.33 -3.84 15.16
C ILE A 91 -4.76 -2.75 16.14
N GLU A 92 -5.89 -2.12 15.86
CA GLU A 92 -6.41 -1.06 16.72
C GLU A 92 -5.58 0.21 16.57
N GLN A 93 -5.83 0.97 15.51
CA GLN A 93 -5.10 2.20 15.25
C GLN A 93 -5.95 3.17 14.45
N PRO A 94 -6.61 4.11 15.14
CA PRO A 94 -7.48 5.11 14.50
C PRO A 94 -6.67 6.14 13.71
N GLY A 95 -5.35 6.06 13.83
CA GLY A 95 -4.49 6.99 13.12
C GLY A 95 -3.42 6.30 12.30
N GLN A 96 -3.85 5.39 11.43
CA GLN A 96 -2.92 4.64 10.59
C GLN A 96 -2.75 5.32 9.23
N THR A 97 -1.54 5.26 8.70
CA THR A 97 -1.24 5.87 7.41
C THR A 97 -0.28 5.00 6.59
N VAL A 98 -0.48 4.97 5.29
CA VAL A 98 0.37 4.19 4.40
C VAL A 98 1.03 5.07 3.34
N THR A 99 2.35 5.20 3.44
CA THR A 99 3.11 6.01 2.50
C THR A 99 4.16 5.18 1.77
N VAL A 100 3.97 5.00 0.47
CA VAL A 100 4.90 4.22 -0.33
C VAL A 100 5.18 4.91 -1.67
N GLU A 101 6.37 4.68 -2.21
CA GLU A 101 6.76 5.28 -3.48
C GLU A 101 6.52 4.31 -4.63
N PHE A 102 6.43 4.85 -5.85
CA PHE A 102 6.21 4.04 -7.04
C PHE A 102 7.38 4.16 -8.01
N LYS A 103 8.19 3.11 -8.07
CA LYS A 103 9.35 3.10 -8.97
C LYS A 103 8.97 2.50 -10.32
N ILE A 104 8.86 3.36 -11.33
CA ILE A 104 8.51 2.92 -12.68
C ILE A 104 9.45 1.81 -13.15
N ALA A 105 8.91 0.84 -13.86
CA ALA A 105 9.69 -0.27 -14.37
C ALA A 105 10.92 0.23 -15.15
N LYS A 106 11.91 -0.63 -15.28
CA LYS A 106 13.14 -0.28 -15.99
C LYS A 106 13.15 -0.87 -17.39
N ASP A 1 16.67 -22.96 9.27
CA ASP A 1 15.69 -22.06 8.68
C ASP A 1 16.31 -20.70 8.37
N HIS A 2 16.54 -20.45 7.09
CA HIS A 2 17.14 -19.19 6.65
C HIS A 2 16.39 -18.63 5.45
N PRO A 3 16.51 -17.30 5.25
CA PRO A 3 15.85 -16.60 4.14
C PRO A 3 16.45 -16.96 2.80
N PHE A 4 15.75 -16.61 1.72
CA PHE A 4 16.22 -16.89 0.37
C PHE A 4 16.61 -15.61 -0.36
N THR A 5 17.85 -15.54 -0.80
CA THR A 5 18.35 -14.36 -1.51
C THR A 5 18.90 -14.74 -2.87
N SER A 6 18.57 -13.93 -3.88
CA SER A 6 19.03 -14.18 -5.25
C SER A 6 19.63 -12.91 -5.86
N ALA A 7 18.84 -11.85 -5.89
CA ALA A 7 19.29 -10.58 -6.44
C ALA A 7 18.20 -9.52 -6.34
N PRO A 8 17.06 -9.77 -7.00
CA PRO A 8 15.92 -8.85 -6.99
C PRO A 8 15.23 -8.77 -5.63
N THR A 9 14.40 -7.75 -5.45
CA THR A 9 13.69 -7.57 -4.20
C THR A 9 14.66 -7.47 -3.02
N PHE A 10 15.79 -6.81 -3.25
CA PHE A 10 16.80 -6.65 -2.21
C PHE A 10 16.56 -5.36 -1.42
N GLY A 11 15.43 -5.30 -0.73
CA GLY A 11 15.09 -4.13 0.05
C GLY A 11 14.41 -4.47 1.36
N ASP A 12 15.20 -4.83 2.36
CA ASP A 12 14.67 -5.19 3.67
C ASP A 12 14.99 -4.11 4.71
N PHE A 13 14.19 -3.06 4.73
CA PHE A 13 14.39 -1.96 5.67
C PHE A 13 13.23 -1.87 6.65
N GLY A 14 13.48 -1.23 7.79
CA GLY A 14 12.46 -1.08 8.80
C GLY A 14 12.52 0.26 9.50
N SER A 15 12.42 1.34 8.72
CA SER A 15 12.47 2.68 9.28
C SER A 15 11.13 3.08 9.88
N ASN A 16 10.06 2.48 9.39
CA ASN A 16 8.72 2.77 9.87
C ASN A 16 7.79 1.57 9.66
N GLN A 17 6.89 1.34 10.61
CA GLN A 17 5.96 0.24 10.52
C GLN A 17 4.66 0.67 9.86
N GLN A 18 4.51 0.34 8.58
CA GLN A 18 3.31 0.71 7.83
C GLN A 18 2.24 -0.36 7.96
N ALA A 19 0.98 0.06 7.92
CA ALA A 19 -0.14 -0.86 8.04
C ALA A 19 -0.50 -1.47 6.68
N MET A 20 -0.10 -2.73 6.48
CA MET A 20 -0.38 -3.43 5.24
C MET A 20 -1.17 -4.70 5.49
N PRO A 21 -2.04 -5.06 4.54
CA PRO A 21 -2.87 -6.26 4.64
C PRO A 21 -2.06 -7.55 4.51
N LEU A 22 -2.74 -8.65 4.27
CA LEU A 22 -2.08 -9.95 4.13
C LEU A 22 -2.48 -10.63 2.82
N TYR A 23 -3.25 -9.92 2.01
CA TYR A 23 -3.70 -10.44 0.73
C TYR A 23 -3.22 -9.57 -0.42
N ARG A 24 -3.04 -8.28 -0.15
CA ARG A 24 -2.59 -7.34 -1.17
C ARG A 24 -1.45 -6.48 -0.63
N VAL A 25 -0.24 -7.04 -0.66
CA VAL A 25 0.94 -6.32 -0.19
C VAL A 25 1.26 -5.13 -1.08
N GLU A 26 1.45 -3.97 -0.45
CA GLU A 26 1.76 -2.75 -1.18
C GLU A 26 0.61 -2.38 -2.12
N PRO A 27 0.59 -1.10 -2.54
CA PRO A 27 -0.45 -0.59 -3.44
C PRO A 27 -0.32 -1.14 -4.86
N VAL A 28 -1.46 -1.39 -5.49
CA VAL A 28 -1.48 -1.94 -6.85
C VAL A 28 -0.98 -0.90 -7.85
N TYR A 29 -0.29 -1.38 -8.89
CA TYR A 29 0.24 -0.50 -9.91
C TYR A 29 -0.80 -0.26 -11.01
N PRO A 30 -0.93 1.01 -11.44
CA PRO A 30 -1.87 1.40 -12.48
C PRO A 30 -1.46 0.88 -13.87
N SER A 31 -2.13 1.37 -14.90
CA SER A 31 -1.83 0.95 -16.27
C SER A 31 -1.27 2.12 -17.08
N ARG A 32 -1.85 3.30 -16.89
CA ARG A 32 -1.41 4.49 -17.60
C ARG A 32 -0.13 5.04 -16.99
N ALA A 33 -0.21 5.43 -15.72
CA ALA A 33 0.95 5.98 -15.02
C ALA A 33 2.15 5.05 -15.13
N LEU A 34 1.88 3.76 -15.29
CA LEU A 34 2.95 2.76 -15.40
C LEU A 34 3.76 2.97 -16.67
N LYS A 35 3.09 3.46 -17.72
CA LYS A 35 3.75 3.72 -18.99
C LYS A 35 4.07 5.20 -19.16
N ARG A 36 3.57 6.01 -18.24
CA ARG A 36 3.80 7.45 -18.28
C ARG A 36 5.29 7.77 -18.27
N GLY A 37 5.93 7.53 -17.12
CA GLY A 37 7.35 7.79 -16.99
C GLY A 37 7.69 8.56 -15.74
N VAL A 38 6.66 8.89 -14.96
CA VAL A 38 6.85 9.63 -13.72
C VAL A 38 6.79 8.72 -12.50
N GLU A 39 7.55 9.04 -11.47
CA GLU A 39 7.57 8.24 -10.25
C GLU A 39 7.24 9.09 -9.03
N GLY A 40 5.94 9.19 -8.72
CA GLY A 40 5.50 9.96 -7.58
C GLY A 40 5.39 9.14 -6.31
N PHE A 41 4.46 9.52 -5.44
CA PHE A 41 4.26 8.81 -4.19
C PHE A 41 2.78 8.72 -3.85
N VAL A 42 2.44 7.93 -2.84
CA VAL A 42 1.07 7.75 -2.42
C VAL A 42 0.94 7.78 -0.90
N THR A 43 0.02 8.59 -0.39
CA THR A 43 -0.19 8.71 1.05
C THR A 43 -1.67 8.64 1.39
N LEU A 44 -2.08 7.51 1.98
CA LEU A 44 -3.48 7.32 2.36
C LEU A 44 -3.61 7.17 3.87
N SER A 45 -4.56 7.90 4.45
CA SER A 45 -4.80 7.86 5.88
C SER A 45 -6.08 7.08 6.21
N PHE A 46 -5.90 5.85 6.67
CA PHE A 46 -7.03 5.00 7.02
C PHE A 46 -6.88 4.44 8.43
N THR A 47 -7.97 3.89 8.96
CA THR A 47 -7.96 3.33 10.31
C THR A 47 -8.26 1.83 10.28
N ILE A 48 -7.66 1.09 11.21
CA ILE A 48 -7.87 -0.35 11.29
C ILE A 48 -8.70 -0.72 12.52
N ASP A 49 -9.97 -1.00 12.30
CA ASP A 49 -10.87 -1.37 13.39
C ASP A 49 -10.30 -2.54 14.19
N THR A 50 -10.63 -2.59 15.47
CA THR A 50 -10.15 -3.66 16.35
C THR A 50 -10.38 -5.03 15.73
N THR A 51 -11.45 -5.15 14.94
CA THR A 51 -11.78 -6.41 14.28
C THR A 51 -11.07 -6.52 12.94
N GLY A 52 -9.96 -5.81 12.79
CA GLY A 52 -9.21 -5.84 11.55
C GLY A 52 -10.03 -5.40 10.36
N LYS A 53 -10.64 -4.22 10.47
CA LYS A 53 -11.46 -3.67 9.40
C LYS A 53 -10.97 -2.28 9.00
N ALA A 54 -10.55 -2.16 7.74
CA ALA A 54 -10.05 -0.89 7.23
C ALA A 54 -11.21 0.00 6.76
N VAL A 55 -11.34 1.17 7.38
CA VAL A 55 -12.39 2.10 7.04
C VAL A 55 -11.92 3.54 7.13
N ASP A 56 -12.77 4.48 6.74
CA ASP A 56 -12.43 5.90 6.79
C ASP A 56 -11.29 6.21 5.84
N ILE A 57 -11.35 5.65 4.64
CA ILE A 57 -10.32 5.87 3.63
C ILE A 57 -10.22 7.34 3.26
N ASN A 58 -9.23 8.03 3.83
CA ASN A 58 -9.03 9.44 3.56
C ASN A 58 -7.62 9.71 3.06
N VAL A 59 -7.51 10.13 1.80
CA VAL A 59 -6.21 10.41 1.20
C VAL A 59 -5.73 11.81 1.58
N VAL A 60 -4.47 11.90 2.01
CA VAL A 60 -3.89 13.17 2.40
C VAL A 60 -3.05 13.77 1.27
N ASP A 61 -2.46 12.90 0.46
CA ASP A 61 -1.63 13.33 -0.66
C ASP A 61 -1.10 12.14 -1.44
N ALA A 62 -1.37 12.11 -2.75
CA ALA A 62 -0.91 11.02 -3.60
C ALA A 62 -0.65 11.51 -5.01
N ASN A 63 0.61 11.46 -5.43
CA ASN A 63 1.00 11.89 -6.77
C ASN A 63 0.45 13.29 -7.06
N PRO A 64 0.97 13.92 -8.13
CA PRO A 64 0.54 15.25 -8.54
C PRO A 64 -0.88 15.28 -9.10
N LYS A 65 -1.27 14.20 -9.74
CA LYS A 65 -2.60 14.08 -10.32
C LYS A 65 -3.07 12.63 -10.35
N ARG A 66 -4.12 12.36 -11.13
CA ARG A 66 -4.65 11.01 -11.23
C ARG A 66 -3.66 10.09 -11.94
N MET A 67 -2.72 9.55 -11.16
CA MET A 67 -1.71 8.65 -11.71
C MET A 67 -1.76 7.30 -11.01
N PHE A 68 -1.34 7.28 -9.74
CA PHE A 68 -1.34 6.05 -8.96
C PHE A 68 -2.33 6.14 -7.80
N GLU A 69 -2.88 7.33 -7.59
CA GLU A 69 -3.83 7.55 -6.51
C GLU A 69 -5.09 6.71 -6.73
N ARG A 70 -5.48 6.56 -7.99
CA ARG A 70 -6.67 5.79 -8.32
C ARG A 70 -6.50 4.32 -7.94
N GLU A 71 -5.33 3.77 -8.22
CA GLU A 71 -5.05 2.37 -7.91
C GLU A 71 -4.80 2.20 -6.41
N ALA A 72 -4.12 3.18 -5.81
CA ALA A 72 -3.81 3.13 -4.39
C ALA A 72 -5.08 3.27 -3.55
N MET A 73 -5.89 4.26 -3.88
CA MET A 73 -7.14 4.50 -3.16
C MET A 73 -8.04 3.27 -3.20
N GLN A 74 -8.35 2.82 -4.41
CA GLN A 74 -9.20 1.65 -4.59
C GLN A 74 -8.59 0.42 -3.93
N ALA A 75 -7.27 0.37 -3.89
CA ALA A 75 -6.56 -0.74 -3.27
C ALA A 75 -6.83 -0.81 -1.77
N LEU A 76 -6.60 0.31 -1.09
CA LEU A 76 -6.82 0.36 0.36
C LEU A 76 -8.22 -0.10 0.71
N LYS A 77 -9.18 0.19 -0.16
CA LYS A 77 -10.56 -0.20 0.06
C LYS A 77 -10.77 -1.68 -0.28
N LYS A 78 -10.08 -2.14 -1.31
CA LYS A 78 -10.18 -3.53 -1.74
C LYS A 78 -9.21 -4.41 -0.97
N TRP A 79 -8.55 -3.83 0.03
CA TRP A 79 -7.61 -4.57 0.85
C TRP A 79 -8.31 -5.32 1.97
N LYS A 80 -7.62 -6.30 2.54
CA LYS A 80 -8.18 -7.09 3.63
C LYS A 80 -7.18 -7.21 4.79
N TYR A 81 -7.63 -6.85 5.99
CA TYR A 81 -6.79 -6.92 7.17
C TYR A 81 -7.37 -7.87 8.22
N GLN A 82 -6.50 -8.59 8.91
CA GLN A 82 -6.93 -9.53 9.93
C GLN A 82 -6.62 -8.99 11.33
N PRO A 83 -7.57 -9.17 12.26
CA PRO A 83 -7.43 -8.72 13.64
C PRO A 83 -6.39 -9.52 14.41
N GLN A 84 -5.92 -10.61 13.80
CA GLN A 84 -4.92 -11.46 14.43
C GLN A 84 -3.72 -10.63 14.91
N ILE A 85 -3.47 -10.67 16.21
CA ILE A 85 -2.36 -9.93 16.79
C ILE A 85 -1.13 -10.82 16.94
N VAL A 86 -0.16 -10.64 16.05
CA VAL A 86 1.07 -11.41 16.08
C VAL A 86 2.24 -10.57 16.57
N ASP A 87 3.25 -11.24 17.10
CA ASP A 87 4.44 -10.56 17.62
C ASP A 87 5.00 -9.59 16.58
N GLY A 88 4.82 -8.30 16.83
CA GLY A 88 5.31 -7.29 15.91
C GLY A 88 4.28 -6.20 15.64
N LYS A 89 3.10 -6.60 15.17
CA LYS A 89 2.04 -5.65 14.88
C LYS A 89 0.76 -6.01 15.64
N ALA A 90 -0.10 -5.03 15.82
CA ALA A 90 -1.37 -5.25 16.53
C ALA A 90 -2.51 -4.53 15.83
N ILE A 91 -3.66 -4.46 16.50
CA ILE A 91 -4.83 -3.81 15.94
C ILE A 91 -5.19 -2.56 16.74
N GLU A 92 -6.32 -1.94 16.39
CA GLU A 92 -6.78 -0.73 17.08
C GLU A 92 -5.85 0.44 16.79
N GLN A 93 -6.09 1.13 15.68
CA GLN A 93 -5.27 2.28 15.31
C GLN A 93 -6.08 3.27 14.46
N PRO A 94 -6.75 4.21 15.14
CA PRO A 94 -7.56 5.23 14.47
C PRO A 94 -6.71 6.24 13.70
N GLY A 95 -5.40 6.12 13.84
CA GLY A 95 -4.50 7.04 13.15
C GLY A 95 -3.42 6.31 12.38
N GLN A 96 -3.81 5.60 11.33
CA GLN A 96 -2.87 4.85 10.51
C GLN A 96 -2.63 5.55 9.17
N THR A 97 -1.38 5.59 8.75
CA THR A 97 -1.01 6.23 7.49
C THR A 97 0.02 5.41 6.73
N VAL A 98 -0.16 5.28 5.42
CA VAL A 98 0.76 4.52 4.59
C VAL A 98 1.36 5.40 3.49
N THR A 99 2.68 5.59 3.54
CA THR A 99 3.37 6.41 2.55
C THR A 99 4.38 5.58 1.77
N VAL A 100 4.19 5.54 0.45
CA VAL A 100 5.08 4.78 -0.42
C VAL A 100 5.40 5.56 -1.69
N GLU A 101 6.64 5.44 -2.15
CA GLU A 101 7.08 6.14 -3.36
C GLU A 101 7.16 5.18 -4.54
N PHE A 102 6.24 5.35 -5.50
CA PHE A 102 6.21 4.50 -6.68
C PHE A 102 7.45 4.71 -7.54
N LYS A 103 7.77 3.71 -8.36
CA LYS A 103 8.93 3.78 -9.23
C LYS A 103 8.69 3.01 -10.53
N ILE A 104 8.48 3.76 -11.61
CA ILE A 104 8.23 3.15 -12.91
C ILE A 104 9.30 2.11 -13.24
N ALA A 105 8.88 1.03 -13.90
CA ALA A 105 9.81 -0.03 -14.29
C ALA A 105 10.66 0.39 -15.47
N LYS A 106 11.47 -0.55 -15.98
CA LYS A 106 12.33 -0.29 -17.11
C LYS A 106 11.63 -0.62 -18.42
N ASP A 1 38.55 20.45 -5.29
CA ASP A 1 38.34 19.05 -4.93
C ASP A 1 37.42 18.37 -5.95
N HIS A 2 37.47 17.04 -5.98
CA HIS A 2 36.64 16.26 -6.90
C HIS A 2 35.95 15.12 -6.16
N PRO A 3 34.88 14.60 -6.77
CA PRO A 3 34.09 13.50 -6.20
C PRO A 3 34.87 12.18 -6.20
N PHE A 4 35.26 11.73 -5.02
CA PHE A 4 36.00 10.48 -4.89
C PHE A 4 35.06 9.31 -4.65
N THR A 5 34.36 9.33 -3.52
CA THR A 5 33.42 8.27 -3.19
C THR A 5 32.16 8.34 -4.04
N SER A 6 31.66 7.19 -4.47
CA SER A 6 30.46 7.14 -5.29
C SER A 6 29.91 5.71 -5.35
N ALA A 7 28.62 5.57 -5.07
CA ALA A 7 27.97 4.26 -5.10
C ALA A 7 26.64 4.32 -5.84
N PRO A 8 26.16 3.16 -6.28
CA PRO A 8 24.89 3.05 -7.01
C PRO A 8 23.69 3.33 -6.13
N THR A 9 23.79 2.96 -4.86
CA THR A 9 22.70 3.17 -3.91
C THR A 9 23.24 3.63 -2.55
N PHE A 10 22.33 3.84 -1.61
CA PHE A 10 22.72 4.28 -0.27
C PHE A 10 22.37 3.23 0.77
N GLY A 11 21.10 2.86 0.83
CA GLY A 11 20.65 1.86 1.79
C GLY A 11 19.80 2.45 2.89
N ASP A 12 18.64 2.96 2.52
CA ASP A 12 17.72 3.56 3.49
C ASP A 12 16.55 2.62 3.78
N PHE A 13 16.45 2.19 5.04
CA PHE A 13 15.38 1.29 5.45
C PHE A 13 14.84 1.68 6.82
N GLY A 14 13.56 1.35 7.06
CA GLY A 14 12.94 1.69 8.32
C GLY A 14 12.57 3.15 8.42
N SER A 15 11.83 3.65 7.43
CA SER A 15 11.42 5.04 7.41
C SER A 15 10.18 5.25 8.27
N ASN A 16 9.17 4.41 8.06
CA ASN A 16 7.92 4.51 8.82
C ASN A 16 7.23 3.15 8.90
N GLN A 17 6.06 3.13 9.55
CA GLN A 17 5.31 1.89 9.70
C GLN A 17 4.04 1.93 8.83
N GLN A 18 4.16 1.46 7.60
CA GLN A 18 3.03 1.43 6.68
C GLN A 18 2.10 0.26 6.98
N ALA A 19 0.84 0.39 6.60
CA ALA A 19 -0.15 -0.66 6.83
C ALA A 19 -0.18 -1.64 5.66
N MET A 20 0.42 -2.82 5.87
CA MET A 20 0.45 -3.85 4.83
C MET A 20 -0.39 -5.05 5.24
N PRO A 21 -1.43 -5.34 4.44
CA PRO A 21 -2.33 -6.46 4.69
C PRO A 21 -1.66 -7.81 4.46
N LEU A 22 -2.46 -8.87 4.38
CA LEU A 22 -1.93 -10.21 4.17
C LEU A 22 -2.28 -10.71 2.77
N TYR A 23 -2.99 -9.89 2.01
CA TYR A 23 -3.39 -10.25 0.66
C TYR A 23 -2.75 -9.32 -0.37
N ARG A 24 -2.44 -8.09 0.06
CA ARG A 24 -1.83 -7.10 -0.82
C ARG A 24 -0.62 -6.45 -0.13
N VAL A 25 0.52 -7.10 -0.23
CA VAL A 25 1.75 -6.58 0.38
C VAL A 25 2.08 -5.20 -0.18
N GLU A 26 1.51 -4.87 -1.33
CA GLU A 26 1.76 -3.58 -1.96
C GLU A 26 0.51 -3.08 -2.67
N PRO A 27 0.45 -1.76 -2.91
CA PRO A 27 -0.69 -1.12 -3.59
C PRO A 27 -0.76 -1.49 -5.06
N VAL A 28 -1.97 -1.77 -5.54
CA VAL A 28 -2.18 -2.13 -6.94
C VAL A 28 -1.51 -1.14 -7.87
N TYR A 29 -0.96 -1.64 -8.98
CA TYR A 29 -0.29 -0.79 -9.96
C TYR A 29 -1.24 -0.43 -11.09
N PRO A 30 -1.26 0.87 -11.45
CA PRO A 30 -2.10 1.38 -12.53
C PRO A 30 -1.65 0.91 -13.91
N SER A 31 -2.18 1.53 -14.95
CA SER A 31 -1.81 1.17 -16.32
C SER A 31 -1.28 2.38 -17.08
N ARG A 32 -1.83 3.56 -16.78
CA ARG A 32 -1.42 4.79 -17.42
C ARG A 32 -0.19 5.37 -16.73
N ALA A 33 -0.24 5.48 -15.41
CA ALA A 33 0.87 6.02 -14.63
C ALA A 33 2.07 5.09 -14.69
N LEU A 34 1.83 3.79 -14.55
CA LEU A 34 2.90 2.80 -14.57
C LEU A 34 3.66 2.86 -15.90
N LYS A 35 2.96 3.27 -16.95
CA LYS A 35 3.56 3.38 -18.27
C LYS A 35 3.98 4.82 -18.58
N ARG A 36 3.65 5.73 -17.67
CA ARG A 36 3.99 7.13 -17.83
C ARG A 36 5.50 7.34 -17.77
N GLY A 37 6.07 7.16 -16.59
CA GLY A 37 7.51 7.32 -16.42
C GLY A 37 7.86 8.02 -15.12
N VAL A 38 6.85 8.54 -14.43
CA VAL A 38 7.06 9.23 -13.17
C VAL A 38 6.95 8.26 -11.99
N GLU A 39 7.72 8.52 -10.94
CA GLU A 39 7.70 7.67 -9.75
C GLU A 39 7.37 8.49 -8.51
N GLY A 40 6.07 8.58 -8.19
CA GLY A 40 5.64 9.34 -7.04
C GLY A 40 5.37 8.45 -5.84
N PHE A 41 4.52 8.93 -4.93
CA PHE A 41 4.19 8.17 -3.72
C PHE A 41 2.70 8.31 -3.41
N VAL A 42 2.23 7.51 -2.44
CA VAL A 42 0.84 7.54 -2.04
C VAL A 42 0.71 7.49 -0.52
N THR A 43 0.14 8.55 0.06
CA THR A 43 -0.05 8.63 1.50
C THR A 43 -1.53 8.64 1.87
N LEU A 44 -2.01 7.52 2.39
CA LEU A 44 -3.42 7.40 2.78
C LEU A 44 -3.54 7.22 4.29
N SER A 45 -4.52 7.90 4.88
CA SER A 45 -4.75 7.83 6.32
C SER A 45 -6.11 7.19 6.62
N PHE A 46 -6.07 5.95 7.10
CA PHE A 46 -7.29 5.23 7.43
C PHE A 46 -7.19 4.58 8.81
N THR A 47 -8.34 4.19 9.36
CA THR A 47 -8.38 3.57 10.68
C THR A 47 -8.73 2.08 10.57
N ILE A 48 -7.87 1.24 11.12
CA ILE A 48 -8.10 -0.21 11.09
C ILE A 48 -8.95 -0.65 12.27
N ASP A 49 -10.23 -0.92 12.01
CA ASP A 49 -11.15 -1.35 13.05
C ASP A 49 -10.63 -2.61 13.74
N THR A 50 -10.90 -2.72 15.04
CA THR A 50 -10.45 -3.87 15.82
C THR A 50 -10.88 -5.17 15.16
N THR A 51 -11.93 -5.11 14.35
CA THR A 51 -12.44 -6.29 13.66
C THR A 51 -11.73 -6.49 12.33
N GLY A 52 -10.53 -5.93 12.21
CA GLY A 52 -9.76 -6.07 10.97
C GLY A 52 -10.48 -5.46 9.78
N LYS A 53 -10.97 -4.25 9.95
CA LYS A 53 -11.69 -3.55 8.88
C LYS A 53 -11.01 -2.22 8.54
N ALA A 54 -11.10 -1.82 7.28
CA ALA A 54 -10.51 -0.57 6.83
C ALA A 54 -11.58 0.47 6.52
N VAL A 55 -11.71 1.46 7.39
CA VAL A 55 -12.70 2.51 7.22
C VAL A 55 -12.07 3.89 7.36
N ASP A 56 -12.89 4.93 7.29
CA ASP A 56 -12.41 6.30 7.41
C ASP A 56 -11.31 6.58 6.40
N ILE A 57 -11.32 5.84 5.30
CA ILE A 57 -10.32 6.02 4.25
C ILE A 57 -10.23 7.48 3.81
N ASN A 58 -9.07 8.09 4.03
CA ASN A 58 -8.86 9.49 3.65
C ASN A 58 -7.40 9.73 3.28
N VAL A 59 -7.17 10.07 2.01
CA VAL A 59 -5.82 10.33 1.52
C VAL A 59 -5.44 11.79 1.74
N VAL A 60 -4.28 12.00 2.37
CA VAL A 60 -3.80 13.35 2.64
C VAL A 60 -2.94 13.85 1.49
N ASP A 61 -2.24 12.94 0.82
CA ASP A 61 -1.38 13.30 -0.30
C ASP A 61 -0.95 12.06 -1.07
N ALA A 62 -1.24 12.03 -2.36
CA ALA A 62 -0.87 10.90 -3.20
C ALA A 62 -0.49 11.37 -4.61
N ASN A 63 0.79 11.20 -4.95
CA ASN A 63 1.28 11.60 -6.26
C ASN A 63 0.92 13.06 -6.56
N PRO A 64 1.59 13.64 -7.57
CA PRO A 64 1.36 15.03 -7.97
C PRO A 64 0.00 15.22 -8.63
N LYS A 65 -0.67 14.11 -8.94
CA LYS A 65 -1.98 14.15 -9.57
C LYS A 65 -2.53 12.75 -9.79
N ARG A 66 -3.59 12.65 -10.58
CA ARG A 66 -4.20 11.36 -10.88
C ARG A 66 -3.20 10.42 -11.55
N MET A 67 -2.50 9.64 -10.74
CA MET A 67 -1.51 8.70 -11.25
C MET A 67 -1.66 7.34 -10.59
N PHE A 68 -1.43 7.30 -9.28
CA PHE A 68 -1.53 6.06 -8.52
C PHE A 68 -2.49 6.22 -7.35
N GLU A 69 -3.13 7.38 -7.27
CA GLU A 69 -4.08 7.67 -6.18
C GLU A 69 -5.31 6.76 -6.29
N ARG A 70 -5.84 6.64 -7.50
CA ARG A 70 -7.02 5.82 -7.74
C ARG A 70 -6.72 4.35 -7.48
N GLU A 71 -5.47 3.95 -7.71
CA GLU A 71 -5.06 2.57 -7.49
C GLU A 71 -4.89 2.28 -6.00
N ALA A 72 -4.18 3.14 -5.31
CA ALA A 72 -3.95 2.98 -3.88
C ALA A 72 -5.24 3.18 -3.09
N MET A 73 -5.99 4.23 -3.44
CA MET A 73 -7.24 4.53 -2.77
C MET A 73 -8.20 3.34 -2.85
N GLN A 74 -8.42 2.85 -4.06
CA GLN A 74 -9.32 1.72 -4.28
C GLN A 74 -8.73 0.44 -3.69
N ALA A 75 -7.41 0.35 -3.68
CA ALA A 75 -6.73 -0.82 -3.13
C ALA A 75 -6.97 -0.95 -1.63
N LEU A 76 -6.84 0.17 -0.92
CA LEU A 76 -7.04 0.19 0.52
C LEU A 76 -8.38 -0.46 0.90
N LYS A 77 -9.35 -0.36 0.00
CA LYS A 77 -10.66 -0.94 0.22
C LYS A 77 -10.65 -2.44 -0.02
N LYS A 78 -10.37 -2.83 -1.27
CA LYS A 78 -10.31 -4.23 -1.64
C LYS A 78 -9.35 -5.00 -0.74
N TRP A 79 -8.37 -4.29 -0.18
CA TRP A 79 -7.38 -4.90 0.70
C TRP A 79 -8.06 -5.67 1.83
N LYS A 80 -7.43 -6.76 2.27
CA LYS A 80 -7.97 -7.58 3.34
C LYS A 80 -6.98 -7.71 4.48
N TYR A 81 -7.38 -7.24 5.66
CA TYR A 81 -6.52 -7.31 6.84
C TYR A 81 -7.13 -8.18 7.92
N GLN A 82 -6.32 -9.06 8.49
CA GLN A 82 -6.79 -9.97 9.55
C GLN A 82 -6.51 -9.38 10.92
N PRO A 83 -7.50 -9.50 11.82
CA PRO A 83 -7.39 -8.99 13.19
C PRO A 83 -6.39 -9.79 14.04
N GLN A 84 -5.10 -9.52 13.80
CA GLN A 84 -4.05 -10.21 14.54
C GLN A 84 -2.89 -9.27 14.83
N ILE A 85 -2.65 -9.02 16.11
CA ILE A 85 -1.57 -8.13 16.53
C ILE A 85 -0.22 -8.85 16.47
N VAL A 86 0.58 -8.51 15.47
CA VAL A 86 1.90 -9.13 15.30
C VAL A 86 2.98 -8.06 15.19
N ASP A 87 4.21 -8.44 15.52
CA ASP A 87 5.34 -7.52 15.46
C ASP A 87 5.40 -6.83 14.11
N GLY A 88 5.06 -5.55 14.08
CA GLY A 88 5.08 -4.78 12.84
C GLY A 88 3.79 -4.05 12.59
N LYS A 89 2.67 -4.74 12.77
CA LYS A 89 1.35 -4.15 12.56
C LYS A 89 0.37 -4.58 13.65
N ALA A 90 -0.62 -3.73 13.91
CA ALA A 90 -1.62 -4.04 14.93
C ALA A 90 -3.03 -3.72 14.43
N ILE A 91 -4.01 -3.88 15.30
CA ILE A 91 -5.40 -3.60 14.94
C ILE A 91 -5.94 -2.41 15.74
N GLU A 92 -7.23 -2.13 15.57
CA GLU A 92 -7.87 -1.02 16.26
C GLU A 92 -6.96 0.20 16.30
N GLN A 93 -6.26 0.45 15.20
CA GLN A 93 -5.35 1.58 15.11
C GLN A 93 -5.97 2.71 14.29
N PRO A 94 -6.46 3.75 15.00
CA PRO A 94 -7.08 4.91 14.36
C PRO A 94 -6.08 5.77 13.61
N GLY A 95 -4.86 5.85 14.13
CA GLY A 95 -3.82 6.65 13.50
C GLY A 95 -2.87 5.80 12.67
N GLN A 96 -3.39 5.22 11.60
CA GLN A 96 -2.58 4.38 10.72
C GLN A 96 -2.39 5.03 9.36
N THR A 97 -1.13 5.21 8.96
CA THR A 97 -0.81 5.83 7.68
C THR A 97 0.08 4.92 6.84
N VAL A 98 -0.22 4.85 5.55
CA VAL A 98 0.56 4.01 4.63
C VAL A 98 1.17 4.85 3.52
N THR A 99 2.51 4.93 3.51
CA THR A 99 3.21 5.70 2.50
C THR A 99 4.01 4.79 1.56
N VAL A 100 3.50 4.60 0.35
CA VAL A 100 4.16 3.75 -0.64
C VAL A 100 4.94 4.58 -1.64
N GLU A 101 5.96 3.98 -2.23
CA GLU A 101 6.79 4.67 -3.20
C GLU A 101 6.70 3.99 -4.57
N PHE A 102 5.79 4.48 -5.41
CA PHE A 102 5.59 3.91 -6.73
C PHE A 102 6.83 4.14 -7.60
N LYS A 103 7.00 3.28 -8.61
CA LYS A 103 8.14 3.39 -9.51
C LYS A 103 7.78 2.84 -10.89
N ILE A 104 8.61 3.16 -11.88
CA ILE A 104 8.39 2.71 -13.25
C ILE A 104 9.51 1.80 -13.72
N ALA A 105 9.16 0.73 -14.42
CA ALA A 105 10.14 -0.22 -14.93
C ALA A 105 10.91 0.37 -16.11
N LYS A 106 12.21 0.13 -16.13
CA LYS A 106 13.07 0.64 -17.20
C LYS A 106 13.16 -0.37 -18.35
N ASP A 1 20.25 -17.86 20.29
CA ASP A 1 21.69 -17.70 20.05
C ASP A 1 22.04 -18.03 18.61
N HIS A 2 21.36 -19.03 18.05
CA HIS A 2 21.61 -19.44 16.67
C HIS A 2 20.49 -20.37 16.18
N PRO A 3 19.29 -19.80 16.00
CA PRO A 3 18.12 -20.54 15.53
C PRO A 3 18.25 -20.95 14.07
N PHE A 4 17.25 -21.68 13.58
CA PHE A 4 17.25 -22.13 12.19
C PHE A 4 16.46 -21.18 11.31
N THR A 5 17.13 -20.61 10.30
CA THR A 5 16.49 -19.67 9.39
C THR A 5 16.49 -20.22 7.96
N SER A 6 15.31 -20.56 7.47
CA SER A 6 15.17 -21.10 6.12
C SER A 6 13.87 -20.62 5.47
N ALA A 7 14.00 -19.84 4.41
CA ALA A 7 12.84 -19.32 3.70
C ALA A 7 13.24 -18.72 2.35
N PRO A 8 12.26 -18.58 1.45
CA PRO A 8 12.49 -18.02 0.11
C PRO A 8 12.79 -16.53 0.15
N THR A 9 13.40 -16.03 -0.91
CA THR A 9 13.76 -14.61 -1.01
C THR A 9 13.47 -14.06 -2.39
N PHE A 10 12.64 -13.02 -2.46
CA PHE A 10 12.28 -12.40 -3.73
C PHE A 10 12.49 -10.90 -3.66
N GLY A 11 11.84 -10.24 -2.71
CA GLY A 11 11.98 -8.80 -2.57
C GLY A 11 11.81 -8.35 -1.14
N ASP A 12 11.88 -7.03 -0.92
CA ASP A 12 11.74 -6.47 0.41
C ASP A 12 11.16 -5.06 0.35
N PHE A 13 9.93 -4.90 0.82
CA PHE A 13 9.27 -3.61 0.81
C PHE A 13 8.85 -3.20 2.23
N GLY A 14 9.69 -2.40 2.87
CA GLY A 14 9.40 -1.95 4.23
C GLY A 14 10.38 -0.90 4.71
N SER A 15 10.43 0.23 4.02
CA SER A 15 11.34 1.31 4.39
C SER A 15 10.71 2.21 5.45
N ASN A 16 9.39 2.35 5.40
CA ASN A 16 8.67 3.18 6.35
C ASN A 16 7.61 2.36 7.09
N GLN A 17 7.13 2.90 8.21
CA GLN A 17 6.12 2.21 9.01
C GLN A 17 4.73 2.44 8.42
N GLN A 18 4.23 1.44 7.72
CA GLN A 18 2.90 1.52 7.11
C GLN A 18 2.09 0.26 7.40
N ALA A 19 0.76 0.41 7.37
CA ALA A 19 -0.13 -0.72 7.63
C ALA A 19 -0.36 -1.54 6.36
N MET A 20 0.28 -2.69 6.28
CA MET A 20 0.14 -3.57 5.11
C MET A 20 -0.62 -4.84 5.49
N PRO A 21 -1.57 -5.23 4.63
CA PRO A 21 -2.39 -6.43 4.84
C PRO A 21 -1.58 -7.72 4.68
N LEU A 22 -2.28 -8.84 4.57
CA LEU A 22 -1.63 -10.13 4.41
C LEU A 22 -1.84 -10.67 2.99
N TYR A 23 -2.63 -9.96 2.20
CA TYR A 23 -2.91 -10.36 0.83
C TYR A 23 -2.30 -9.38 -0.16
N ARG A 24 -2.02 -8.17 0.31
CA ARG A 24 -1.43 -7.14 -0.54
C ARG A 24 -0.24 -6.48 0.15
N VAL A 25 0.93 -7.11 0.02
CA VAL A 25 2.15 -6.58 0.63
C VAL A 25 2.54 -5.24 0.01
N GLU A 26 1.93 -4.91 -1.11
CA GLU A 26 2.21 -3.66 -1.81
C GLU A 26 0.97 -3.14 -2.52
N PRO A 27 0.94 -1.82 -2.77
CA PRO A 27 -0.18 -1.17 -3.46
C PRO A 27 -0.27 -1.55 -4.93
N VAL A 28 -1.49 -1.61 -5.45
CA VAL A 28 -1.71 -1.96 -6.84
C VAL A 28 -1.18 -0.87 -7.78
N TYR A 29 -0.59 -1.29 -8.88
CA TYR A 29 -0.04 -0.35 -9.85
C TYR A 29 -1.00 -0.15 -11.03
N PRO A 30 -1.16 1.12 -11.44
CA PRO A 30 -2.04 1.48 -12.55
C PRO A 30 -1.52 0.98 -13.90
N SER A 31 -2.15 1.44 -14.98
CA SER A 31 -1.76 1.03 -16.32
C SER A 31 -1.30 2.24 -17.14
N ARG A 32 -1.79 3.42 -16.76
CA ARG A 32 -1.44 4.65 -17.45
C ARG A 32 -0.16 5.25 -16.89
N ALA A 33 -0.18 5.54 -15.59
CA ALA A 33 0.99 6.11 -14.92
C ALA A 33 2.23 5.27 -15.16
N LEU A 34 2.02 3.96 -15.36
CA LEU A 34 3.14 3.05 -15.60
C LEU A 34 3.76 3.29 -16.97
N LYS A 35 2.94 3.21 -18.01
CA LYS A 35 3.41 3.42 -19.37
C LYS A 35 3.88 4.86 -19.57
N ARG A 36 3.19 5.79 -18.94
CA ARG A 36 3.53 7.20 -19.04
C ARG A 36 5.01 7.42 -18.73
N GLY A 37 5.39 7.21 -17.48
CA GLY A 37 6.78 7.39 -17.08
C GLY A 37 6.93 8.36 -15.92
N VAL A 38 5.87 8.49 -15.12
CA VAL A 38 5.89 9.39 -13.99
C VAL A 38 6.05 8.61 -12.68
N GLU A 39 6.86 9.15 -11.78
CA GLU A 39 7.11 8.50 -10.49
C GLU A 39 6.65 9.39 -9.34
N GLY A 40 5.48 9.08 -8.80
CA GLY A 40 4.94 9.87 -7.69
C GLY A 40 4.89 9.09 -6.40
N PHE A 41 4.21 9.64 -5.41
CA PHE A 41 4.08 8.98 -4.11
C PHE A 41 2.62 8.70 -3.78
N VAL A 42 2.40 7.77 -2.84
CA VAL A 42 1.05 7.41 -2.44
C VAL A 42 0.89 7.48 -0.92
N THR A 43 0.09 8.43 -0.46
CA THR A 43 -0.14 8.62 0.96
C THR A 43 -1.64 8.60 1.27
N LEU A 44 -2.09 7.52 1.90
CA LEU A 44 -3.50 7.37 2.25
C LEU A 44 -3.67 7.24 3.77
N SER A 45 -4.64 7.95 4.32
CA SER A 45 -4.90 7.92 5.75
C SER A 45 -6.17 7.11 6.05
N PHE A 46 -6.00 5.97 6.68
CA PHE A 46 -7.13 5.10 7.02
C PHE A 46 -6.98 4.55 8.43
N THR A 47 -8.09 4.11 9.00
CA THR A 47 -8.09 3.55 10.36
C THR A 47 -8.44 2.07 10.34
N ILE A 48 -7.67 1.29 11.09
CA ILE A 48 -7.90 -0.16 11.17
C ILE A 48 -8.73 -0.52 12.39
N ASP A 49 -10.02 -0.78 12.18
CA ASP A 49 -10.93 -1.15 13.26
C ASP A 49 -10.39 -2.35 14.03
N THR A 50 -10.65 -2.37 15.33
CA THR A 50 -10.20 -3.46 16.18
C THR A 50 -10.62 -4.81 15.62
N THR A 51 -11.68 -4.80 14.82
CA THR A 51 -12.19 -6.02 14.21
C THR A 51 -11.49 -6.32 12.88
N GLY A 52 -10.29 -5.77 12.72
CA GLY A 52 -9.54 -5.99 11.51
C GLY A 52 -10.27 -5.49 10.28
N LYS A 53 -10.81 -4.28 10.35
CA LYS A 53 -11.54 -3.69 9.24
C LYS A 53 -11.10 -2.25 9.00
N ALA A 54 -10.56 -1.99 7.81
CA ALA A 54 -10.10 -0.65 7.46
C ALA A 54 -11.26 0.21 6.98
N VAL A 55 -11.39 1.39 7.56
CA VAL A 55 -12.46 2.32 7.20
C VAL A 55 -11.96 3.76 7.21
N ASP A 56 -12.87 4.70 6.92
CA ASP A 56 -12.53 6.11 6.90
C ASP A 56 -11.34 6.37 5.97
N ILE A 57 -11.44 5.88 4.74
CA ILE A 57 -10.37 6.07 3.78
C ILE A 57 -10.29 7.51 3.30
N ASN A 58 -9.16 8.15 3.56
CA ASN A 58 -8.95 9.54 3.16
C ASN A 58 -7.52 9.77 2.67
N VAL A 59 -7.38 10.09 1.40
CA VAL A 59 -6.06 10.33 0.82
C VAL A 59 -5.54 11.72 1.22
N VAL A 60 -4.35 11.73 1.82
CA VAL A 60 -3.74 12.98 2.25
C VAL A 60 -3.00 13.66 1.09
N ASP A 61 -2.33 12.85 0.28
CA ASP A 61 -1.59 13.37 -0.86
C ASP A 61 -0.88 12.25 -1.61
N ALA A 62 -0.95 12.30 -2.94
CA ALA A 62 -0.31 11.28 -3.77
C ALA A 62 -0.15 11.77 -5.20
N ASN A 63 1.00 11.48 -5.80
CA ASN A 63 1.29 11.89 -7.17
C ASN A 63 1.13 13.40 -7.32
N PRO A 64 1.70 13.94 -8.41
CA PRO A 64 1.64 15.38 -8.70
C PRO A 64 0.23 15.83 -9.09
N LYS A 65 -0.39 15.11 -10.02
CA LYS A 65 -1.73 15.44 -10.47
C LYS A 65 -2.42 14.22 -11.06
N ARG A 66 -3.14 13.48 -10.21
CA ARG A 66 -3.84 12.28 -10.66
C ARG A 66 -2.91 11.35 -11.43
N MET A 67 -2.49 10.27 -10.77
CA MET A 67 -1.60 9.30 -11.39
C MET A 67 -1.86 7.90 -10.85
N PHE A 68 -1.81 7.75 -9.53
CA PHE A 68 -2.03 6.46 -8.89
C PHE A 68 -2.99 6.61 -7.71
N GLU A 69 -3.49 7.82 -7.51
CA GLU A 69 -4.42 8.09 -6.41
C GLU A 69 -5.58 7.10 -6.42
N ARG A 70 -5.98 6.69 -7.62
CA ARG A 70 -7.09 5.74 -7.77
C ARG A 70 -6.66 4.34 -7.31
N GLU A 71 -5.60 3.83 -7.92
CA GLU A 71 -5.10 2.50 -7.58
C GLU A 71 -4.76 2.42 -6.09
N ALA A 72 -4.33 3.54 -5.52
CA ALA A 72 -3.98 3.60 -4.11
C ALA A 72 -5.23 3.52 -3.23
N MET A 73 -6.28 4.23 -3.62
CA MET A 73 -7.52 4.24 -2.87
C MET A 73 -8.25 2.91 -3.01
N GLN A 74 -8.46 2.48 -4.24
CA GLN A 74 -9.16 1.23 -4.51
C GLN A 74 -8.43 0.06 -3.84
N ALA A 75 -7.11 0.17 -3.72
CA ALA A 75 -6.30 -0.87 -3.11
C ALA A 75 -6.59 -0.97 -1.61
N LEU A 76 -6.48 0.17 -0.93
CA LEU A 76 -6.71 0.22 0.51
C LEU A 76 -8.03 -0.46 0.87
N LYS A 77 -9.01 -0.35 -0.03
CA LYS A 77 -10.33 -0.95 0.19
C LYS A 77 -10.29 -2.44 -0.09
N LYS A 78 -9.99 -2.80 -1.34
CA LYS A 78 -9.92 -4.19 -1.74
C LYS A 78 -9.01 -4.99 -0.80
N TRP A 79 -8.04 -4.30 -0.20
CA TRP A 79 -7.11 -4.94 0.71
C TRP A 79 -7.85 -5.72 1.80
N LYS A 80 -7.13 -6.59 2.48
CA LYS A 80 -7.72 -7.39 3.56
C LYS A 80 -6.75 -7.55 4.72
N TYR A 81 -7.17 -7.11 5.89
CA TYR A 81 -6.33 -7.20 7.09
C TYR A 81 -6.93 -8.16 8.10
N GLN A 82 -6.07 -8.82 8.87
CA GLN A 82 -6.52 -9.77 9.88
C GLN A 82 -6.41 -9.17 11.28
N PRO A 83 -7.49 -9.26 12.05
CA PRO A 83 -7.54 -8.74 13.42
C PRO A 83 -6.68 -9.54 14.38
N GLN A 84 -6.16 -10.67 13.90
CA GLN A 84 -5.32 -11.54 14.71
C GLN A 84 -4.09 -10.78 15.23
N ILE A 85 -4.04 -10.54 16.53
CA ILE A 85 -2.93 -9.83 17.13
C ILE A 85 -1.73 -10.76 17.31
N VAL A 86 -0.64 -10.45 16.61
CA VAL A 86 0.57 -11.25 16.69
C VAL A 86 1.79 -10.36 16.92
N ASP A 87 2.83 -10.93 17.52
CA ASP A 87 4.07 -10.19 17.78
C ASP A 87 4.57 -9.50 16.52
N GLY A 88 4.45 -8.18 16.49
CA GLY A 88 4.90 -7.42 15.34
C GLY A 88 3.87 -6.41 14.87
N LYS A 89 2.64 -6.87 14.65
CA LYS A 89 1.56 -5.99 14.20
C LYS A 89 0.27 -6.29 14.96
N ALA A 90 -0.34 -5.26 15.52
CA ALA A 90 -1.58 -5.40 16.27
C ALA A 90 -2.72 -4.65 15.59
N ILE A 91 -3.84 -4.54 16.30
CA ILE A 91 -5.01 -3.84 15.76
C ILE A 91 -5.36 -2.63 16.61
N GLU A 92 -6.46 -1.98 16.28
CA GLU A 92 -6.90 -0.79 17.01
C GLU A 92 -5.95 0.37 16.80
N GLN A 93 -6.13 1.09 15.70
CA GLN A 93 -5.28 2.23 15.38
C GLN A 93 -6.03 3.25 14.53
N PRO A 94 -6.69 4.22 15.20
CA PRO A 94 -7.45 5.27 14.52
C PRO A 94 -6.55 6.25 13.77
N GLY A 95 -5.24 6.10 13.95
CA GLY A 95 -4.31 6.99 13.28
C GLY A 95 -3.26 6.23 12.50
N GLN A 96 -3.71 5.47 11.50
CA GLN A 96 -2.79 4.68 10.67
C GLN A 96 -2.60 5.33 9.31
N THR A 97 -1.34 5.55 8.93
CA THR A 97 -1.03 6.17 7.65
C THR A 97 -0.07 5.29 6.84
N VAL A 98 -0.31 5.20 5.54
CA VAL A 98 0.54 4.40 4.66
C VAL A 98 1.14 5.26 3.55
N THR A 99 2.46 5.39 3.58
CA THR A 99 3.17 6.19 2.59
C THR A 99 4.17 5.35 1.81
N VAL A 100 4.01 5.28 0.50
CA VAL A 100 4.90 4.51 -0.36
C VAL A 100 5.23 5.27 -1.64
N GLU A 101 6.46 5.11 -2.11
CA GLU A 101 6.91 5.77 -3.33
C GLU A 101 6.74 4.85 -4.54
N PHE A 102 6.08 5.36 -5.57
CA PHE A 102 5.86 4.60 -6.79
C PHE A 102 7.02 4.75 -7.76
N LYS A 103 7.33 3.68 -8.49
CA LYS A 103 8.43 3.70 -9.45
C LYS A 103 8.04 2.97 -10.73
N ILE A 104 8.39 3.55 -11.87
CA ILE A 104 8.08 2.96 -13.17
C ILE A 104 8.98 1.77 -13.45
N ALA A 105 8.42 0.74 -14.09
CA ALA A 105 9.17 -0.45 -14.43
C ALA A 105 10.41 -0.11 -15.25
N LYS A 106 11.57 -0.38 -14.69
CA LYS A 106 12.84 -0.10 -15.37
C LYS A 106 13.37 -1.35 -16.07
N ASP A 1 -24.67 -26.69 -6.37
CA ASP A 1 -23.44 -26.09 -6.86
C ASP A 1 -22.25 -27.02 -6.64
N HIS A 2 -21.09 -26.64 -7.19
CA HIS A 2 -19.88 -27.45 -7.06
C HIS A 2 -18.80 -26.68 -6.30
N PRO A 3 -17.82 -27.41 -5.77
CA PRO A 3 -16.71 -26.82 -5.02
C PRO A 3 -15.77 -26.02 -5.92
N PHE A 4 -15.30 -24.88 -5.42
CA PHE A 4 -14.39 -24.03 -6.18
C PHE A 4 -12.94 -24.33 -5.81
N THR A 5 -12.09 -24.42 -6.84
CA THR A 5 -10.68 -24.70 -6.63
C THR A 5 -9.83 -23.44 -6.75
N SER A 6 -8.64 -23.46 -6.17
CA SER A 6 -7.74 -22.31 -6.21
C SER A 6 -6.28 -22.76 -6.09
N ALA A 7 -5.37 -21.84 -6.40
CA ALA A 7 -3.95 -22.13 -6.32
C ALA A 7 -3.12 -20.86 -6.36
N PRO A 8 -3.18 -20.08 -5.26
CA PRO A 8 -2.44 -18.82 -5.15
C PRO A 8 -0.93 -19.04 -5.03
N THR A 9 -0.16 -18.17 -5.67
CA THR A 9 1.29 -18.27 -5.64
C THR A 9 1.83 -18.08 -4.23
N PHE A 10 3.03 -18.59 -3.98
CA PHE A 10 3.65 -18.48 -2.66
C PHE A 10 4.74 -17.40 -2.67
N GLY A 11 5.13 -16.96 -1.47
CA GLY A 11 6.15 -15.94 -1.35
C GLY A 11 5.61 -14.63 -0.82
N ASP A 12 6.22 -14.12 0.24
CA ASP A 12 5.80 -12.87 0.84
C ASP A 12 6.98 -12.16 1.50
N PHE A 13 6.92 -10.83 1.51
CA PHE A 13 7.98 -10.03 2.11
C PHE A 13 7.46 -8.66 2.55
N GLY A 14 8.08 -8.10 3.57
CA GLY A 14 7.66 -6.80 4.07
C GLY A 14 8.84 -5.92 4.46
N SER A 15 9.13 -4.91 3.64
CA SER A 15 10.23 -4.01 3.90
C SER A 15 9.82 -2.91 4.88
N ASN A 16 8.74 -2.21 4.55
CA ASN A 16 8.23 -1.14 5.39
C ASN A 16 7.55 -1.70 6.63
N GLN A 17 7.32 -0.83 7.62
CA GLN A 17 6.68 -1.24 8.86
C GLN A 17 5.33 -0.55 9.03
N GLN A 18 4.63 -0.33 7.92
CA GLN A 18 3.33 0.32 7.94
C GLN A 18 2.22 -0.71 8.09
N ALA A 19 0.97 -0.25 7.96
CA ALA A 19 -0.19 -1.13 8.07
C ALA A 19 -0.54 -1.75 6.73
N MET A 20 -0.18 -3.02 6.57
CA MET A 20 -0.45 -3.74 5.33
C MET A 20 -1.31 -4.98 5.59
N PRO A 21 -2.20 -5.29 4.64
CA PRO A 21 -3.10 -6.44 4.75
C PRO A 21 -2.35 -7.77 4.63
N LEU A 22 -3.10 -8.85 4.41
CA LEU A 22 -2.51 -10.17 4.28
C LEU A 22 -2.76 -10.74 2.89
N TYR A 23 -3.51 -10.00 2.07
CA TYR A 23 -3.82 -10.43 0.72
C TYR A 23 -3.19 -9.50 -0.31
N ARG A 24 -2.78 -8.32 0.14
CA ARG A 24 -2.15 -7.34 -0.74
C ARG A 24 -0.86 -6.80 -0.12
N VAL A 25 0.22 -7.56 -0.26
CA VAL A 25 1.51 -7.16 0.28
C VAL A 25 1.94 -5.81 -0.29
N GLU A 26 1.46 -5.49 -1.48
CA GLU A 26 1.80 -4.22 -2.13
C GLU A 26 0.57 -3.60 -2.79
N PRO A 27 0.61 -2.28 -2.99
CA PRO A 27 -0.48 -1.53 -3.61
C PRO A 27 -0.64 -1.86 -5.09
N VAL A 28 -1.89 -2.01 -5.53
CA VAL A 28 -2.17 -2.32 -6.93
C VAL A 28 -1.47 -1.33 -7.86
N TYR A 29 -0.83 -1.86 -8.89
CA TYR A 29 -0.12 -1.03 -9.86
C TYR A 29 -1.05 -0.55 -10.96
N PRO A 30 -0.92 0.74 -11.33
CA PRO A 30 -1.75 1.35 -12.38
C PRO A 30 -1.42 0.80 -13.77
N SER A 31 -1.89 1.51 -14.80
CA SER A 31 -1.66 1.09 -16.17
C SER A 31 -1.09 2.25 -17.00
N ARG A 32 -1.60 3.45 -16.75
CA ARG A 32 -1.15 4.64 -17.48
C ARG A 32 -0.03 5.34 -16.71
N ALA A 33 0.00 5.14 -15.39
CA ALA A 33 1.02 5.75 -14.55
C ALA A 33 2.36 5.05 -14.71
N LEU A 34 2.37 3.74 -14.50
CA LEU A 34 3.59 2.95 -14.62
C LEU A 34 4.20 3.11 -16.01
N LYS A 35 3.35 3.39 -16.99
CA LYS A 35 3.81 3.57 -18.38
C LYS A 35 4.16 5.03 -18.64
N ARG A 36 3.62 5.92 -17.83
CA ARG A 36 3.87 7.35 -17.98
C ARG A 36 5.37 7.64 -17.98
N GLY A 37 6.01 7.40 -16.84
CA GLY A 37 7.44 7.64 -16.73
C GLY A 37 7.81 8.40 -15.48
N VAL A 38 6.80 8.69 -14.65
CA VAL A 38 7.02 9.43 -13.41
C VAL A 38 6.89 8.51 -12.20
N GLU A 39 7.67 8.79 -11.16
CA GLU A 39 7.63 8.00 -9.94
C GLU A 39 7.25 8.85 -8.74
N GLY A 40 5.95 8.98 -8.51
CA GLY A 40 5.47 9.78 -7.39
C GLY A 40 5.39 8.98 -6.10
N PHE A 41 4.50 9.39 -5.20
CA PHE A 41 4.33 8.71 -3.92
C PHE A 41 2.89 8.79 -3.44
N VAL A 42 2.38 7.68 -2.92
CA VAL A 42 1.01 7.62 -2.43
C VAL A 42 0.97 7.51 -0.91
N THR A 43 0.07 8.27 -0.29
CA THR A 43 -0.06 8.24 1.16
C THR A 43 -1.53 8.30 1.58
N LEU A 44 -2.05 7.16 2.04
CA LEU A 44 -3.43 7.08 2.47
C LEU A 44 -3.52 6.86 3.98
N SER A 45 -4.47 7.54 4.62
CA SER A 45 -4.65 7.43 6.06
C SER A 45 -6.00 6.78 6.38
N PHE A 46 -5.95 5.61 7.01
CA PHE A 46 -7.17 4.89 7.38
C PHE A 46 -7.07 4.35 8.80
N THR A 47 -8.22 3.94 9.34
CA THR A 47 -8.26 3.40 10.70
C THR A 47 -8.61 1.91 10.70
N ILE A 48 -7.80 1.12 11.39
CA ILE A 48 -8.02 -0.32 11.46
C ILE A 48 -8.89 -0.68 12.66
N ASP A 49 -10.14 -1.04 12.39
CA ASP A 49 -11.07 -1.41 13.43
C ASP A 49 -10.58 -2.63 14.19
N THR A 50 -10.89 -2.69 15.48
CA THR A 50 -10.47 -3.80 16.34
C THR A 50 -10.87 -5.14 15.73
N THR A 51 -11.90 -5.10 14.87
CA THR A 51 -12.39 -6.32 14.22
C THR A 51 -11.64 -6.58 12.92
N GLY A 52 -10.43 -6.03 12.82
CA GLY A 52 -9.62 -6.21 11.62
C GLY A 52 -10.30 -5.68 10.38
N LYS A 53 -10.84 -4.47 10.47
CA LYS A 53 -11.52 -3.84 9.34
C LYS A 53 -10.84 -2.54 8.96
N ALA A 54 -10.89 -2.21 7.67
CA ALA A 54 -10.28 -0.98 7.17
C ALA A 54 -11.34 0.00 6.69
N VAL A 55 -11.56 1.06 7.46
CA VAL A 55 -12.55 2.07 7.12
C VAL A 55 -11.95 3.47 7.23
N ASP A 56 -12.78 4.48 6.97
CA ASP A 56 -12.34 5.87 7.05
C ASP A 56 -11.26 6.15 6.01
N ILE A 57 -11.28 5.39 4.91
CA ILE A 57 -10.30 5.56 3.85
C ILE A 57 -10.21 7.02 3.41
N ASN A 58 -9.16 7.70 3.86
CA ASN A 58 -8.96 9.11 3.51
C ASN A 58 -7.50 9.39 3.17
N VAL A 59 -7.25 9.74 1.92
CA VAL A 59 -5.89 10.03 1.46
C VAL A 59 -5.51 11.47 1.77
N VAL A 60 -4.33 11.64 2.38
CA VAL A 60 -3.85 12.97 2.73
C VAL A 60 -2.97 13.55 1.63
N ASP A 61 -2.25 12.68 0.93
CA ASP A 61 -1.38 13.10 -0.16
C ASP A 61 -0.90 11.90 -0.95
N ALA A 62 -1.18 11.91 -2.26
CA ALA A 62 -0.78 10.82 -3.14
C ALA A 62 -0.67 11.30 -4.59
N ASN A 63 0.52 11.20 -5.16
CA ASN A 63 0.75 11.62 -6.54
C ASN A 63 0.42 13.10 -6.71
N PRO A 64 1.00 13.71 -7.76
CA PRO A 64 0.79 15.13 -8.06
C PRO A 64 -0.63 15.40 -8.55
N LYS A 65 -0.85 15.21 -9.85
CA LYS A 65 -2.16 15.43 -10.45
C LYS A 65 -2.66 14.17 -11.16
N ARG A 66 -3.41 13.35 -10.42
CA ARG A 66 -3.94 12.11 -10.98
C ARG A 66 -2.83 11.27 -11.61
N MET A 67 -2.37 10.26 -10.87
CA MET A 67 -1.32 9.38 -11.36
C MET A 67 -1.43 7.99 -10.71
N PHE A 68 -1.53 7.97 -9.40
CA PHE A 68 -1.64 6.71 -8.67
C PHE A 68 -2.60 6.85 -7.48
N GLU A 69 -3.38 7.93 -7.47
CA GLU A 69 -4.32 8.18 -6.40
C GLU A 69 -5.47 7.17 -6.43
N ARG A 70 -5.83 6.75 -7.64
CA ARG A 70 -6.92 5.78 -7.81
C ARG A 70 -6.48 4.39 -7.34
N GLU A 71 -5.40 3.89 -7.93
CA GLU A 71 -4.88 2.58 -7.58
C GLU A 71 -4.63 2.47 -6.07
N ALA A 72 -4.15 3.56 -5.49
CA ALA A 72 -3.87 3.59 -4.05
C ALA A 72 -5.16 3.57 -3.24
N MET A 73 -6.17 4.29 -3.72
CA MET A 73 -7.45 4.35 -3.04
C MET A 73 -8.22 3.04 -3.20
N GLN A 74 -8.48 2.67 -4.45
CA GLN A 74 -9.21 1.44 -4.74
C GLN A 74 -8.56 0.24 -4.03
N ALA A 75 -7.23 0.25 -3.96
CA ALA A 75 -6.50 -0.82 -3.33
C ALA A 75 -6.82 -0.89 -1.83
N LEU A 76 -6.57 0.20 -1.12
CA LEU A 76 -6.83 0.27 0.31
C LEU A 76 -8.26 -0.18 0.62
N LYS A 77 -9.18 0.11 -0.30
CA LYS A 77 -10.58 -0.26 -0.13
C LYS A 77 -10.79 -1.73 -0.45
N LYS A 78 -10.10 -2.21 -1.48
CA LYS A 78 -10.22 -3.61 -1.88
C LYS A 78 -9.26 -4.49 -1.09
N TRP A 79 -8.63 -3.91 -0.08
CA TRP A 79 -7.68 -4.64 0.76
C TRP A 79 -8.42 -5.40 1.86
N LYS A 80 -7.74 -6.39 2.44
CA LYS A 80 -8.33 -7.19 3.50
C LYS A 80 -7.36 -7.34 4.67
N TYR A 81 -7.76 -6.87 5.84
CA TYR A 81 -6.91 -6.96 7.04
C TYR A 81 -7.52 -7.92 8.05
N GLN A 82 -6.65 -8.63 8.77
CA GLN A 82 -7.09 -9.58 9.78
C GLN A 82 -6.76 -9.08 11.19
N PRO A 83 -7.71 -9.26 12.12
CA PRO A 83 -7.54 -8.83 13.51
C PRO A 83 -6.51 -9.67 14.25
N GLN A 84 -5.24 -9.49 13.91
CA GLN A 84 -4.15 -10.23 14.55
C GLN A 84 -3.01 -9.31 14.93
N ILE A 85 -2.79 -9.16 16.23
CA ILE A 85 -1.71 -8.30 16.73
C ILE A 85 -0.36 -9.00 16.63
N VAL A 86 0.54 -8.43 15.83
CA VAL A 86 1.86 -8.99 15.64
C VAL A 86 2.92 -7.88 15.58
N ASP A 87 4.14 -8.23 15.96
CA ASP A 87 5.24 -7.27 15.93
C ASP A 87 5.33 -6.57 14.58
N GLY A 88 4.94 -5.30 14.55
CA GLY A 88 4.98 -4.53 13.32
C GLY A 88 3.61 -4.01 12.92
N LYS A 89 2.57 -4.78 13.23
CA LYS A 89 1.20 -4.38 12.90
C LYS A 89 0.23 -4.84 13.98
N ALA A 90 -0.65 -3.94 14.39
CA ALA A 90 -1.64 -4.25 15.42
C ALA A 90 -3.05 -3.90 14.94
N ILE A 91 -4.01 -3.95 15.86
CA ILE A 91 -5.39 -3.64 15.54
C ILE A 91 -5.93 -2.50 16.41
N GLU A 92 -7.22 -2.23 16.29
CA GLU A 92 -7.84 -1.17 17.07
C GLU A 92 -6.95 0.07 17.11
N GLN A 93 -6.32 0.39 15.99
CA GLN A 93 -5.44 1.54 15.90
C GLN A 93 -5.92 2.51 14.83
N PRO A 94 -6.59 3.59 15.27
CA PRO A 94 -7.12 4.61 14.36
C PRO A 94 -6.01 5.44 13.72
N GLY A 95 -4.78 5.23 14.16
CA GLY A 95 -3.66 5.96 13.62
C GLY A 95 -2.75 5.09 12.78
N GLN A 96 -3.13 4.89 11.52
CA GLN A 96 -2.36 4.06 10.60
C GLN A 96 -2.23 4.74 9.25
N THR A 97 -0.99 4.90 8.78
CA THR A 97 -0.73 5.53 7.49
C THR A 97 0.17 4.65 6.62
N VAL A 98 -0.12 4.63 5.33
CA VAL A 98 0.66 3.84 4.39
C VAL A 98 1.27 4.72 3.30
N THR A 99 2.60 4.87 3.35
CA THR A 99 3.30 5.68 2.36
C THR A 99 4.30 4.84 1.57
N VAL A 100 4.05 4.73 0.27
CA VAL A 100 4.93 3.96 -0.61
C VAL A 100 5.14 4.66 -1.94
N GLU A 101 6.33 4.51 -2.51
CA GLU A 101 6.65 5.13 -3.79
C GLU A 101 6.40 4.17 -4.95
N PHE A 102 6.21 4.73 -6.13
CA PHE A 102 5.95 3.92 -7.33
C PHE A 102 7.04 4.14 -8.37
N LYS A 103 7.86 3.11 -8.59
CA LYS A 103 8.94 3.18 -9.56
C LYS A 103 8.48 2.68 -10.93
N ILE A 104 8.98 3.32 -11.98
CA ILE A 104 8.62 2.93 -13.35
C ILE A 104 9.51 1.80 -13.84
N ALA A 105 8.92 0.89 -14.61
CA ALA A 105 9.66 -0.25 -15.15
C ALA A 105 10.88 0.22 -15.93
N LYS A 106 12.06 0.01 -15.35
CA LYS A 106 13.31 0.41 -15.99
C LYS A 106 13.58 -0.43 -17.24
N ASP A 1 10.98 -11.87 -30.63
CA ASP A 1 11.93 -11.15 -29.79
C ASP A 1 12.00 -11.78 -28.40
N HIS A 2 13.22 -12.04 -27.93
CA HIS A 2 13.42 -12.64 -26.62
C HIS A 2 14.39 -11.81 -25.79
N PRO A 3 14.39 -12.03 -24.46
CA PRO A 3 15.26 -11.31 -23.53
C PRO A 3 16.72 -11.71 -23.69
N PHE A 4 17.59 -11.14 -22.85
CA PHE A 4 19.01 -11.44 -22.90
C PHE A 4 19.65 -11.27 -21.52
N THR A 5 19.32 -10.16 -20.85
CA THR A 5 19.86 -9.89 -19.53
C THR A 5 18.85 -9.14 -18.67
N SER A 6 18.90 -9.37 -17.36
CA SER A 6 17.99 -8.71 -16.43
C SER A 6 18.75 -8.06 -15.28
N ALA A 7 18.03 -7.36 -14.42
CA ALA A 7 18.64 -6.69 -13.28
C ALA A 7 17.57 -6.11 -12.36
N PRO A 8 16.88 -6.98 -11.62
CA PRO A 8 15.83 -6.58 -10.68
C PRO A 8 16.39 -5.85 -9.47
N THR A 9 15.50 -5.46 -8.55
CA THR A 9 15.90 -4.75 -7.35
C THR A 9 14.79 -4.78 -6.30
N PHE A 10 15.15 -4.48 -5.06
CA PHE A 10 14.19 -4.47 -3.96
C PHE A 10 14.56 -3.42 -2.91
N GLY A 11 13.70 -3.25 -1.92
CA GLY A 11 13.96 -2.29 -0.87
C GLY A 11 12.99 -2.41 0.28
N ASP A 12 13.36 -1.84 1.44
CA ASP A 12 12.51 -1.90 2.62
C ASP A 12 12.65 -0.62 3.44
N PHE A 13 11.65 -0.35 4.27
CA PHE A 13 11.66 0.85 5.12
C PHE A 13 10.47 0.84 6.08
N GLY A 14 10.72 1.24 7.32
CA GLY A 14 9.67 1.27 8.31
C GLY A 14 9.26 2.69 8.68
N SER A 15 9.51 3.63 7.76
CA SER A 15 9.17 5.03 8.00
C SER A 15 7.66 5.21 8.12
N ASN A 16 6.91 4.34 7.46
CA ASN A 16 5.46 4.40 7.48
C ASN A 16 4.92 3.91 8.82
N GLN A 17 3.59 3.76 8.90
CA GLN A 17 2.96 3.30 10.13
C GLN A 17 3.04 1.79 10.25
N GLN A 18 3.61 1.14 9.23
CA GLN A 18 3.76 -0.31 9.22
C GLN A 18 2.39 -0.99 9.20
N ALA A 19 1.46 -0.41 8.47
CA ALA A 19 0.11 -0.95 8.37
C ALA A 19 -0.15 -1.50 6.96
N MET A 20 -0.11 -2.82 6.84
CA MET A 20 -0.35 -3.46 5.55
C MET A 20 -1.20 -4.72 5.71
N PRO A 21 -1.98 -5.05 4.68
CA PRO A 21 -2.86 -6.22 4.69
C PRO A 21 -2.07 -7.52 4.63
N LEU A 22 -2.77 -8.62 4.35
CA LEU A 22 -2.14 -9.93 4.26
C LEU A 22 -2.35 -10.54 2.88
N TYR A 23 -3.04 -9.82 2.01
CA TYR A 23 -3.31 -10.29 0.65
C TYR A 23 -2.67 -9.37 -0.38
N ARG A 24 -2.36 -8.14 0.05
CA ARG A 24 -1.75 -7.15 -0.85
C ARG A 24 -0.54 -6.51 -0.19
N VAL A 25 0.59 -7.20 -0.23
CA VAL A 25 1.83 -6.69 0.36
C VAL A 25 2.17 -5.30 -0.19
N GLU A 26 1.80 -5.07 -1.44
CA GLU A 26 2.06 -3.78 -2.08
C GLU A 26 0.84 -3.30 -2.85
N PRO A 27 0.81 -1.98 -3.13
CA PRO A 27 -0.31 -1.36 -3.86
C PRO A 27 -0.34 -1.78 -5.32
N VAL A 28 -1.55 -1.90 -5.87
CA VAL A 28 -1.73 -2.28 -7.27
C VAL A 28 -1.27 -1.17 -8.20
N TYR A 29 -0.54 -1.55 -9.26
CA TYR A 29 -0.05 -0.59 -10.23
C TYR A 29 -1.09 -0.31 -11.31
N PRO A 30 -1.16 0.95 -11.75
CA PRO A 30 -2.11 1.37 -12.77
C PRO A 30 -1.76 0.82 -14.16
N SER A 31 -2.40 1.37 -15.19
CA SER A 31 -2.15 0.92 -16.55
C SER A 31 -1.62 2.06 -17.41
N ARG A 32 -2.14 3.26 -17.18
CA ARG A 32 -1.73 4.44 -17.93
C ARG A 32 -0.51 5.09 -17.29
N ALA A 33 -0.62 5.44 -16.02
CA ALA A 33 0.48 6.06 -15.29
C ALA A 33 1.73 5.18 -15.32
N LEU A 34 1.51 3.87 -15.45
CA LEU A 34 2.63 2.92 -15.48
C LEU A 34 3.48 3.13 -16.72
N LYS A 35 2.83 3.41 -17.86
CA LYS A 35 3.54 3.63 -19.11
C LYS A 35 3.85 5.11 -19.29
N ARG A 36 3.25 5.95 -18.45
CA ARG A 36 3.47 7.39 -18.53
C ARG A 36 4.97 7.71 -18.53
N GLY A 37 5.63 7.45 -17.41
CA GLY A 37 7.05 7.71 -17.31
C GLY A 37 7.39 8.64 -16.17
N VAL A 38 6.53 8.68 -15.16
CA VAL A 38 6.73 9.54 -14.00
C VAL A 38 6.69 8.73 -12.70
N GLU A 39 7.48 9.15 -11.72
CA GLU A 39 7.53 8.48 -10.43
C GLU A 39 7.08 9.41 -9.31
N GLY A 40 5.91 9.14 -8.75
CA GLY A 40 5.40 9.96 -7.67
C GLY A 40 5.38 9.22 -6.35
N PHE A 41 4.25 9.31 -5.64
CA PHE A 41 4.12 8.66 -4.34
C PHE A 41 2.64 8.45 -3.99
N VAL A 42 2.40 7.69 -2.93
CA VAL A 42 1.03 7.42 -2.49
C VAL A 42 0.93 7.43 -0.97
N THR A 43 0.15 8.38 -0.46
CA THR A 43 -0.03 8.50 0.99
C THR A 43 -1.51 8.56 1.36
N LEU A 44 -2.01 7.46 1.92
CA LEU A 44 -3.41 7.38 2.32
C LEU A 44 -3.54 7.10 3.80
N SER A 45 -4.52 7.74 4.44
CA SER A 45 -4.75 7.56 5.87
C SER A 45 -6.06 6.82 6.12
N PHE A 46 -5.97 5.68 6.80
CA PHE A 46 -7.16 4.88 7.09
C PHE A 46 -7.12 4.40 8.54
N THR A 47 -8.27 3.91 9.02
CA THR A 47 -8.37 3.41 10.38
C THR A 47 -8.62 1.91 10.40
N ILE A 48 -7.77 1.18 11.12
CA ILE A 48 -7.90 -0.27 11.22
C ILE A 48 -8.72 -0.66 12.45
N ASP A 49 -9.97 -1.02 12.22
CA ASP A 49 -10.86 -1.42 13.31
C ASP A 49 -10.32 -2.64 14.04
N THR A 50 -10.74 -2.82 15.29
CA THR A 50 -10.28 -3.96 16.08
C THR A 50 -10.40 -5.26 15.31
N THR A 51 -11.44 -5.36 14.48
CA THR A 51 -11.67 -6.56 13.69
C THR A 51 -10.93 -6.49 12.36
N GLY A 52 -9.85 -5.71 12.33
CA GLY A 52 -9.06 -5.57 11.12
C GLY A 52 -9.88 -5.05 9.95
N LYS A 53 -10.58 -3.94 10.17
CA LYS A 53 -11.41 -3.34 9.14
C LYS A 53 -10.93 -1.93 8.80
N ALA A 54 -10.52 -1.73 7.55
CA ALA A 54 -10.04 -0.44 7.10
C ALA A 54 -11.18 0.43 6.60
N VAL A 55 -11.54 1.44 7.39
CA VAL A 55 -12.63 2.34 7.02
C VAL A 55 -12.19 3.80 7.15
N ASP A 56 -13.05 4.70 6.69
CA ASP A 56 -12.75 6.14 6.74
C ASP A 56 -11.51 6.46 5.92
N ILE A 57 -11.45 5.92 4.72
CA ILE A 57 -10.32 6.17 3.84
C ILE A 57 -10.15 7.64 3.53
N ASN A 58 -9.11 8.25 4.10
CA ASN A 58 -8.85 9.68 3.89
C ASN A 58 -7.45 9.88 3.33
N VAL A 59 -7.39 10.38 2.10
CA VAL A 59 -6.11 10.64 1.43
C VAL A 59 -5.52 11.97 1.87
N VAL A 60 -4.23 11.97 2.18
CA VAL A 60 -3.54 13.17 2.63
C VAL A 60 -2.71 13.77 1.50
N ASP A 61 -2.17 12.90 0.64
CA ASP A 61 -1.36 13.34 -0.48
C ASP A 61 -0.86 12.15 -1.29
N ALA A 62 -1.20 12.13 -2.58
CA ALA A 62 -0.79 11.05 -3.47
C ALA A 62 -0.52 11.56 -4.87
N ASN A 63 0.69 11.29 -5.37
CA ASN A 63 1.07 11.73 -6.70
C ASN A 63 0.97 13.25 -6.83
N PRO A 64 1.62 13.80 -7.87
CA PRO A 64 1.61 15.25 -8.11
C PRO A 64 0.25 15.74 -8.60
N LYS A 65 -0.32 15.05 -9.58
CA LYS A 65 -1.62 15.41 -10.12
C LYS A 65 -2.33 14.18 -10.68
N ARG A 66 -3.12 13.53 -9.83
CA ARG A 66 -3.87 12.34 -10.24
C ARG A 66 -3.05 11.48 -11.18
N MET A 67 -2.26 10.57 -10.61
CA MET A 67 -1.42 9.67 -11.40
C MET A 67 -1.56 8.24 -10.93
N PHE A 68 -1.57 8.04 -9.62
CA PHE A 68 -1.71 6.71 -9.05
C PHE A 68 -2.67 6.72 -7.86
N GLU A 69 -3.43 7.81 -7.73
CA GLU A 69 -4.38 7.95 -6.63
C GLU A 69 -5.51 6.91 -6.76
N ARG A 70 -5.97 6.69 -7.98
CA ARG A 70 -7.04 5.73 -8.24
C ARG A 70 -6.68 4.36 -7.67
N GLU A 71 -5.62 3.75 -8.21
CA GLU A 71 -5.18 2.44 -7.77
C GLU A 71 -4.92 2.43 -6.27
N ALA A 72 -4.31 3.51 -5.77
CA ALA A 72 -4.00 3.63 -4.36
C ALA A 72 -5.27 3.60 -3.52
N MET A 73 -6.31 4.29 -4.00
CA MET A 73 -7.58 4.34 -3.28
C MET A 73 -8.31 3.00 -3.38
N GLN A 74 -8.54 2.54 -4.61
CA GLN A 74 -9.23 1.28 -4.82
C GLN A 74 -8.51 0.14 -4.12
N ALA A 75 -7.18 0.24 -4.03
CA ALA A 75 -6.38 -0.78 -3.39
C ALA A 75 -6.73 -0.91 -1.90
N LEU A 76 -6.68 0.22 -1.19
CA LEU A 76 -6.99 0.25 0.23
C LEU A 76 -8.33 -0.43 0.51
N LYS A 77 -9.31 -0.16 -0.36
CA LYS A 77 -10.64 -0.74 -0.21
C LYS A 77 -10.65 -2.21 -0.63
N LYS A 78 -9.86 -2.53 -1.66
CA LYS A 78 -9.78 -3.90 -2.16
C LYS A 78 -8.82 -4.72 -1.30
N TRP A 79 -8.26 -4.10 -0.28
CA TRP A 79 -7.33 -4.78 0.62
C TRP A 79 -8.08 -5.51 1.73
N LYS A 80 -7.38 -6.42 2.40
CA LYS A 80 -7.97 -7.19 3.48
C LYS A 80 -7.02 -7.28 4.67
N TYR A 81 -7.54 -6.99 5.85
CA TYR A 81 -6.74 -7.03 7.07
C TYR A 81 -7.37 -7.95 8.11
N GLN A 82 -6.59 -8.90 8.63
CA GLN A 82 -7.07 -9.84 9.62
C GLN A 82 -6.70 -9.37 11.03
N PRO A 83 -7.71 -9.31 11.92
CA PRO A 83 -7.51 -8.89 13.31
C PRO A 83 -6.72 -9.91 14.12
N GLN A 84 -5.40 -9.85 14.03
CA GLN A 84 -4.53 -10.77 14.75
C GLN A 84 -3.43 -10.01 15.49
N ILE A 85 -3.44 -10.12 16.82
CA ILE A 85 -2.44 -9.44 17.64
C ILE A 85 -1.19 -10.30 17.78
N VAL A 86 -0.08 -9.80 17.23
CA VAL A 86 1.20 -10.51 17.29
C VAL A 86 2.31 -9.58 17.76
N ASP A 87 3.32 -10.18 18.39
CA ASP A 87 4.46 -9.40 18.89
C ASP A 87 5.04 -8.52 17.79
N GLY A 88 4.80 -7.21 17.91
CA GLY A 88 5.31 -6.27 16.91
C GLY A 88 4.19 -5.50 16.22
N LYS A 89 3.03 -6.13 16.10
CA LYS A 89 1.88 -5.50 15.45
C LYS A 89 0.58 -5.99 16.08
N ALA A 90 -0.29 -5.04 16.42
CA ALA A 90 -1.58 -5.38 17.01
C ALA A 90 -2.72 -4.71 16.27
N ILE A 91 -3.91 -4.74 16.85
CA ILE A 91 -5.09 -4.13 16.24
C ILE A 91 -5.58 -2.95 17.05
N GLU A 92 -6.69 -2.35 16.62
CA GLU A 92 -7.26 -1.21 17.31
C GLU A 92 -6.35 0.02 17.20
N GLN A 93 -6.29 0.59 16.00
CA GLN A 93 -5.46 1.76 15.76
C GLN A 93 -6.08 2.66 14.69
N PRO A 94 -6.86 3.64 15.13
CA PRO A 94 -7.53 4.59 14.23
C PRO A 94 -6.55 5.54 13.57
N GLY A 95 -5.29 5.47 13.99
CA GLY A 95 -4.27 6.34 13.43
C GLY A 95 -3.22 5.58 12.63
N GLN A 96 -3.54 5.28 11.38
CA GLN A 96 -2.61 4.54 10.52
C GLN A 96 -2.50 5.20 9.15
N THR A 97 -1.32 5.08 8.53
CA THR A 97 -1.09 5.67 7.22
C THR A 97 -0.09 4.84 6.43
N VAL A 98 -0.28 4.80 5.11
CA VAL A 98 0.60 4.04 4.23
C VAL A 98 1.26 4.95 3.19
N THR A 99 2.57 5.07 3.27
CA THR A 99 3.32 5.91 2.35
C THR A 99 4.32 5.09 1.54
N VAL A 100 4.11 5.01 0.23
CA VAL A 100 4.99 4.25 -0.65
C VAL A 100 5.25 5.01 -1.94
N GLU A 101 6.45 4.85 -2.48
CA GLU A 101 6.84 5.52 -3.72
C GLU A 101 6.54 4.64 -4.93
N PHE A 102 6.29 5.28 -6.07
CA PHE A 102 5.99 4.55 -7.30
C PHE A 102 7.02 4.85 -8.38
N LYS A 103 7.90 3.89 -8.65
CA LYS A 103 8.93 4.05 -9.66
C LYS A 103 8.64 3.19 -10.89
N ILE A 104 8.60 3.82 -12.05
CA ILE A 104 8.33 3.11 -13.30
C ILE A 104 9.42 2.09 -13.60
N ALA A 105 9.02 0.95 -14.15
CA ALA A 105 9.97 -0.11 -14.48
C ALA A 105 11.00 0.37 -15.50
N LYS A 106 12.25 0.44 -15.07
CA LYS A 106 13.34 0.89 -15.93
C LYS A 106 13.96 -0.29 -16.68
N ASP A 1 3.81 -22.15 15.77
CA ASP A 1 4.11 -23.09 14.69
C ASP A 1 5.47 -22.77 14.06
N HIS A 2 5.96 -23.68 13.24
CA HIS A 2 7.24 -23.49 12.56
C HIS A 2 7.06 -23.43 11.05
N PRO A 3 6.43 -22.35 10.57
CA PRO A 3 6.19 -22.15 9.14
C PRO A 3 7.47 -21.88 8.35
N PHE A 4 7.69 -22.64 7.30
CA PHE A 4 8.88 -22.48 6.47
C PHE A 4 8.87 -21.13 5.76
N THR A 5 10.04 -20.49 5.69
CA THR A 5 10.17 -19.19 5.05
C THR A 5 10.97 -19.30 3.76
N SER A 6 10.46 -18.69 2.69
CA SER A 6 11.12 -18.72 1.40
C SER A 6 11.28 -17.30 0.83
N ALA A 7 12.43 -16.71 1.06
CA ALA A 7 12.71 -15.36 0.56
C ALA A 7 12.71 -15.31 -0.95
N PRO A 8 12.53 -14.11 -1.51
CA PRO A 8 12.51 -13.91 -2.96
C PRO A 8 13.87 -14.12 -3.61
N THR A 9 13.89 -14.22 -4.93
CA THR A 9 15.13 -14.43 -5.67
C THR A 9 16.01 -13.18 -5.64
N PHE A 10 15.50 -12.10 -6.22
CA PHE A 10 16.23 -10.83 -6.25
C PHE A 10 15.31 -9.68 -6.63
N GLY A 11 15.73 -8.46 -6.31
CA GLY A 11 14.93 -7.30 -6.62
C GLY A 11 14.10 -6.83 -5.44
N ASP A 12 14.68 -5.97 -4.61
CA ASP A 12 13.98 -5.45 -3.44
C ASP A 12 14.80 -4.35 -2.76
N PHE A 13 14.31 -3.12 -2.85
CA PHE A 13 15.01 -1.99 -2.24
C PHE A 13 14.03 -1.12 -1.43
N GLY A 14 13.87 -1.47 -0.17
CA GLY A 14 12.96 -0.71 0.69
C GLY A 14 12.57 -1.48 1.94
N SER A 15 12.20 -0.76 2.99
CA SER A 15 11.82 -1.37 4.25
C SER A 15 10.37 -1.86 4.18
N ASN A 16 9.48 -1.01 3.69
CA ASN A 16 8.07 -1.37 3.56
C ASN A 16 7.48 -1.70 4.93
N GLN A 17 7.79 -0.88 5.93
CA GLN A 17 7.30 -1.09 7.28
C GLN A 17 6.09 -0.19 7.56
N GLN A 18 4.99 -0.48 6.88
CA GLN A 18 3.77 0.30 7.05
C GLN A 18 2.53 -0.61 7.04
N ALA A 19 1.37 -0.01 7.28
CA ALA A 19 0.12 -0.77 7.29
C ALA A 19 -0.07 -1.54 5.99
N MET A 20 0.16 -2.85 6.04
CA MET A 20 0.02 -3.70 4.87
C MET A 20 -0.81 -4.94 5.20
N PRO A 21 -1.77 -5.26 4.32
CA PRO A 21 -2.65 -6.41 4.50
C PRO A 21 -1.91 -7.74 4.31
N LEU A 22 -2.66 -8.82 4.16
CA LEU A 22 -2.09 -10.14 3.97
C LEU A 22 -2.35 -10.66 2.57
N TYR A 23 -3.11 -9.91 1.79
CA TYR A 23 -3.45 -10.30 0.43
C TYR A 23 -2.85 -9.32 -0.58
N ARG A 24 -2.49 -8.14 -0.10
CA ARG A 24 -1.91 -7.11 -0.95
C ARG A 24 -0.65 -6.53 -0.33
N VAL A 25 0.46 -7.23 -0.49
CA VAL A 25 1.74 -6.78 0.06
C VAL A 25 2.18 -5.47 -0.58
N GLU A 26 1.56 -5.12 -1.70
CA GLU A 26 1.89 -3.89 -2.40
C GLU A 26 0.64 -3.27 -3.02
N PRO A 27 0.69 -1.94 -3.24
CA PRO A 27 -0.43 -1.21 -3.83
C PRO A 27 -0.63 -1.53 -5.30
N VAL A 28 -1.90 -1.65 -5.71
CA VAL A 28 -2.22 -1.96 -7.10
C VAL A 28 -1.56 -0.99 -8.06
N TYR A 29 -0.95 -1.52 -9.11
CA TYR A 29 -0.27 -0.69 -10.10
C TYR A 29 -1.28 -0.01 -11.02
N PRO A 30 -0.94 1.22 -11.47
CA PRO A 30 -1.80 2.00 -12.35
C PRO A 30 -1.89 1.40 -13.76
N SER A 31 -2.39 2.19 -14.70
CA SER A 31 -2.53 1.75 -16.08
C SER A 31 -1.64 2.56 -17.01
N ARG A 32 -1.91 3.87 -17.06
CA ARG A 32 -1.14 4.76 -17.92
C ARG A 32 0.10 5.28 -17.19
N ALA A 33 -0.02 5.46 -15.88
CA ALA A 33 1.08 5.95 -15.07
C ALA A 33 2.23 4.95 -15.04
N LEU A 34 1.89 3.67 -15.12
CA LEU A 34 2.90 2.61 -15.11
C LEU A 34 3.69 2.59 -16.42
N LYS A 35 3.04 3.03 -17.49
CA LYS A 35 3.67 3.07 -18.80
C LYS A 35 4.38 4.41 -19.02
N ARG A 36 3.77 5.49 -18.57
CA ARG A 36 4.34 6.82 -18.72
C ARG A 36 5.77 6.85 -18.20
N GLY A 37 5.93 6.68 -16.89
CA GLY A 37 7.25 6.69 -16.28
C GLY A 37 7.32 7.59 -15.07
N VAL A 38 6.19 8.19 -14.71
CA VAL A 38 6.14 9.09 -13.56
C VAL A 38 6.22 8.30 -12.25
N GLU A 39 7.11 8.75 -11.36
CA GLU A 39 7.29 8.09 -10.08
C GLU A 39 6.93 9.03 -8.93
N GLY A 40 5.75 8.84 -8.36
CA GLY A 40 5.31 9.68 -7.26
C GLY A 40 5.28 8.94 -5.93
N PHE A 41 4.21 9.14 -5.16
CA PHE A 41 4.08 8.49 -3.87
C PHE A 41 2.61 8.20 -3.56
N VAL A 42 2.37 7.45 -2.50
CA VAL A 42 1.02 7.10 -2.10
C VAL A 42 0.86 7.15 -0.58
N THR A 43 0.06 8.11 -0.10
CA THR A 43 -0.17 8.26 1.33
C THR A 43 -1.65 8.33 1.64
N LEU A 44 -2.18 7.26 2.22
CA LEU A 44 -3.59 7.19 2.57
C LEU A 44 -3.78 7.07 4.08
N SER A 45 -4.72 7.84 4.62
CA SER A 45 -4.99 7.82 6.06
C SER A 45 -6.29 7.07 6.35
N PHE A 46 -6.17 5.88 6.92
CA PHE A 46 -7.33 5.07 7.26
C PHE A 46 -7.23 4.52 8.68
N THR A 47 -8.35 4.01 9.20
CA THR A 47 -8.37 3.46 10.55
C THR A 47 -8.74 1.99 10.53
N ILE A 48 -7.92 1.17 11.20
CA ILE A 48 -8.16 -0.26 11.26
C ILE A 48 -8.98 -0.63 12.49
N ASP A 49 -10.20 -1.12 12.26
CA ASP A 49 -11.08 -1.51 13.35
C ASP A 49 -10.56 -2.76 14.05
N THR A 50 -10.83 -2.88 15.35
CA THR A 50 -10.39 -4.02 16.13
C THR A 50 -10.79 -5.33 15.47
N THR A 51 -11.85 -5.28 14.66
CA THR A 51 -12.34 -6.46 13.96
C THR A 51 -11.63 -6.64 12.62
N GLY A 52 -10.44 -6.07 12.50
CA GLY A 52 -9.68 -6.17 11.26
C GLY A 52 -10.42 -5.61 10.08
N LYS A 53 -10.98 -4.42 10.25
CA LYS A 53 -11.72 -3.76 9.18
C LYS A 53 -11.14 -2.39 8.86
N ALA A 54 -10.68 -2.23 7.62
CA ALA A 54 -10.09 -0.97 7.18
C ALA A 54 -11.17 0.00 6.69
N VAL A 55 -11.43 1.04 7.47
CA VAL A 55 -12.44 2.03 7.10
C VAL A 55 -11.87 3.45 7.18
N ASP A 56 -12.72 4.44 6.93
CA ASP A 56 -12.30 5.83 6.98
C ASP A 56 -11.19 6.11 5.97
N ILE A 57 -11.32 5.53 4.79
CA ILE A 57 -10.33 5.71 3.74
C ILE A 57 -10.26 7.17 3.29
N ASN A 58 -9.29 7.90 3.84
CA ASN A 58 -9.11 9.31 3.51
C ASN A 58 -7.67 9.58 3.06
N VAL A 59 -7.51 9.94 1.79
CA VAL A 59 -6.20 10.23 1.24
C VAL A 59 -5.71 11.61 1.69
N VAL A 60 -4.45 11.68 2.10
CA VAL A 60 -3.86 12.93 2.55
C VAL A 60 -2.96 13.53 1.48
N ASP A 61 -2.31 12.66 0.71
CA ASP A 61 -1.42 13.11 -0.36
C ASP A 61 -0.81 11.92 -1.10
N ALA A 62 -0.77 11.99 -2.42
CA ALA A 62 -0.21 10.93 -3.23
C ALA A 62 0.13 11.42 -4.64
N ASN A 63 1.36 11.16 -5.06
CA ASN A 63 1.82 11.58 -6.38
C ASN A 63 1.54 13.07 -6.60
N PRO A 64 2.13 13.62 -7.67
CA PRO A 64 1.96 15.03 -8.02
C PRO A 64 0.55 15.35 -8.50
N LYS A 65 -0.04 14.40 -9.24
CA LYS A 65 -1.39 14.58 -9.77
C LYS A 65 -2.08 13.23 -9.94
N ARG A 66 -3.21 13.24 -10.62
CA ARG A 66 -3.98 12.02 -10.85
C ARG A 66 -3.12 10.97 -11.55
N MET A 67 -2.51 10.08 -10.77
CA MET A 67 -1.67 9.03 -11.31
C MET A 67 -1.94 7.70 -10.62
N PHE A 68 -1.64 7.62 -9.34
CA PHE A 68 -1.86 6.41 -8.57
C PHE A 68 -2.86 6.66 -7.43
N GLU A 69 -3.30 7.90 -7.31
CA GLU A 69 -4.27 8.26 -6.27
C GLU A 69 -5.47 7.33 -6.28
N ARG A 70 -5.92 6.97 -7.48
CA ARG A 70 -7.06 6.09 -7.64
C ARG A 70 -6.70 4.65 -7.25
N GLU A 71 -5.56 4.18 -7.75
CA GLU A 71 -5.10 2.84 -7.45
C GLU A 71 -4.94 2.63 -5.96
N ALA A 72 -4.30 3.59 -5.30
CA ALA A 72 -4.08 3.51 -3.86
C ALA A 72 -5.41 3.56 -3.10
N MET A 73 -6.26 4.50 -3.49
CA MET A 73 -7.57 4.65 -2.84
C MET A 73 -8.39 3.38 -2.98
N GLN A 74 -8.50 2.87 -4.21
CA GLN A 74 -9.27 1.66 -4.46
C GLN A 74 -8.60 0.45 -3.83
N ALA A 75 -7.27 0.48 -3.76
CA ALA A 75 -6.51 -0.63 -3.18
C ALA A 75 -6.78 -0.74 -1.67
N LEU A 76 -6.58 0.35 -0.96
CA LEU A 76 -6.80 0.37 0.48
C LEU A 76 -8.19 -0.16 0.83
N LYS A 77 -9.16 0.16 -0.02
CA LYS A 77 -10.53 -0.28 0.20
C LYS A 77 -10.71 -1.74 -0.24
N LYS A 78 -9.99 -2.12 -1.29
CA LYS A 78 -10.07 -3.48 -1.81
C LYS A 78 -9.09 -4.40 -1.09
N TRP A 79 -8.46 -3.86 -0.04
CA TRP A 79 -7.49 -4.63 0.73
C TRP A 79 -8.18 -5.42 1.83
N LYS A 80 -7.47 -6.40 2.39
CA LYS A 80 -8.01 -7.23 3.46
C LYS A 80 -7.02 -7.38 4.60
N TYR A 81 -7.44 -6.99 5.80
CA TYR A 81 -6.58 -7.08 6.98
C TYR A 81 -7.19 -8.02 8.02
N GLN A 82 -6.35 -8.92 8.53
CA GLN A 82 -6.79 -9.88 9.54
C GLN A 82 -6.48 -9.39 10.95
N PRO A 83 -7.45 -9.56 11.86
CA PRO A 83 -7.30 -9.13 13.25
C PRO A 83 -6.29 -9.98 14.01
N GLN A 84 -5.01 -9.74 13.77
CA GLN A 84 -3.95 -10.49 14.43
C GLN A 84 -2.85 -9.56 14.94
N ILE A 85 -2.74 -9.45 16.26
CA ILE A 85 -1.73 -8.58 16.86
C ILE A 85 -0.35 -9.25 16.84
N VAL A 86 0.58 -8.65 16.11
CA VAL A 86 1.93 -9.18 16.00
C VAL A 86 2.97 -8.07 16.16
N ASP A 87 4.15 -8.44 16.64
CA ASP A 87 5.23 -7.48 16.84
C ASP A 87 5.47 -6.66 15.57
N GLY A 88 5.06 -5.39 15.61
CA GLY A 88 5.23 -4.53 14.46
C GLY A 88 3.91 -4.07 13.86
N LYS A 89 2.90 -4.93 13.96
CA LYS A 89 1.58 -4.60 13.43
C LYS A 89 0.48 -5.08 14.39
N ALA A 90 -0.41 -4.17 14.76
CA ALA A 90 -1.51 -4.50 15.66
C ALA A 90 -2.86 -4.14 15.03
N ILE A 91 -3.90 -4.15 15.86
CA ILE A 91 -5.24 -3.82 15.39
C ILE A 91 -5.80 -2.61 16.12
N GLU A 92 -7.07 -2.29 15.86
CA GLU A 92 -7.71 -1.14 16.49
C GLU A 92 -6.75 0.02 16.61
N GLN A 93 -6.59 0.76 15.53
CA GLN A 93 -5.70 1.92 15.50
C GLN A 93 -6.22 2.99 14.56
N PRO A 94 -6.77 4.08 15.13
CA PRO A 94 -7.32 5.19 14.36
C PRO A 94 -6.23 6.01 13.67
N GLY A 95 -4.97 5.72 14.01
CA GLY A 95 -3.86 6.44 13.41
C GLY A 95 -2.98 5.53 12.57
N GLN A 96 -3.59 4.86 11.59
CA GLN A 96 -2.85 3.97 10.71
C GLN A 96 -2.69 4.57 9.31
N THR A 97 -1.47 4.94 8.97
CA THR A 97 -1.19 5.52 7.67
C THR A 97 -0.26 4.64 6.85
N VAL A 98 -0.44 4.65 5.53
CA VAL A 98 0.39 3.84 4.64
C VAL A 98 1.11 4.72 3.62
N THR A 99 2.44 4.70 3.68
CA THR A 99 3.24 5.50 2.76
C THR A 99 4.12 4.60 1.89
N VAL A 100 3.91 4.66 0.58
CA VAL A 100 4.69 3.86 -0.35
C VAL A 100 5.05 4.66 -1.59
N GLU A 101 6.19 4.35 -2.19
CA GLU A 101 6.65 5.04 -3.39
C GLU A 101 6.38 4.22 -4.64
N PHE A 102 6.01 4.89 -5.73
CA PHE A 102 5.72 4.22 -6.98
C PHE A 102 6.85 4.42 -7.98
N LYS A 103 7.64 3.37 -8.20
CA LYS A 103 8.76 3.43 -9.13
C LYS A 103 8.44 2.66 -10.42
N ILE A 104 8.30 3.39 -11.53
CA ILE A 104 8.00 2.76 -12.81
C ILE A 104 9.16 1.91 -13.30
N ALA A 105 8.85 0.74 -13.82
CA ALA A 105 9.86 -0.18 -14.32
C ALA A 105 10.63 0.45 -15.48
N LYS A 106 11.81 -0.10 -15.77
CA LYS A 106 12.64 0.39 -16.87
C LYS A 106 12.33 -0.35 -18.16
N ASP A 1 32.79 -19.70 -29.20
CA ASP A 1 31.76 -20.06 -30.15
C ASP A 1 30.46 -20.41 -29.42
N HIS A 2 30.18 -19.70 -28.34
CA HIS A 2 28.97 -19.93 -27.56
C HIS A 2 27.97 -18.80 -27.75
N PRO A 3 26.69 -19.09 -27.46
CA PRO A 3 25.61 -18.11 -27.59
C PRO A 3 25.70 -16.99 -26.56
N PHE A 4 24.74 -16.08 -26.60
CA PHE A 4 24.72 -14.95 -25.67
C PHE A 4 23.29 -14.44 -25.47
N THR A 5 22.65 -14.91 -24.39
CA THR A 5 21.29 -14.50 -24.09
C THR A 5 21.13 -14.14 -22.62
N SER A 6 20.68 -12.92 -22.35
CA SER A 6 20.49 -12.45 -20.98
C SER A 6 19.44 -11.34 -20.93
N ALA A 7 19.15 -10.88 -19.72
CA ALA A 7 18.17 -9.82 -19.53
C ALA A 7 18.65 -8.79 -18.51
N PRO A 8 18.06 -7.59 -18.55
CA PRO A 8 18.42 -6.49 -17.63
C PRO A 8 18.00 -6.78 -16.20
N THR A 9 18.47 -5.94 -15.28
CA THR A 9 18.14 -6.10 -13.86
C THR A 9 17.22 -4.98 -13.38
N PHE A 10 16.56 -5.21 -12.26
CA PHE A 10 15.64 -4.22 -11.69
C PHE A 10 16.03 -3.90 -10.25
N GLY A 11 15.73 -4.84 -9.34
CA GLY A 11 16.03 -4.64 -7.94
C GLY A 11 14.92 -3.94 -7.19
N ASP A 12 14.80 -4.24 -5.90
CA ASP A 12 13.77 -3.65 -5.07
C ASP A 12 14.22 -3.55 -3.61
N PHE A 13 13.80 -2.49 -2.94
CA PHE A 13 14.17 -2.28 -1.54
C PHE A 13 12.93 -2.06 -0.67
N GLY A 14 13.06 -2.34 0.61
CA GLY A 14 11.94 -2.17 1.52
C GLY A 14 10.78 -3.08 1.19
N SER A 15 10.68 -4.19 1.92
CA SER A 15 9.61 -5.15 1.69
C SER A 15 8.29 -4.67 2.29
N ASN A 16 8.32 -4.36 3.58
CA ASN A 16 7.13 -3.88 4.27
C ASN A 16 7.51 -3.02 5.47
N GLN A 17 7.09 -1.76 5.45
CA GLN A 17 7.39 -0.82 6.53
C GLN A 17 6.20 0.07 6.83
N GLN A 18 5.00 -0.42 6.50
CA GLN A 18 3.77 0.34 6.72
C GLN A 18 2.58 -0.59 6.91
N ALA A 19 1.43 -0.02 7.24
CA ALA A 19 0.22 -0.80 7.44
C ALA A 19 -0.24 -1.44 6.14
N MET A 20 0.00 -2.75 6.01
CA MET A 20 -0.38 -3.48 4.81
C MET A 20 -1.13 -4.77 5.18
N PRO A 21 -2.08 -5.17 4.32
CA PRO A 21 -2.88 -6.38 4.53
C PRO A 21 -2.05 -7.65 4.37
N LEU A 22 -2.73 -8.78 4.23
CA LEU A 22 -2.06 -10.07 4.06
C LEU A 22 -2.48 -10.73 2.75
N TYR A 23 -3.23 -10.00 1.93
CA TYR A 23 -3.70 -10.52 0.66
C TYR A 23 -3.28 -9.61 -0.49
N ARG A 24 -3.23 -8.30 -0.21
CA ARG A 24 -2.84 -7.32 -1.22
C ARG A 24 -1.78 -6.38 -0.67
N VAL A 25 -0.53 -6.83 -0.67
CA VAL A 25 0.58 -6.03 -0.18
C VAL A 25 0.91 -4.90 -1.14
N GLU A 26 1.19 -3.72 -0.59
CA GLU A 26 1.52 -2.56 -1.41
C GLU A 26 0.36 -2.19 -2.32
N PRO A 27 0.37 -0.94 -2.80
CA PRO A 27 -0.68 -0.43 -3.69
C PRO A 27 -0.62 -1.06 -5.08
N VAL A 28 -1.79 -1.32 -5.66
CA VAL A 28 -1.87 -1.93 -6.98
C VAL A 28 -1.36 -0.98 -8.05
N TYR A 29 -0.25 -1.35 -8.69
CA TYR A 29 0.35 -0.53 -9.73
C TYR A 29 -0.58 -0.42 -10.93
N PRO A 30 -0.74 0.81 -11.45
CA PRO A 30 -1.60 1.08 -12.60
C PRO A 30 -1.03 0.50 -13.90
N SER A 31 -1.57 0.95 -15.03
CA SER A 31 -1.12 0.48 -16.33
C SER A 31 -0.53 1.63 -17.15
N ARG A 32 -1.10 2.81 -16.98
CA ARG A 32 -0.63 3.99 -17.71
C ARG A 32 0.49 4.70 -16.95
N ALA A 33 0.24 4.99 -15.68
CA ALA A 33 1.23 5.66 -14.84
C ALA A 33 2.56 4.91 -14.85
N LEU A 34 2.47 3.59 -15.00
CA LEU A 34 3.67 2.75 -15.02
C LEU A 34 4.52 3.06 -16.24
N LYS A 35 3.88 3.42 -17.34
CA LYS A 35 4.58 3.75 -18.58
C LYS A 35 4.84 5.25 -18.67
N ARG A 36 4.12 6.03 -17.86
CA ARG A 36 4.26 7.47 -17.85
C ARG A 36 5.74 7.87 -17.72
N GLY A 37 6.26 7.76 -16.50
CA GLY A 37 7.64 8.12 -16.26
C GLY A 37 7.84 8.86 -14.96
N VAL A 38 6.72 9.29 -14.36
CA VAL A 38 6.77 10.02 -13.10
C VAL A 38 6.90 9.07 -11.92
N GLU A 39 7.57 9.53 -10.86
CA GLU A 39 7.76 8.71 -9.67
C GLU A 39 7.02 9.30 -8.48
N GLY A 40 5.70 9.40 -8.59
CA GLY A 40 4.90 9.96 -7.52
C GLY A 40 4.70 8.99 -6.37
N PHE A 41 3.87 9.37 -5.41
CA PHE A 41 3.61 8.52 -4.26
C PHE A 41 2.14 8.58 -3.87
N VAL A 42 1.73 7.71 -2.95
CA VAL A 42 0.35 7.65 -2.49
C VAL A 42 0.28 7.54 -0.97
N THR A 43 -0.19 8.60 -0.32
CA THR A 43 -0.30 8.63 1.13
C THR A 43 -1.77 8.64 1.56
N LEU A 44 -2.24 7.50 2.05
CA LEU A 44 -3.63 7.39 2.50
C LEU A 44 -3.69 7.14 4.00
N SER A 45 -4.60 7.84 4.67
CA SER A 45 -4.75 7.71 6.12
C SER A 45 -6.09 7.06 6.45
N PHE A 46 -6.04 5.90 7.11
CA PHE A 46 -7.26 5.19 7.49
C PHE A 46 -7.12 4.60 8.89
N THR A 47 -8.25 4.18 9.47
CA THR A 47 -8.25 3.60 10.80
C THR A 47 -8.56 2.11 10.75
N ILE A 48 -7.76 1.33 11.49
CA ILE A 48 -7.94 -0.12 11.53
C ILE A 48 -8.66 -0.54 12.80
N ASP A 49 -9.95 -0.85 12.66
CA ASP A 49 -10.75 -1.28 13.80
C ASP A 49 -10.20 -2.56 14.42
N THR A 50 -10.39 -2.72 15.72
CA THR A 50 -9.90 -3.90 16.42
C THR A 50 -10.36 -5.18 15.72
N THR A 51 -11.45 -5.09 14.98
CA THR A 51 -11.99 -6.24 14.27
C THR A 51 -11.36 -6.37 12.88
N GLY A 52 -10.18 -5.79 12.71
CA GLY A 52 -9.49 -5.86 11.44
C GLY A 52 -10.29 -5.21 10.32
N LYS A 53 -10.87 -4.06 10.60
CA LYS A 53 -11.66 -3.34 9.62
C LYS A 53 -10.99 -2.03 9.20
N ALA A 54 -10.87 -1.81 7.90
CA ALA A 54 -10.24 -0.61 7.39
C ALA A 54 -11.29 0.43 6.98
N VAL A 55 -11.42 1.48 7.78
CA VAL A 55 -12.38 2.53 7.51
C VAL A 55 -11.73 3.92 7.60
N ASP A 56 -12.53 4.95 7.42
CA ASP A 56 -12.04 6.33 7.48
C ASP A 56 -10.97 6.56 6.41
N ILE A 57 -11.16 5.95 5.25
CA ILE A 57 -10.21 6.09 4.14
C ILE A 57 -10.20 7.52 3.62
N ASN A 58 -9.03 8.16 3.70
CA ASN A 58 -8.88 9.53 3.22
C ASN A 58 -7.44 9.83 2.85
N VAL A 59 -7.20 10.08 1.56
CA VAL A 59 -5.86 10.37 1.07
C VAL A 59 -5.50 11.83 1.32
N VAL A 60 -4.44 12.04 2.10
CA VAL A 60 -3.98 13.38 2.42
C VAL A 60 -3.06 13.92 1.32
N ASP A 61 -2.25 13.04 0.76
CA ASP A 61 -1.32 13.43 -0.31
C ASP A 61 -1.01 12.24 -1.21
N ALA A 62 -0.72 12.53 -2.47
CA ALA A 62 -0.40 11.49 -3.44
C ALA A 62 0.29 12.06 -4.67
N ASN A 63 0.32 11.30 -5.75
CA ASN A 63 0.95 11.74 -6.99
C ASN A 63 0.54 13.16 -7.33
N PRO A 64 1.28 13.79 -8.27
CA PRO A 64 1.00 15.16 -8.71
C PRO A 64 -0.29 15.26 -9.51
N LYS A 65 -0.90 14.12 -9.79
CA LYS A 65 -2.14 14.08 -10.55
C LYS A 65 -2.63 12.65 -10.73
N ARG A 66 -3.79 12.50 -11.35
CA ARG A 66 -4.37 11.17 -11.59
C ARG A 66 -3.33 10.23 -12.20
N MET A 67 -2.73 9.39 -11.37
CA MET A 67 -1.73 8.45 -11.83
C MET A 67 -1.91 7.09 -11.15
N PHE A 68 -1.50 7.02 -9.88
CA PHE A 68 -1.60 5.78 -9.12
C PHE A 68 -2.60 5.94 -7.97
N GLU A 69 -2.88 7.19 -7.60
CA GLU A 69 -3.81 7.47 -6.51
C GLU A 69 -5.12 6.72 -6.72
N ARG A 70 -5.54 6.61 -7.97
CA ARG A 70 -6.78 5.92 -8.30
C ARG A 70 -6.68 4.43 -7.97
N GLU A 71 -5.55 3.82 -8.32
CA GLU A 71 -5.34 2.39 -8.06
C GLU A 71 -5.12 2.15 -6.57
N ALA A 72 -4.42 3.07 -5.91
CA ALA A 72 -4.15 2.95 -4.48
C ALA A 72 -5.42 3.16 -3.67
N MET A 73 -6.14 4.24 -3.99
CA MET A 73 -7.38 4.56 -3.28
C MET A 73 -8.31 3.36 -3.25
N GLN A 74 -8.58 2.79 -4.42
CA GLN A 74 -9.45 1.64 -4.53
C GLN A 74 -8.83 0.40 -3.87
N ALA A 75 -7.50 0.34 -3.92
CA ALA A 75 -6.78 -0.79 -3.32
C ALA A 75 -7.07 -0.91 -1.83
N LEU A 76 -6.94 0.21 -1.12
CA LEU A 76 -7.19 0.23 0.32
C LEU A 76 -8.54 -0.39 0.64
N LYS A 77 -9.52 -0.15 -0.22
CA LYS A 77 -10.86 -0.68 -0.02
C LYS A 77 -10.91 -2.16 -0.40
N LYS A 78 -10.16 -2.53 -1.43
CA LYS A 78 -10.13 -3.91 -1.89
C LYS A 78 -9.13 -4.74 -1.08
N TRP A 79 -8.55 -4.10 -0.06
CA TRP A 79 -7.58 -4.79 0.80
C TRP A 79 -8.28 -5.53 1.92
N LYS A 80 -7.55 -6.43 2.58
CA LYS A 80 -8.10 -7.21 3.68
C LYS A 80 -7.09 -7.33 4.82
N TYR A 81 -7.46 -6.80 5.98
CA TYR A 81 -6.58 -6.84 7.15
C TYR A 81 -7.18 -7.73 8.24
N GLN A 82 -6.34 -8.61 8.79
CA GLN A 82 -6.79 -9.52 9.83
C GLN A 82 -6.45 -8.96 11.21
N PRO A 83 -7.37 -9.14 12.17
CA PRO A 83 -7.19 -8.67 13.54
C PRO A 83 -6.12 -9.45 14.30
N GLN A 84 -5.64 -10.53 13.68
CA GLN A 84 -4.62 -11.37 14.29
C GLN A 84 -3.44 -10.53 14.75
N ILE A 85 -3.31 -10.35 16.07
CA ILE A 85 -2.22 -9.57 16.63
C ILE A 85 -0.93 -10.38 16.67
N VAL A 86 0.02 -10.02 15.82
CA VAL A 86 1.30 -10.71 15.75
C VAL A 86 2.46 -9.73 15.88
N ASP A 87 3.61 -10.23 16.31
CA ASP A 87 4.80 -9.41 16.47
C ASP A 87 5.06 -8.57 15.22
N GLY A 88 5.30 -7.27 15.41
CA GLY A 88 5.55 -6.39 14.29
C GLY A 88 4.43 -5.40 14.07
N LYS A 89 3.20 -5.89 14.05
CA LYS A 89 2.04 -5.03 13.85
C LYS A 89 0.83 -5.56 14.61
N ALA A 90 0.02 -4.65 15.14
CA ALA A 90 -1.17 -5.03 15.90
C ALA A 90 -2.41 -4.30 15.37
N ILE A 91 -3.50 -4.39 16.11
CA ILE A 91 -4.74 -3.74 15.72
C ILE A 91 -5.11 -2.62 16.69
N GLU A 92 -6.28 -2.01 16.47
CA GLU A 92 -6.73 -0.93 17.33
C GLU A 92 -5.84 0.30 17.19
N GLN A 93 -5.88 0.92 16.01
CA GLN A 93 -5.06 2.10 15.76
C GLN A 93 -5.79 3.07 14.83
N PRO A 94 -6.46 4.06 15.43
CA PRO A 94 -7.21 5.08 14.69
C PRO A 94 -6.30 6.02 13.91
N GLY A 95 -5.00 5.91 14.15
CA GLY A 95 -4.04 6.76 13.46
C GLY A 95 -3.09 5.97 12.58
N GLN A 96 -3.65 5.10 11.74
CA GLN A 96 -2.86 4.28 10.84
C GLN A 96 -2.69 4.96 9.49
N THR A 97 -1.44 5.10 9.06
CA THR A 97 -1.13 5.74 7.78
C THR A 97 -0.22 4.86 6.92
N VAL A 98 -0.67 4.55 5.71
CA VAL A 98 0.11 3.73 4.79
C VAL A 98 0.42 4.47 3.51
N THR A 99 1.70 4.71 3.27
CA THR A 99 2.14 5.42 2.06
C THR A 99 3.22 4.64 1.33
N VAL A 100 3.15 4.66 0.01
CA VAL A 100 4.12 3.95 -0.83
C VAL A 100 4.63 4.84 -1.95
N GLU A 101 5.94 4.80 -2.19
CA GLU A 101 6.55 5.60 -3.23
C GLU A 101 6.65 4.81 -4.54
N PHE A 102 6.03 5.33 -5.59
CA PHE A 102 6.04 4.68 -6.89
C PHE A 102 7.28 5.07 -7.69
N LYS A 103 7.90 4.09 -8.34
CA LYS A 103 9.09 4.34 -9.14
C LYS A 103 9.03 3.56 -10.45
N ILE A 104 9.06 4.29 -11.57
CA ILE A 104 9.02 3.66 -12.88
C ILE A 104 10.31 2.92 -13.19
N ALA A 105 10.19 1.76 -13.82
CA ALA A 105 11.35 0.95 -14.17
C ALA A 105 12.23 1.67 -15.19
N LYS A 106 13.40 1.11 -15.46
CA LYS A 106 14.33 1.69 -16.41
C LYS A 106 14.64 0.70 -17.55
N ASP A 1 16.02 -18.79 -38.37
CA ASP A 1 15.77 -17.36 -38.29
C ASP A 1 14.75 -17.04 -37.21
N HIS A 2 15.17 -16.25 -36.22
CA HIS A 2 14.30 -15.87 -35.12
C HIS A 2 14.45 -14.39 -34.80
N PRO A 3 13.44 -13.83 -34.11
CA PRO A 3 13.43 -12.42 -33.73
C PRO A 3 14.47 -12.10 -32.65
N PHE A 4 14.43 -10.87 -32.14
CA PHE A 4 15.37 -10.44 -31.11
C PHE A 4 14.77 -9.33 -30.26
N THR A 5 14.61 -9.61 -28.97
CA THR A 5 14.04 -8.63 -28.05
C THR A 5 14.30 -9.03 -26.59
N SER A 6 14.35 -8.04 -25.71
CA SER A 6 14.58 -8.29 -24.30
C SER A 6 14.05 -7.15 -23.44
N ALA A 7 13.38 -7.50 -22.35
CA ALA A 7 12.82 -6.50 -21.45
C ALA A 7 13.01 -6.90 -19.99
N PRO A 8 14.25 -6.79 -19.50
CA PRO A 8 14.60 -7.14 -18.12
C PRO A 8 14.01 -6.16 -17.11
N THR A 9 14.19 -6.47 -15.82
CA THR A 9 13.67 -5.61 -14.77
C THR A 9 14.51 -5.76 -13.50
N PHE A 10 14.74 -4.63 -12.82
CA PHE A 10 15.52 -4.64 -11.58
C PHE A 10 15.01 -3.58 -10.62
N GLY A 11 15.50 -3.64 -9.38
CA GLY A 11 15.08 -2.67 -8.38
C GLY A 11 14.14 -3.28 -7.35
N ASP A 12 14.35 -2.96 -6.09
CA ASP A 12 13.52 -3.47 -5.01
C ASP A 12 13.95 -2.89 -3.66
N PHE A 13 13.00 -2.28 -2.97
CA PHE A 13 13.27 -1.67 -1.66
C PHE A 13 12.00 -1.59 -0.82
N GLY A 14 12.17 -1.29 0.47
CA GLY A 14 11.03 -1.19 1.35
C GLY A 14 11.43 -0.86 2.78
N SER A 15 10.71 0.07 3.40
CA SER A 15 11.00 0.47 4.76
C SER A 15 10.32 -0.46 5.77
N ASN A 16 9.16 -0.97 5.39
CA ASN A 16 8.41 -1.87 6.26
C ASN A 16 7.99 -1.17 7.56
N GLN A 17 7.29 -0.04 7.41
CA GLN A 17 6.84 0.71 8.57
C GLN A 17 5.46 1.32 8.31
N GLN A 18 4.58 0.54 7.69
CA GLN A 18 3.24 0.99 7.38
C GLN A 18 2.23 -0.16 7.51
N ALA A 19 0.97 0.19 7.72
CA ALA A 19 -0.09 -0.81 7.85
C ALA A 19 -0.35 -1.52 6.53
N MET A 20 0.14 -2.75 6.44
CA MET A 20 -0.03 -3.54 5.23
C MET A 20 -0.87 -4.79 5.51
N PRO A 21 -1.75 -5.13 4.57
CA PRO A 21 -2.63 -6.30 4.69
C PRO A 21 -1.86 -7.62 4.59
N LEU A 22 -2.59 -8.71 4.38
CA LEU A 22 -1.98 -10.03 4.25
C LEU A 22 -2.17 -10.59 2.85
N TYR A 23 -2.87 -9.84 2.01
CA TYR A 23 -3.13 -10.25 0.64
C TYR A 23 -2.51 -9.29 -0.35
N ARG A 24 -2.21 -8.08 0.12
CA ARG A 24 -1.61 -7.06 -0.74
C ARG A 24 -0.41 -6.42 -0.05
N VAL A 25 0.74 -7.08 -0.14
CA VAL A 25 1.97 -6.58 0.47
C VAL A 25 2.35 -5.21 -0.10
N GLU A 26 1.77 -4.89 -1.26
CA GLU A 26 2.06 -3.61 -1.91
C GLU A 26 0.84 -3.12 -2.69
N PRO A 27 0.83 -1.81 -3.01
CA PRO A 27 -0.27 -1.19 -3.75
C PRO A 27 -0.31 -1.64 -5.20
N VAL A 28 -1.52 -1.72 -5.76
CA VAL A 28 -1.69 -2.13 -7.14
C VAL A 28 -1.24 -1.03 -8.11
N TYR A 29 -0.43 -1.42 -9.10
CA TYR A 29 0.08 -0.48 -10.07
C TYR A 29 -0.93 -0.27 -11.20
N PRO A 30 -1.08 0.99 -11.65
CA PRO A 30 -2.01 1.35 -12.72
C PRO A 30 -1.55 0.83 -14.08
N SER A 31 -2.17 1.33 -15.14
CA SER A 31 -1.82 0.92 -16.49
C SER A 31 -1.34 2.11 -17.32
N ARG A 32 -1.84 3.29 -16.98
CA ARG A 32 -1.46 4.51 -17.69
C ARG A 32 -0.21 5.12 -17.09
N ALA A 33 -0.27 5.44 -15.80
CA ALA A 33 0.88 6.03 -15.10
C ALA A 33 2.07 5.08 -15.11
N LEU A 34 1.80 3.79 -15.18
CA LEU A 34 2.85 2.79 -15.19
C LEU A 34 3.69 2.89 -16.46
N LYS A 35 3.04 2.78 -17.61
CA LYS A 35 3.72 2.86 -18.90
C LYS A 35 4.10 4.30 -19.22
N ARG A 36 3.34 5.24 -18.66
CA ARG A 36 3.60 6.66 -18.88
C ARG A 36 5.07 7.00 -18.61
N GLY A 37 5.40 7.11 -17.33
CA GLY A 37 6.77 7.43 -16.95
C GLY A 37 6.84 8.47 -15.86
N VAL A 38 5.88 8.43 -14.93
CA VAL A 38 5.83 9.38 -13.83
C VAL A 38 6.09 8.68 -12.50
N GLU A 39 6.84 9.35 -11.62
CA GLU A 39 7.17 8.80 -10.31
C GLU A 39 6.65 9.69 -9.20
N GLY A 40 5.50 9.32 -8.64
CA GLY A 40 4.91 10.11 -7.56
C GLY A 40 4.97 9.40 -6.22
N PHE A 41 3.86 9.39 -5.51
CA PHE A 41 3.79 8.74 -4.21
C PHE A 41 2.34 8.41 -3.84
N VAL A 42 2.16 7.64 -2.77
CA VAL A 42 0.84 7.26 -2.31
C VAL A 42 0.73 7.38 -0.79
N THR A 43 -0.07 8.34 -0.34
CA THR A 43 -0.27 8.56 1.09
C THR A 43 -1.75 8.58 1.45
N LEU A 44 -2.22 7.50 2.07
CA LEU A 44 -3.62 7.39 2.47
C LEU A 44 -3.75 7.23 3.98
N SER A 45 -4.67 7.97 4.57
CA SER A 45 -4.89 7.91 6.02
C SER A 45 -6.18 7.16 6.33
N PHE A 46 -6.04 5.94 6.83
CA PHE A 46 -7.19 5.12 7.17
C PHE A 46 -7.06 4.57 8.59
N THR A 47 -8.16 4.03 9.13
CA THR A 47 -8.17 3.48 10.47
C THR A 47 -8.47 1.98 10.45
N ILE A 48 -7.69 1.21 11.19
CA ILE A 48 -7.88 -0.23 11.26
C ILE A 48 -8.70 -0.62 12.47
N ASP A 49 -9.96 -0.97 12.25
CA ASP A 49 -10.85 -1.36 13.34
C ASP A 49 -10.33 -2.60 14.04
N THR A 50 -10.60 -2.70 15.34
CA THR A 50 -10.15 -3.84 16.13
C THR A 50 -10.55 -5.15 15.48
N THR A 51 -11.60 -5.11 14.66
CA THR A 51 -12.08 -6.30 13.97
C THR A 51 -11.38 -6.49 12.64
N GLY A 52 -10.18 -5.92 12.52
CA GLY A 52 -9.42 -6.05 11.29
C GLY A 52 -10.16 -5.47 10.09
N LYS A 53 -10.74 -4.29 10.27
CA LYS A 53 -11.48 -3.63 9.20
C LYS A 53 -10.81 -2.32 8.81
N ALA A 54 -10.87 -1.99 7.52
CA ALA A 54 -10.28 -0.76 7.02
C ALA A 54 -11.34 0.21 6.53
N VAL A 55 -11.55 1.28 7.29
CA VAL A 55 -12.55 2.29 6.94
C VAL A 55 -11.96 3.69 7.00
N ASP A 56 -12.79 4.68 6.72
CA ASP A 56 -12.35 6.07 6.76
C ASP A 56 -11.24 6.32 5.75
N ILE A 57 -11.29 5.59 4.63
CA ILE A 57 -10.29 5.72 3.58
C ILE A 57 -10.21 7.16 3.07
N ASN A 58 -9.24 7.91 3.58
CA ASN A 58 -9.06 9.30 3.18
C ASN A 58 -7.61 9.56 2.79
N VAL A 59 -7.39 9.88 1.52
CA VAL A 59 -6.05 10.16 1.02
C VAL A 59 -5.65 11.59 1.31
N VAL A 60 -4.50 11.76 1.96
CA VAL A 60 -4.00 13.09 2.30
C VAL A 60 -3.24 13.71 1.13
N ASP A 61 -2.50 12.87 0.40
CA ASP A 61 -1.73 13.33 -0.75
C ASP A 61 -1.06 12.16 -1.45
N ALA A 62 -1.06 12.19 -2.78
CA ALA A 62 -0.45 11.14 -3.58
C ALA A 62 -0.20 11.60 -5.01
N ASN A 63 1.00 11.30 -5.52
CA ASN A 63 1.36 11.68 -6.87
C ASN A 63 1.24 13.20 -7.06
N PRO A 64 1.91 13.72 -8.10
CA PRO A 64 1.89 15.15 -8.42
C PRO A 64 0.53 15.62 -8.92
N LYS A 65 0.01 14.91 -9.93
CA LYS A 65 -1.29 15.26 -10.51
C LYS A 65 -2.01 14.00 -11.00
N ARG A 66 -2.87 13.45 -10.15
CA ARG A 66 -3.62 12.25 -10.51
C ARG A 66 -2.76 11.29 -11.33
N MET A 67 -2.10 10.36 -10.64
CA MET A 67 -1.25 9.39 -11.29
C MET A 67 -1.49 7.99 -10.74
N PHE A 68 -1.56 7.88 -9.41
CA PHE A 68 -1.79 6.60 -8.76
C PHE A 68 -2.72 6.76 -7.55
N GLU A 69 -3.44 7.88 -7.52
CA GLU A 69 -4.37 8.16 -6.43
C GLU A 69 -5.56 7.21 -6.48
N ARG A 70 -5.94 6.81 -7.68
CA ARG A 70 -7.07 5.90 -7.86
C ARG A 70 -6.72 4.49 -7.37
N GLU A 71 -5.66 3.92 -7.94
CA GLU A 71 -5.22 2.57 -7.57
C GLU A 71 -4.99 2.49 -6.06
N ALA A 72 -4.39 3.54 -5.50
CA ALA A 72 -4.11 3.57 -4.06
C ALA A 72 -5.40 3.58 -3.25
N MET A 73 -6.35 4.43 -3.67
CA MET A 73 -7.62 4.53 -2.97
C MET A 73 -8.40 3.21 -3.04
N GLN A 74 -8.53 2.68 -4.24
CA GLN A 74 -9.24 1.42 -4.45
C GLN A 74 -8.50 0.26 -3.79
N ALA A 75 -7.18 0.37 -3.74
CA ALA A 75 -6.36 -0.67 -3.11
C ALA A 75 -6.59 -0.75 -1.62
N LEU A 76 -6.41 0.37 -0.93
CA LEU A 76 -6.61 0.43 0.51
C LEU A 76 -7.96 -0.17 0.90
N LYS A 77 -8.94 -0.03 0.01
CA LYS A 77 -10.27 -0.57 0.26
C LYS A 77 -10.32 -2.07 0.00
N LYS A 78 -10.07 -2.46 -1.25
CA LYS A 78 -10.08 -3.87 -1.62
C LYS A 78 -9.16 -4.68 -0.72
N TRP A 79 -8.14 -4.02 -0.18
CA TRP A 79 -7.19 -4.68 0.71
C TRP A 79 -7.91 -5.42 1.83
N LYS A 80 -7.28 -6.46 2.37
CA LYS A 80 -7.86 -7.25 3.44
C LYS A 80 -6.91 -7.33 4.63
N TYR A 81 -7.38 -6.92 5.79
CA TYR A 81 -6.57 -6.95 7.01
C TYR A 81 -7.20 -7.85 8.07
N GLN A 82 -6.37 -8.61 8.76
CA GLN A 82 -6.84 -9.51 9.81
C GLN A 82 -6.56 -8.95 11.19
N PRO A 83 -7.54 -9.06 12.09
CA PRO A 83 -7.42 -8.57 13.46
C PRO A 83 -6.44 -9.38 14.29
N GLN A 84 -5.99 -10.50 13.73
CA GLN A 84 -5.05 -11.38 14.42
C GLN A 84 -3.84 -10.58 14.91
N ILE A 85 -3.62 -10.59 16.23
CA ILE A 85 -2.50 -9.88 16.83
C ILE A 85 -1.30 -10.78 16.98
N VAL A 86 -0.19 -10.40 16.37
CA VAL A 86 1.05 -11.16 16.45
C VAL A 86 2.22 -10.30 16.86
N ASP A 87 3.23 -10.92 17.48
CA ASP A 87 4.41 -10.20 17.93
C ASP A 87 5.00 -9.37 16.80
N GLY A 88 4.86 -8.05 16.89
CA GLY A 88 5.39 -7.17 15.86
C GLY A 88 4.36 -6.19 15.35
N LYS A 89 3.09 -6.58 15.43
CA LYS A 89 2.00 -5.73 14.97
C LYS A 89 0.70 -6.06 15.71
N ALA A 90 -0.15 -5.05 15.87
CA ALA A 90 -1.42 -5.23 16.56
C ALA A 90 -2.54 -4.50 15.84
N ILE A 91 -3.70 -4.42 16.48
CA ILE A 91 -4.85 -3.75 15.90
C ILE A 91 -5.25 -2.52 16.72
N GLU A 92 -6.36 -1.88 16.34
CA GLU A 92 -6.83 -0.70 17.03
C GLU A 92 -5.90 0.49 16.78
N GLN A 93 -6.06 1.13 15.62
CA GLN A 93 -5.23 2.27 15.27
C GLN A 93 -6.05 3.28 14.46
N PRO A 94 -6.69 4.22 15.16
CA PRO A 94 -7.51 5.26 14.53
C PRO A 94 -6.65 6.29 13.77
N GLY A 95 -5.34 6.16 13.89
CA GLY A 95 -4.44 7.06 13.21
C GLY A 95 -3.39 6.34 12.40
N GLN A 96 -3.84 5.49 11.48
CA GLN A 96 -2.93 4.73 10.63
C GLN A 96 -2.76 5.41 9.28
N THR A 97 -1.56 5.30 8.71
CA THR A 97 -1.27 5.90 7.42
C THR A 97 -0.24 5.07 6.64
N VAL A 98 -0.42 4.99 5.33
CA VAL A 98 0.49 4.23 4.48
C VAL A 98 1.14 5.13 3.43
N THR A 99 2.46 5.29 3.52
CA THR A 99 3.19 6.12 2.59
C THR A 99 4.17 5.29 1.76
N VAL A 100 3.91 5.20 0.46
CA VAL A 100 4.76 4.43 -0.44
C VAL A 100 4.97 5.17 -1.76
N GLU A 101 6.23 5.25 -2.19
CA GLU A 101 6.56 5.93 -3.44
C GLU A 101 6.40 4.98 -4.63
N PHE A 102 6.15 5.56 -5.80
CA PHE A 102 5.98 4.77 -7.02
C PHE A 102 7.11 5.04 -8.01
N LYS A 103 7.81 3.99 -8.40
CA LYS A 103 8.92 4.10 -9.35
C LYS A 103 8.62 3.34 -10.62
N ILE A 104 8.89 3.97 -11.76
CA ILE A 104 8.65 3.34 -13.06
C ILE A 104 9.84 2.52 -13.50
N ALA A 105 9.57 1.39 -14.14
CA ALA A 105 10.64 0.50 -14.62
C ALA A 105 11.55 1.22 -15.60
N LYS A 106 12.77 1.54 -15.16
CA LYS A 106 13.74 2.23 -15.99
C LYS A 106 13.22 3.59 -16.42
N ASP A 1 18.30 -17.33 -35.89
CA ASP A 1 18.17 -18.76 -35.60
C ASP A 1 17.47 -18.98 -34.26
N HIS A 2 16.37 -18.28 -34.05
CA HIS A 2 15.61 -18.40 -32.80
C HIS A 2 16.46 -17.97 -31.61
N PRO A 3 16.72 -16.66 -31.51
CA PRO A 3 17.52 -16.09 -30.42
C PRO A 3 16.79 -16.15 -29.08
N PHE A 4 17.45 -15.65 -28.04
CA PHE A 4 16.86 -15.64 -26.70
C PHE A 4 16.64 -14.21 -26.21
N THR A 5 15.93 -14.08 -25.09
CA THR A 5 15.65 -12.78 -24.52
C THR A 5 15.50 -12.86 -23.00
N SER A 6 15.87 -11.78 -22.31
CA SER A 6 15.78 -11.74 -20.86
C SER A 6 15.41 -10.34 -20.38
N ALA A 7 14.51 -10.26 -19.41
CA ALA A 7 14.08 -8.99 -18.86
C ALA A 7 13.62 -9.13 -17.42
N PRO A 8 14.60 -9.31 -16.51
CA PRO A 8 14.34 -9.46 -15.08
C PRO A 8 13.83 -8.17 -14.44
N THR A 9 13.61 -8.22 -13.12
CA THR A 9 13.13 -7.05 -12.40
C THR A 9 13.97 -6.79 -11.15
N PHE A 10 13.63 -5.74 -10.42
CA PHE A 10 14.36 -5.39 -9.21
C PHE A 10 13.40 -4.87 -8.13
N GLY A 11 13.78 -5.06 -6.87
CA GLY A 11 12.95 -4.62 -5.77
C GLY A 11 13.40 -5.17 -4.43
N ASP A 12 12.57 -6.00 -3.83
CA ASP A 12 12.90 -6.61 -2.54
C ASP A 12 13.53 -5.58 -1.60
N PHE A 13 13.01 -4.35 -1.64
CA PHE A 13 13.54 -3.28 -0.80
C PHE A 13 13.33 -3.60 0.68
N GLY A 14 12.08 -3.59 1.11
CA GLY A 14 11.77 -3.88 2.49
C GLY A 14 10.43 -4.57 2.66
N SER A 15 10.34 -5.47 3.63
CA SER A 15 9.11 -6.21 3.89
C SER A 15 8.18 -5.42 4.81
N ASN A 16 8.70 -5.04 5.98
CA ASN A 16 7.92 -4.28 6.95
C ASN A 16 8.12 -2.78 6.75
N GLN A 17 7.01 -2.08 6.47
CA GLN A 17 7.06 -0.64 6.27
C GLN A 17 5.93 0.06 7.00
N GLN A 18 4.73 -0.04 6.45
CA GLN A 18 3.55 0.58 7.05
C GLN A 18 2.39 -0.40 7.13
N ALA A 19 1.24 0.08 7.56
CA ALA A 19 0.05 -0.76 7.69
C ALA A 19 -0.28 -1.45 6.38
N MET A 20 0.05 -2.74 6.29
CA MET A 20 -0.21 -3.51 5.09
C MET A 20 -0.99 -4.78 5.42
N PRO A 21 -1.91 -5.17 4.52
CA PRO A 21 -2.73 -6.37 4.69
C PRO A 21 -1.92 -7.66 4.57
N LEU A 22 -2.63 -8.77 4.39
CA LEU A 22 -1.97 -10.08 4.26
C LEU A 22 -2.36 -10.76 2.97
N TYR A 23 -3.12 -10.04 2.13
CA TYR A 23 -3.57 -10.59 0.85
C TYR A 23 -3.09 -9.72 -0.30
N ARG A 24 -2.98 -8.42 -0.05
CA ARG A 24 -2.54 -7.47 -1.07
C ARG A 24 -1.44 -6.57 -0.54
N VAL A 25 -0.22 -7.07 -0.52
CA VAL A 25 0.92 -6.30 -0.03
C VAL A 25 1.22 -5.12 -0.93
N GLU A 26 1.56 -3.99 -0.32
CA GLU A 26 1.87 -2.78 -1.08
C GLU A 26 0.73 -2.42 -2.03
N PRO A 27 0.66 -1.14 -2.42
CA PRO A 27 -0.38 -0.64 -3.31
C PRO A 27 -0.23 -1.18 -4.75
N VAL A 28 -1.34 -1.57 -5.34
CA VAL A 28 -1.33 -2.10 -6.70
C VAL A 28 -0.84 -1.05 -7.69
N TYR A 29 -0.13 -1.50 -8.73
CA TYR A 29 0.40 -0.60 -9.75
C TYR A 29 -0.56 -0.49 -10.93
N PRO A 30 -0.81 0.74 -11.39
CA PRO A 30 -1.70 1.00 -12.52
C PRO A 30 -1.11 0.52 -13.85
N SER A 31 -1.73 0.93 -14.95
CA SER A 31 -1.27 0.54 -16.27
C SER A 31 -0.91 1.76 -17.10
N ARG A 32 -1.65 2.84 -16.91
CA ARG A 32 -1.40 4.08 -17.64
C ARG A 32 -0.25 4.86 -17.03
N ALA A 33 -0.34 5.11 -15.72
CA ALA A 33 0.71 5.84 -15.01
C ALA A 33 2.08 5.20 -15.24
N LEU A 34 2.13 3.88 -15.10
CA LEU A 34 3.38 3.14 -15.29
C LEU A 34 4.01 3.48 -16.63
N LYS A 35 3.18 3.67 -17.65
CA LYS A 35 3.66 4.00 -18.98
C LYS A 35 4.06 5.47 -19.07
N ARG A 36 3.46 6.30 -18.22
CA ARG A 36 3.76 7.73 -18.20
C ARG A 36 5.27 7.96 -18.09
N GLY A 37 5.83 7.63 -16.92
CA GLY A 37 7.25 7.81 -16.71
C GLY A 37 7.54 8.68 -15.49
N VAL A 38 6.54 8.88 -14.66
CA VAL A 38 6.69 9.69 -13.46
C VAL A 38 6.68 8.82 -12.21
N GLU A 39 7.43 9.24 -11.19
CA GLU A 39 7.50 8.50 -9.93
C GLU A 39 6.98 9.34 -8.77
N GLY A 40 5.66 9.35 -8.59
CA GLY A 40 5.07 10.13 -7.52
C GLY A 40 5.07 9.39 -6.20
N PHE A 41 3.92 9.36 -5.54
CA PHE A 41 3.79 8.67 -4.26
C PHE A 41 2.32 8.45 -3.90
N VAL A 42 2.08 7.65 -2.87
CA VAL A 42 0.73 7.35 -2.44
C VAL A 42 0.60 7.45 -0.91
N THR A 43 -0.13 8.46 -0.46
CA THR A 43 -0.33 8.67 0.98
C THR A 43 -1.81 8.66 1.34
N LEU A 44 -2.25 7.59 1.97
CA LEU A 44 -3.65 7.46 2.38
C LEU A 44 -3.77 7.26 3.88
N SER A 45 -4.68 7.99 4.51
CA SER A 45 -4.89 7.89 5.95
C SER A 45 -6.20 7.16 6.25
N PHE A 46 -6.08 6.01 6.92
CA PHE A 46 -7.25 5.22 7.27
C PHE A 46 -7.14 4.68 8.70
N THR A 47 -8.26 4.23 9.25
CA THR A 47 -8.28 3.71 10.60
C THR A 47 -8.56 2.21 10.61
N ILE A 48 -7.66 1.44 11.21
CA ILE A 48 -7.82 -0.01 11.28
C ILE A 48 -8.64 -0.42 12.50
N ASP A 49 -9.91 -0.75 12.26
CA ASP A 49 -10.79 -1.16 13.34
C ASP A 49 -10.24 -2.37 14.08
N THR A 50 -10.51 -2.43 15.37
CA THR A 50 -10.03 -3.54 16.19
C THR A 50 -10.41 -4.88 15.59
N THR A 51 -11.47 -4.88 14.77
CA THR A 51 -11.94 -6.10 14.12
C THR A 51 -11.23 -6.32 12.79
N GLY A 52 -10.05 -5.73 12.65
CA GLY A 52 -9.28 -5.87 11.41
C GLY A 52 -10.03 -5.33 10.21
N LYS A 53 -10.64 -4.16 10.37
CA LYS A 53 -11.39 -3.53 9.28
C LYS A 53 -10.74 -2.22 8.87
N ALA A 54 -10.87 -1.89 7.58
CA ALA A 54 -10.29 -0.65 7.06
C ALA A 54 -11.39 0.33 6.66
N VAL A 55 -11.55 1.39 7.46
CA VAL A 55 -12.57 2.39 7.19
C VAL A 55 -11.99 3.80 7.32
N ASP A 56 -12.85 4.80 7.19
CA ASP A 56 -12.43 6.19 7.31
C ASP A 56 -11.31 6.50 6.33
N ILE A 57 -11.39 5.90 5.14
CA ILE A 57 -10.38 6.11 4.11
C ILE A 57 -10.31 7.58 3.69
N ASN A 58 -9.23 8.25 4.05
CA ASN A 58 -9.04 9.65 3.72
C ASN A 58 -7.65 9.90 3.14
N VAL A 59 -7.60 10.28 1.87
CA VAL A 59 -6.33 10.54 1.20
C VAL A 59 -5.80 11.92 1.57
N VAL A 60 -4.50 11.99 1.82
CA VAL A 60 -3.85 13.25 2.19
C VAL A 60 -3.02 13.80 1.03
N ASP A 61 -2.46 12.90 0.23
CA ASP A 61 -1.64 13.29 -0.91
C ASP A 61 -1.12 12.05 -1.64
N ALA A 62 -1.11 12.13 -2.97
CA ALA A 62 -0.63 11.03 -3.79
C ALA A 62 -0.29 11.51 -5.21
N ASN A 63 0.97 11.35 -5.59
CA ASN A 63 1.43 11.76 -6.91
C ASN A 63 1.06 13.22 -7.19
N PRO A 64 1.64 13.79 -8.24
CA PRO A 64 1.40 15.19 -8.63
C PRO A 64 0.00 15.39 -9.18
N LYS A 65 -0.67 14.29 -9.54
CA LYS A 65 -2.02 14.34 -10.08
C LYS A 65 -2.57 12.94 -10.31
N ARG A 66 -3.74 12.87 -10.94
CA ARG A 66 -4.37 11.59 -11.22
C ARG A 66 -3.39 10.62 -11.89
N MET A 67 -2.82 9.73 -11.11
CA MET A 67 -1.86 8.76 -11.62
C MET A 67 -2.01 7.41 -10.90
N PHE A 68 -1.51 7.35 -9.67
CA PHE A 68 -1.59 6.12 -8.88
C PHE A 68 -2.56 6.29 -7.72
N GLU A 69 -3.32 7.38 -7.73
CA GLU A 69 -4.28 7.66 -6.67
C GLU A 69 -5.42 6.65 -6.71
N ARG A 70 -5.92 6.36 -7.91
CA ARG A 70 -7.01 5.42 -8.08
C ARG A 70 -6.62 4.03 -7.59
N GLU A 71 -5.42 3.60 -7.98
CA GLU A 71 -4.92 2.29 -7.57
C GLU A 71 -4.75 2.21 -6.06
N ALA A 72 -4.06 3.20 -5.50
CA ALA A 72 -3.83 3.26 -4.06
C ALA A 72 -5.14 3.34 -3.29
N MET A 73 -6.08 4.11 -3.83
CA MET A 73 -7.38 4.28 -3.19
C MET A 73 -8.19 3.00 -3.26
N GLN A 74 -8.39 2.48 -4.46
CA GLN A 74 -9.15 1.25 -4.66
C GLN A 74 -8.50 0.09 -3.91
N ALA A 75 -7.18 0.12 -3.82
CA ALA A 75 -6.43 -0.93 -3.13
C ALA A 75 -6.84 -1.02 -1.65
N LEU A 76 -6.78 0.10 -0.96
CA LEU A 76 -7.14 0.15 0.45
C LEU A 76 -8.52 -0.46 0.68
N LYS A 77 -9.42 -0.24 -0.27
CA LYS A 77 -10.77 -0.77 -0.17
C LYS A 77 -10.80 -2.25 -0.54
N LYS A 78 -9.96 -2.64 -1.50
CA LYS A 78 -9.88 -4.02 -1.94
C LYS A 78 -8.89 -4.82 -1.09
N TRP A 79 -8.42 -4.20 -0.01
CA TRP A 79 -7.46 -4.84 0.88
C TRP A 79 -8.18 -5.56 2.02
N LYS A 80 -7.47 -6.47 2.68
CA LYS A 80 -8.04 -7.24 3.79
C LYS A 80 -7.05 -7.33 4.94
N TYR A 81 -7.49 -6.95 6.13
CA TYR A 81 -6.64 -6.99 7.32
C TYR A 81 -7.23 -7.92 8.37
N GLN A 82 -6.37 -8.75 8.96
CA GLN A 82 -6.81 -9.69 9.99
C GLN A 82 -6.58 -9.11 11.38
N PRO A 83 -7.59 -9.27 12.25
CA PRO A 83 -7.53 -8.77 13.63
C PRO A 83 -6.55 -9.56 14.50
N GLN A 84 -6.04 -10.65 13.94
CA GLN A 84 -5.09 -11.49 14.67
C GLN A 84 -3.86 -10.69 15.07
N ILE A 85 -3.70 -10.48 16.38
CA ILE A 85 -2.57 -9.73 16.90
C ILE A 85 -1.32 -10.62 17.01
N VAL A 86 -0.31 -10.30 16.20
CA VAL A 86 0.93 -11.07 16.21
C VAL A 86 2.13 -10.15 16.40
N ASP A 87 3.21 -10.70 16.94
CA ASP A 87 4.43 -9.94 17.17
C ASP A 87 4.87 -9.21 15.91
N GLY A 88 4.71 -7.90 15.90
CA GLY A 88 5.08 -7.11 14.74
C GLY A 88 3.98 -6.16 14.30
N LYS A 89 2.77 -6.70 14.13
CA LYS A 89 1.64 -5.89 13.70
C LYS A 89 0.41 -6.20 14.55
N ALA A 90 -0.20 -5.15 15.10
CA ALA A 90 -1.39 -5.32 15.94
C ALA A 90 -2.59 -4.59 15.33
N ILE A 91 -3.67 -4.50 16.08
CA ILE A 91 -4.88 -3.83 15.62
C ILE A 91 -5.20 -2.61 16.49
N GLU A 92 -6.35 -2.00 16.21
CA GLU A 92 -6.78 -0.82 16.96
C GLU A 92 -5.85 0.35 16.72
N GLN A 93 -5.68 0.71 15.44
CA GLN A 93 -4.82 1.83 15.07
C GLN A 93 -5.58 2.84 14.21
N PRO A 94 -6.18 3.84 14.88
CA PRO A 94 -6.94 4.89 14.19
C PRO A 94 -6.05 5.83 13.39
N GLY A 95 -4.97 6.30 14.01
CA GLY A 95 -4.06 7.20 13.34
C GLY A 95 -3.05 6.47 12.48
N GLN A 96 -3.54 5.61 11.59
CA GLN A 96 -2.68 4.84 10.71
C GLN A 96 -2.51 5.54 9.36
N THR A 97 -1.26 5.62 8.90
CA THR A 97 -0.96 6.25 7.63
C THR A 97 0.05 5.44 6.82
N VAL A 98 -0.22 5.30 5.52
CA VAL A 98 0.66 4.54 4.65
C VAL A 98 1.19 5.41 3.52
N THR A 99 2.51 5.58 3.48
CA THR A 99 3.14 6.39 2.45
C THR A 99 4.27 5.63 1.76
N VAL A 100 4.09 5.37 0.47
CA VAL A 100 5.10 4.65 -0.31
C VAL A 100 5.26 5.25 -1.70
N GLU A 101 6.50 5.53 -2.07
CA GLU A 101 6.79 6.12 -3.38
C GLU A 101 6.62 5.09 -4.49
N PHE A 102 6.29 5.55 -5.69
CA PHE A 102 6.09 4.67 -6.82
C PHE A 102 7.27 4.77 -7.79
N LYS A 103 7.78 3.61 -8.20
CA LYS A 103 8.91 3.55 -9.13
C LYS A 103 8.50 2.90 -10.44
N ILE A 104 8.75 3.59 -11.55
CA ILE A 104 8.41 3.08 -12.86
C ILE A 104 9.39 2.00 -13.30
N ALA A 105 8.87 0.98 -13.97
CA ALA A 105 9.71 -0.13 -14.44
C ALA A 105 10.77 0.37 -15.41
N LYS A 106 11.84 -0.41 -15.57
CA LYS A 106 12.93 -0.04 -16.46
C LYS A 106 13.12 -1.10 -17.55
#